data_5K0T
#
_entry.id   5K0T
#
_cell.length_a   45.160
_cell.length_b   99.650
_cell.length_c   104.300
_cell.angle_alpha   110.460
_cell.angle_beta   88.090
_cell.angle_gamma   99.720
#
_symmetry.space_group_name_H-M   'P 1'
#
loop_
_entity.id
_entity.type
_entity.pdbx_description
1 polymer 'Methionine--tRNA ligase'
2 non-polymer 1-{3-[(3-chloro-5-methoxybenzyl)amino]propyl}-3-phenylurea
3 non-polymer 1,2-ETHANEDIOL
4 water water
#
_entity_poly.entity_id   1
_entity_poly.type   'polypeptide(L)'
_entity_poly.pdbx_seq_one_letter_code
;MAHHHHHHMGTLEAQTQGPGSMSREKYYITTAIAYPNGKPHIGHAYELIATDAMARFQRLNGMDVYFLTGTDEHGIKMLQ
SARKEGITPRDLADRNTSAFRRMAEVLNSSNDDYIRTSEERHYKASQAIWQAMVANGDIYKGGYAGWYSVRDEAYYGEEE
TEVRADGVRYGPQGTPVEWVEEESYFFRLSAYQDKLLDLYENNPGFIMPAERRNEIVSFVKSGLKDLSISRTTFDWGIPV
PGDEKHVMYVWVDALTNYITALGYPDTTDERWAYWPANAHIIGKDISRFHAVYWPAFLMSAQLPLPKRVFAHGFLFNRGE
KMSKSVGNVIDPFELVERYGLDQLRYFLMREVPFGQDGSYSHEAIVNRTNADLANDLGNLAQRSLSMIAKNCEGKVPQPG
AFSEADKAILDQADAALETARKAMDDQALHLALGAIFAVVAEANRYFAGQEPWALRKTDPARMGTVLYVTAEVLRRVGIM
VQPFIPQSAEKLLDILAVPADKRQFADVLASPLAGGTDLPAPQPVFPRYVEADEQN
;
_entity_poly.pdbx_strand_id   A,B,C
#
loop_
_chem_comp.id
_chem_comp.type
_chem_comp.name
_chem_comp.formula
415 non-polymer 1-{3-[(3-chloro-5-methoxybenzyl)amino]propyl}-3-phenylurea 'C18 H22 Cl N3 O2'
EDO non-polymer 1,2-ETHANEDIOL 'C2 H6 O2'
#
# COMPACT_ATOMS: atom_id res chain seq x y z
N SER A 23 29.15 21.36 16.05
CA SER A 23 29.34 20.13 15.22
C SER A 23 29.35 18.86 16.08
N ARG A 24 28.33 18.01 15.93
CA ARG A 24 28.23 16.75 16.68
C ARG A 24 29.22 15.72 16.11
N GLU A 25 29.82 14.92 17.00
CA GLU A 25 30.82 13.92 16.64
C GLU A 25 30.16 12.70 15.96
N LYS A 26 30.84 12.16 14.94
CA LYS A 26 30.26 11.12 14.08
C LYS A 26 30.43 9.70 14.64
N TYR A 27 29.43 8.86 14.39
CA TYR A 27 29.39 7.48 14.89
C TYR A 27 28.76 6.56 13.84
N TYR A 28 29.56 5.71 13.21
CA TYR A 28 29.09 4.76 12.20
C TYR A 28 29.08 3.34 12.80
N ILE A 29 27.92 2.69 12.73
CA ILE A 29 27.72 1.34 13.27
C ILE A 29 26.93 0.50 12.27
N THR A 30 27.27 -0.79 12.17
CA THR A 30 26.69 -1.69 11.17
C THR A 30 26.27 -3.01 11.80
N THR A 31 25.35 -3.71 11.13
CA THR A 31 25.13 -5.15 11.34
C THR A 31 25.80 -5.89 10.21
N ALA A 32 26.08 -7.17 10.42
CA ALA A 32 26.42 -8.06 9.31
C ALA A 32 25.19 -8.22 8.42
N ILE A 33 25.42 -8.34 7.12
CA ILE A 33 24.32 -8.43 6.15
C ILE A 33 23.80 -9.88 6.06
N ALA A 34 22.49 -10.02 6.04
CA ALA A 34 21.83 -11.32 6.12
C ALA A 34 21.82 -12.01 4.77
N TYR A 35 21.85 -13.35 4.77
CA TYR A 35 21.69 -14.14 3.56
C TYR A 35 20.20 -14.47 3.40
N PRO A 36 19.50 -13.87 2.40
CA PRO A 36 18.06 -14.07 2.26
C PRO A 36 17.71 -15.31 1.42
N ASN A 37 18.32 -16.44 1.77
CA ASN A 37 18.07 -17.72 1.09
C ASN A 37 16.82 -18.39 1.63
N GLY A 38 16.62 -18.28 2.95
CA GLY A 38 15.35 -18.63 3.60
C GLY A 38 14.63 -17.38 4.09
N LYS A 39 13.74 -17.58 5.06
CA LYS A 39 13.06 -16.47 5.73
C LYS A 39 13.95 -15.86 6.84
N PRO A 40 13.46 -14.78 7.51
CA PRO A 40 14.17 -14.29 8.69
C PRO A 40 14.04 -15.20 9.91
N HIS A 41 15.19 -15.66 10.39
CA HIS A 41 15.35 -16.36 11.66
C HIS A 41 15.63 -15.39 12.81
N ILE A 42 15.54 -15.89 14.04
CA ILE A 42 15.75 -15.06 15.24
C ILE A 42 17.16 -14.49 15.40
N GLY A 43 18.16 -15.21 14.88
CA GLY A 43 19.56 -14.74 14.89
C GLY A 43 19.76 -13.38 14.21
N HIS A 44 19.04 -13.18 13.10
CA HIS A 44 19.06 -11.89 12.40
C HIS A 44 18.36 -10.79 13.20
N ALA A 45 17.25 -11.14 13.83
CA ALA A 45 16.48 -10.20 14.68
C ALA A 45 17.30 -9.74 15.89
N TYR A 46 17.95 -10.69 16.55
CA TYR A 46 18.82 -10.42 17.71
C TYR A 46 19.92 -9.42 17.37
N GLU A 47 20.61 -9.66 16.26
CA GLU A 47 21.68 -8.78 15.80
C GLU A 47 21.17 -7.37 15.52
N LEU A 48 20.03 -7.28 14.83
CA LEU A 48 19.46 -5.99 14.46
C LEU A 48 19.00 -5.19 15.70
N ILE A 49 18.33 -5.87 16.63
CA ILE A 49 17.85 -5.25 17.87
C ILE A 49 19.01 -4.67 18.69
N ALA A 50 20.05 -5.49 18.89
CA ALA A 50 21.23 -5.07 19.64
C ALA A 50 21.90 -3.86 19.02
N THR A 51 22.11 -3.92 17.71
CA THR A 51 22.78 -2.85 16.97
C THR A 51 21.91 -1.59 16.88
N ASP A 52 20.60 -1.77 16.74
CA ASP A 52 19.64 -0.65 16.79
C ASP A 52 19.69 0.10 18.12
N ALA A 53 19.71 -0.66 19.22
CA ALA A 53 19.79 -0.08 20.57
C ALA A 53 21.06 0.71 20.78
N MET A 54 22.18 0.16 20.31
CA MET A 54 23.48 0.87 20.37
C MET A 54 23.47 2.17 19.56
N ALA A 55 22.92 2.11 18.35
CA ALA A 55 22.81 3.28 17.48
C ALA A 55 21.89 4.36 18.06
N ARG A 56 20.75 3.95 18.61
CA ARG A 56 19.84 4.86 19.31
C ARG A 56 20.51 5.49 20.53
N PHE A 57 21.24 4.68 21.28
CA PHE A 57 21.96 5.15 22.48
C PHE A 57 22.91 6.29 22.13
N GLN A 58 23.69 6.12 21.07
CA GLN A 58 24.63 7.16 20.62
C GLN A 58 23.94 8.43 20.10
N ARG A 59 22.78 8.30 19.44
CA ARG A 59 21.99 9.47 19.04
C ARG A 59 21.57 10.31 20.25
N LEU A 60 21.08 9.63 21.28
CA LEU A 60 20.64 10.27 22.53
C LEU A 60 21.80 10.80 23.35
N ASN A 61 22.97 10.19 23.19
CA ASN A 61 24.21 10.65 23.82
C ASN A 61 24.88 11.83 23.06
N GLY A 62 24.25 12.33 22.00
CA GLY A 62 24.69 13.55 21.31
C GLY A 62 25.43 13.35 19.98
N MET A 63 25.56 12.11 19.51
CA MET A 63 26.38 11.81 18.33
C MET A 63 25.62 11.97 17.01
N ASP A 64 26.36 12.26 15.95
CA ASP A 64 25.87 12.21 14.57
C ASP A 64 25.98 10.76 14.12
N VAL A 65 24.88 10.01 14.23
CA VAL A 65 24.91 8.56 14.03
C VAL A 65 24.53 8.18 12.59
N TYR A 66 25.21 7.16 12.06
CA TYR A 66 24.80 6.47 10.85
C TYR A 66 24.77 4.98 11.17
N PHE A 67 23.64 4.33 10.86
CA PHE A 67 23.40 2.94 11.25
C PHE A 67 22.94 2.18 10.01
N LEU A 68 23.68 1.11 9.68
CA LEU A 68 23.45 0.32 8.45
C LEU A 68 23.09 -1.14 8.74
N THR A 69 22.21 -1.69 7.91
CA THR A 69 21.95 -3.12 7.85
C THR A 69 21.66 -3.48 6.40
N GLY A 70 21.58 -4.78 6.08
CA GLY A 70 21.21 -5.18 4.74
C GLY A 70 21.26 -6.66 4.39
N THR A 71 21.41 -6.94 3.09
CA THR A 71 21.37 -8.31 2.57
C THR A 71 22.49 -8.67 1.59
N ASP A 72 23.00 -9.90 1.72
CA ASP A 72 24.03 -10.49 0.86
C ASP A 72 23.29 -11.40 -0.12
N GLU A 73 23.15 -10.98 -1.37
CA GLU A 73 22.21 -11.61 -2.32
C GLU A 73 22.81 -12.47 -3.43
N HIS A 74 24.14 -12.45 -3.61
CA HIS A 74 24.80 -13.23 -4.66
C HIS A 74 25.13 -14.65 -4.20
N GLY A 75 25.65 -15.48 -5.11
CA GLY A 75 26.19 -16.81 -4.79
C GLY A 75 25.49 -17.98 -5.48
N ILE A 76 26.14 -19.15 -5.43
CA ILE A 76 25.62 -20.36 -6.08
C ILE A 76 24.31 -20.89 -5.47
N LYS A 77 24.20 -20.81 -4.15
CA LYS A 77 23.01 -21.31 -3.42
C LYS A 77 21.76 -20.52 -3.79
N MET A 78 21.95 -19.24 -4.09
CA MET A 78 20.87 -18.33 -4.42
C MET A 78 20.41 -18.52 -5.89
N LEU A 79 21.37 -18.73 -6.80
CA LEU A 79 21.11 -19.14 -8.19
C LEU A 79 20.30 -20.44 -8.27
N GLN A 80 20.67 -21.42 -7.44
CA GLN A 80 20.02 -22.73 -7.42
C GLN A 80 18.59 -22.69 -6.87
N SER A 81 18.40 -21.92 -5.80
CA SER A 81 17.05 -21.61 -5.27
C SER A 81 16.16 -20.95 -6.32
N ALA A 82 16.73 -20.00 -7.07
CA ALA A 82 16.01 -19.30 -8.14
C ALA A 82 15.64 -20.21 -9.30
N ARG A 83 16.57 -21.09 -9.70
CA ARG A 83 16.30 -22.12 -10.70
C ARG A 83 15.16 -23.06 -10.28
N LYS A 84 15.13 -23.46 -9.01
CA LYS A 84 14.08 -24.32 -8.46
C LYS A 84 12.67 -23.71 -8.54
N GLU A 85 12.55 -22.40 -8.32
CA GLU A 85 11.26 -21.69 -8.38
C GLU A 85 10.91 -21.11 -9.76
N GLY A 86 11.86 -21.14 -10.69
CA GLY A 86 11.60 -20.75 -12.08
C GLY A 86 11.54 -19.24 -12.32
N ILE A 87 12.39 -18.50 -11.60
CA ILE A 87 12.52 -17.05 -11.75
C ILE A 87 13.99 -16.67 -11.75
N THR A 88 14.31 -15.44 -12.13
CA THR A 88 15.70 -14.99 -12.15
C THR A 88 16.22 -14.81 -10.71
N PRO A 89 17.55 -14.98 -10.49
CA PRO A 89 18.15 -14.71 -9.17
C PRO A 89 17.82 -13.34 -8.59
N ARG A 90 17.80 -12.31 -9.42
CA ARG A 90 17.44 -10.94 -9.02
C ARG A 90 16.00 -10.84 -8.53
N ASP A 91 15.09 -11.41 -9.31
CA ASP A 91 13.69 -11.52 -8.90
C ASP A 91 13.53 -12.22 -7.55
N LEU A 92 14.23 -13.34 -7.37
CA LEU A 92 14.22 -14.08 -6.10
C LEU A 92 14.77 -13.22 -4.97
N ALA A 93 15.91 -12.58 -5.24
CA ALA A 93 16.54 -11.68 -4.28
C ALA A 93 15.59 -10.57 -3.83
N ASP A 94 14.86 -9.98 -4.77
CA ASP A 94 13.82 -8.98 -4.47
C ASP A 94 12.74 -9.53 -3.53
N ARG A 95 12.23 -10.72 -3.86
CA ARG A 95 11.12 -11.34 -3.11
C ARG A 95 11.50 -11.71 -1.67
N ASN A 96 12.67 -12.33 -1.49
CA ASN A 96 13.12 -12.77 -0.16
C ASN A 96 13.64 -11.62 0.71
N THR A 97 14.32 -10.64 0.11
CA THR A 97 14.82 -9.48 0.85
C THR A 97 13.67 -8.59 1.40
N SER A 98 12.50 -8.57 0.74
CA SER A 98 11.32 -7.84 1.27
C SER A 98 10.91 -8.28 2.68
N ALA A 99 11.05 -9.57 2.96
CA ALA A 99 10.79 -10.12 4.29
C ALA A 99 11.77 -9.60 5.34
N PHE A 100 13.03 -9.45 4.96
CA PHE A 100 14.05 -8.85 5.84
C PHE A 100 13.88 -7.35 6.04
N ARG A 101 13.42 -6.64 5.00
CA ARG A 101 13.00 -5.24 5.14
C ARG A 101 11.81 -5.08 6.09
N ARG A 102 10.86 -6.00 5.97
CA ARG A 102 9.67 -6.01 6.82
C ARG A 102 9.99 -6.35 8.28
N MET A 103 11.01 -7.19 8.48
CA MET A 103 11.51 -7.53 9.81
C MET A 103 12.12 -6.29 10.50
N ALA A 104 12.94 -5.55 9.77
CA ALA A 104 13.51 -4.28 10.26
C ALA A 104 12.43 -3.28 10.72
N GLU A 105 11.34 -3.21 9.95
CA GLU A 105 10.19 -2.35 10.28
C GLU A 105 9.47 -2.80 11.54
N VAL A 106 9.19 -4.10 11.63
CA VAL A 106 8.49 -4.69 12.78
C VAL A 106 9.35 -4.69 14.05
N LEU A 107 10.68 -4.74 13.89
CA LEU A 107 11.60 -4.63 15.02
C LEU A 107 11.95 -3.19 15.42
N ASN A 108 11.36 -2.21 14.75
CA ASN A 108 11.57 -0.78 15.02
C ASN A 108 13.04 -0.38 14.85
N SER A 109 13.61 -0.80 13.73
CA SER A 109 15.00 -0.49 13.38
C SER A 109 15.11 0.97 12.93
N SER A 110 16.14 1.66 13.42
CA SER A 110 16.39 3.07 13.09
C SER A 110 17.51 3.22 12.05
N ASN A 111 17.74 2.18 11.25
CA ASN A 111 18.77 2.21 10.20
C ASN A 111 18.52 3.35 9.22
N ASP A 112 19.60 4.06 8.87
CA ASP A 112 19.52 5.22 7.99
C ASP A 112 19.59 4.80 6.52
N ASP A 113 19.99 3.57 6.26
CA ASP A 113 20.06 3.02 4.91
C ASP A 113 19.91 1.51 4.97
N TYR A 114 19.49 0.92 3.85
CA TYR A 114 19.41 -0.52 3.68
C TYR A 114 20.21 -0.89 2.44
N ILE A 115 21.28 -1.67 2.64
CA ILE A 115 22.19 -2.04 1.57
C ILE A 115 21.84 -3.42 1.02
N ARG A 116 21.77 -3.54 -0.30
CA ARG A 116 21.56 -4.81 -0.97
C ARG A 116 22.72 -4.99 -1.95
N THR A 117 23.33 -6.17 -1.95
CA THR A 117 24.52 -6.41 -2.79
C THR A 117 24.22 -6.45 -4.29
N SER A 118 22.95 -6.66 -4.65
CA SER A 118 22.52 -6.63 -6.07
C SER A 118 22.47 -5.22 -6.69
N GLU A 119 22.49 -4.17 -5.87
CA GLU A 119 22.36 -2.79 -6.36
C GLU A 119 23.60 -2.31 -7.13
N GLU A 120 23.37 -1.40 -8.10
CA GLU A 120 24.45 -0.86 -8.95
C GLU A 120 25.56 -0.21 -8.14
N ARG A 121 25.20 0.61 -7.15
CA ARG A 121 26.18 1.27 -6.27
C ARG A 121 27.17 0.30 -5.59
N HIS A 122 26.70 -0.91 -5.26
CA HIS A 122 27.56 -1.95 -4.70
C HIS A 122 28.48 -2.63 -5.72
N TYR A 123 27.98 -2.76 -6.95
CA TYR A 123 28.74 -3.30 -8.08
C TYR A 123 29.94 -2.36 -8.38
N LYS A 124 29.69 -1.05 -8.42
CA LYS A 124 30.75 -0.04 -8.64
C LYS A 124 31.77 0.03 -7.50
N ALA A 125 31.28 -0.05 -6.25
CA ALA A 125 32.12 0.04 -5.05
C ALA A 125 33.02 -1.18 -4.87
N SER A 126 32.45 -2.36 -5.08
CA SER A 126 33.21 -3.62 -5.04
C SER A 126 34.26 -3.69 -6.16
N GLN A 127 33.89 -3.23 -7.35
CA GLN A 127 34.84 -3.16 -8.47
C GLN A 127 35.94 -2.12 -8.22
N ALA A 128 35.59 -0.99 -7.60
CA ALA A 128 36.57 0.03 -7.21
C ALA A 128 37.60 -0.48 -6.20
N ILE A 129 37.15 -1.07 -5.10
CA ILE A 129 38.08 -1.60 -4.07
C ILE A 129 38.94 -2.73 -4.63
N TRP A 130 38.38 -3.54 -5.52
CA TRP A 130 39.15 -4.57 -6.24
C TRP A 130 40.31 -3.95 -7.05
N GLN A 131 40.05 -2.84 -7.75
CA GLN A 131 41.07 -2.15 -8.55
C GLN A 131 42.15 -1.54 -7.65
N ALA A 132 41.74 -0.98 -6.52
CA ALA A 132 42.66 -0.41 -5.53
C ALA A 132 43.63 -1.48 -5.00
N MET A 133 43.11 -2.68 -4.75
CA MET A 133 43.93 -3.80 -4.30
C MET A 133 44.85 -4.33 -5.42
N VAL A 134 44.38 -4.28 -6.68
CA VAL A 134 45.21 -4.58 -7.84
C VAL A 134 46.32 -3.55 -7.98
N ALA A 135 45.99 -2.27 -7.76
CA ALA A 135 46.97 -1.19 -7.81
C ALA A 135 48.06 -1.29 -6.72
N ASN A 136 47.72 -1.86 -5.58
CA ASN A 136 48.69 -2.08 -4.49
C ASN A 136 49.52 -3.36 -4.65
N GLY A 137 49.25 -4.15 -5.69
CA GLY A 137 50.01 -5.36 -6.00
C GLY A 137 49.58 -6.60 -5.23
N ASP A 138 48.34 -6.61 -4.73
CA ASP A 138 47.85 -7.66 -3.84
C ASP A 138 46.87 -8.67 -4.46
N ILE A 139 46.64 -8.60 -5.78
CA ILE A 139 45.73 -9.53 -6.46
C ILE A 139 46.40 -10.14 -7.69
N TYR A 140 46.38 -11.47 -7.78
CA TYR A 140 46.93 -12.21 -8.93
C TYR A 140 46.02 -13.35 -9.36
N LYS A 141 46.16 -13.77 -10.61
CA LYS A 141 45.40 -14.90 -11.16
C LYS A 141 46.20 -16.19 -10.98
N GLY A 142 45.53 -17.24 -10.50
CA GLY A 142 46.16 -18.54 -10.28
C GLY A 142 45.13 -19.65 -10.17
N GLY A 143 45.32 -20.55 -9.20
CA GLY A 143 44.37 -21.64 -8.95
C GLY A 143 44.53 -22.26 -7.58
N TYR A 144 43.47 -22.92 -7.09
CA TYR A 144 43.46 -23.59 -5.77
C TYR A 144 43.56 -25.11 -5.89
N ALA A 145 44.78 -25.56 -6.21
CA ALA A 145 45.05 -26.97 -6.53
C ALA A 145 45.45 -27.79 -5.29
N GLY A 146 44.58 -28.71 -4.88
CA GLY A 146 44.86 -29.63 -3.77
C GLY A 146 43.87 -30.78 -3.67
N TRP A 147 43.94 -31.52 -2.57
CA TRP A 147 43.01 -32.64 -2.32
C TRP A 147 41.77 -32.13 -1.62
N TYR A 148 40.60 -32.55 -2.11
CA TYR A 148 39.31 -32.24 -1.50
C TYR A 148 38.55 -33.53 -1.22
N SER A 149 38.07 -33.70 0.03
CA SER A 149 37.08 -34.73 0.37
C SER A 149 35.66 -34.22 0.09
N VAL A 150 34.98 -34.85 -0.85
CA VAL A 150 33.55 -34.53 -1.11
C VAL A 150 32.65 -34.96 0.07
N ARG A 151 33.03 -36.03 0.77
CA ARG A 151 32.28 -36.53 1.93
C ARG A 151 32.44 -35.64 3.16
N ASP A 152 33.66 -35.18 3.44
CA ASP A 152 33.88 -34.26 4.55
C ASP A 152 33.62 -32.80 4.15
N GLU A 153 33.61 -32.53 2.84
CA GLU A 153 33.46 -31.16 2.30
C GLU A 153 34.53 -30.23 2.86
N ALA A 154 35.78 -30.66 2.72
CA ALA A 154 36.95 -29.93 3.22
C ALA A 154 38.21 -30.27 2.43
N TYR A 155 39.18 -29.35 2.47
CA TYR A 155 40.46 -29.49 1.76
C TYR A 155 41.55 -30.01 2.69
N TYR A 156 42.54 -30.70 2.10
CA TYR A 156 43.68 -31.23 2.84
C TYR A 156 44.96 -31.09 2.02
N GLY A 157 46.10 -30.92 2.72
CA GLY A 157 47.42 -31.06 2.12
C GLY A 157 47.75 -32.53 1.92
N GLU A 158 48.77 -32.80 1.10
CA GLU A 158 49.13 -34.18 0.76
C GLU A 158 49.53 -35.03 1.97
N GLU A 159 50.18 -34.42 2.96
CA GLU A 159 50.69 -35.17 4.14
C GLU A 159 49.60 -35.72 5.06
N GLU A 160 48.45 -35.05 5.12
CA GLU A 160 47.27 -35.56 5.85
C GLU A 160 46.59 -36.77 5.17
N THR A 161 46.94 -37.06 3.91
CA THR A 161 46.36 -38.16 3.14
C THR A 161 47.19 -39.45 3.25
N GLU A 162 46.66 -40.52 2.67
CA GLU A 162 47.36 -41.81 2.53
C GLU A 162 46.70 -42.72 1.50
N VAL A 163 47.45 -43.19 0.50
CA VAL A 163 46.94 -44.15 -0.48
C VAL A 163 46.83 -45.52 0.20
N ARG A 164 45.66 -46.15 0.09
CA ARG A 164 45.35 -47.43 0.75
C ARG A 164 45.30 -48.58 -0.29
N ALA A 165 44.99 -49.79 0.18
CA ALA A 165 44.98 -51.02 -0.66
C ALA A 165 44.05 -50.94 -1.89
N ASP A 166 42.92 -50.24 -1.74
CA ASP A 166 42.05 -49.83 -2.85
C ASP A 166 42.77 -49.30 -4.11
N GLY A 167 43.87 -48.59 -3.91
CA GLY A 167 44.47 -47.74 -4.94
C GLY A 167 43.88 -46.34 -4.89
N VAL A 168 43.12 -46.06 -3.82
CA VAL A 168 42.40 -44.81 -3.63
C VAL A 168 43.07 -44.02 -2.50
N ARG A 169 43.18 -42.70 -2.67
CA ARG A 169 43.75 -41.83 -1.64
C ARG A 169 42.67 -41.37 -0.66
N TYR A 170 42.93 -41.61 0.63
CA TYR A 170 42.05 -41.20 1.73
C TYR A 170 42.61 -40.01 2.50
N GLY A 171 41.71 -39.20 3.06
CA GLY A 171 42.10 -38.09 3.94
C GLY A 171 42.30 -38.56 5.36
N PRO A 172 42.40 -37.61 6.32
CA PRO A 172 42.58 -37.97 7.73
C PRO A 172 41.32 -38.48 8.45
N GLN A 173 40.13 -38.36 7.83
CA GLN A 173 38.87 -38.81 8.43
C GLN A 173 38.33 -40.14 7.88
N GLY A 174 39.15 -40.87 7.12
CA GLY A 174 38.75 -42.16 6.57
C GLY A 174 37.84 -42.11 5.36
N THR A 175 37.68 -40.93 4.75
CA THR A 175 36.92 -40.76 3.51
C THR A 175 37.87 -40.52 2.34
N PRO A 176 37.53 -40.95 1.12
CA PRO A 176 38.44 -40.64 0.02
C PRO A 176 38.60 -39.15 -0.26
N VAL A 177 39.74 -38.78 -0.83
CA VAL A 177 39.95 -37.44 -1.36
C VAL A 177 40.17 -37.52 -2.86
N GLU A 178 39.86 -36.41 -3.51
CA GLU A 178 39.96 -36.27 -4.95
C GLU A 178 40.64 -34.94 -5.23
N TRP A 179 41.56 -34.94 -6.21
CA TRP A 179 42.29 -33.75 -6.61
C TRP A 179 41.43 -32.78 -7.42
N VAL A 180 40.87 -31.78 -6.73
CA VAL A 180 40.08 -30.73 -7.36
C VAL A 180 41.01 -29.62 -7.82
N GLU A 181 40.72 -29.04 -8.97
CA GLU A 181 41.52 -27.94 -9.53
C GLU A 181 40.60 -26.96 -10.25
N GLU A 182 40.65 -25.69 -9.83
CA GLU A 182 39.78 -24.62 -10.31
C GLU A 182 40.58 -23.32 -10.38
N GLU A 183 40.41 -22.56 -11.46
CA GLU A 183 41.08 -21.28 -11.68
C GLU A 183 40.45 -20.21 -10.78
N SER A 184 41.28 -19.36 -10.17
CA SER A 184 40.80 -18.36 -9.20
C SER A 184 41.77 -17.19 -9.03
N TYR A 185 41.20 -16.00 -8.82
CA TYR A 185 41.96 -14.85 -8.33
C TYR A 185 42.20 -14.99 -6.83
N PHE A 186 43.34 -14.45 -6.38
CA PHE A 186 43.75 -14.53 -4.98
C PHE A 186 44.10 -13.14 -4.46
N PHE A 187 43.72 -12.86 -3.22
CA PHE A 187 44.26 -11.72 -2.48
C PHE A 187 45.49 -12.18 -1.70
N ARG A 188 46.54 -11.37 -1.70
CA ARG A 188 47.80 -11.71 -1.03
C ARG A 188 47.70 -11.52 0.48
N LEU A 189 46.90 -12.38 1.13
CA LEU A 189 46.70 -12.30 2.58
C LEU A 189 47.98 -12.65 3.36
N SER A 190 48.81 -13.53 2.80
CA SER A 190 50.10 -13.90 3.39
C SER A 190 51.07 -12.73 3.65
N ALA A 191 50.89 -11.63 2.92
CA ALA A 191 51.67 -10.40 3.13
C ALA A 191 51.21 -9.55 4.33
N TYR A 192 50.05 -9.85 4.93
CA TYR A 192 49.48 -9.00 5.98
C TYR A 192 49.51 -9.57 7.41
N GLN A 193 50.24 -10.67 7.60
CA GLN A 193 50.35 -11.31 8.92
C GLN A 193 50.90 -10.36 9.98
N ASP A 194 52.10 -9.84 9.73
CA ASP A 194 52.78 -8.92 10.64
C ASP A 194 52.01 -7.60 10.85
N LYS A 195 51.37 -7.09 9.80
CA LYS A 195 50.55 -5.88 9.91
C LYS A 195 49.27 -6.09 10.74
N LEU A 196 48.65 -7.27 10.62
CA LEU A 196 47.48 -7.62 11.43
C LEU A 196 47.85 -7.87 12.89
N LEU A 197 48.98 -8.53 13.13
CA LEU A 197 49.51 -8.71 14.50
C LEU A 197 49.82 -7.36 15.17
N ASP A 198 50.36 -6.43 14.39
CA ASP A 198 50.57 -5.04 14.85
C ASP A 198 49.26 -4.33 15.18
N LEU A 199 48.24 -4.53 14.35
CA LEU A 199 46.90 -4.00 14.62
C LEU A 199 46.35 -4.48 15.97
N TYR A 200 46.49 -5.78 16.25
CA TYR A 200 45.95 -6.37 17.49
C TYR A 200 46.73 -5.90 18.73
N GLU A 201 48.05 -5.78 18.61
CA GLU A 201 48.89 -5.25 19.70
C GLU A 201 48.58 -3.78 20.01
N ASN A 202 48.43 -2.96 18.96
CA ASN A 202 48.20 -1.50 19.09
C ASN A 202 46.74 -1.12 19.43
N ASN A 203 45.78 -1.96 19.01
CA ASN A 203 44.36 -1.82 19.39
C ASN A 203 43.92 -3.07 20.13
N PRO A 204 43.94 -3.04 21.48
CA PRO A 204 43.41 -4.17 22.24
C PRO A 204 41.92 -4.44 22.01
N GLY A 205 41.16 -3.38 21.69
CA GLY A 205 39.72 -3.48 21.45
C GLY A 205 39.24 -3.70 20.03
N PHE A 206 40.15 -3.95 19.08
CA PHE A 206 39.79 -4.14 17.67
C PHE A 206 38.79 -5.27 17.43
N ILE A 207 38.96 -6.38 18.16
CA ILE A 207 38.09 -7.55 18.02
C ILE A 207 37.72 -8.06 19.42
N MET A 208 36.45 -7.91 19.78
CA MET A 208 35.94 -8.30 21.10
C MET A 208 34.75 -9.26 20.93
N PRO A 209 34.38 -10.04 21.96
CA PRO A 209 35.02 -10.07 23.29
C PRO A 209 36.38 -10.79 23.34
N ALA A 210 36.98 -10.80 24.53
CA ALA A 210 38.31 -11.38 24.77
C ALA A 210 38.53 -12.77 24.15
N GLU A 211 37.51 -13.63 24.21
CA GLU A 211 37.59 -14.97 23.63
C GLU A 211 37.72 -14.95 22.10
N ARG A 212 37.09 -13.98 21.44
CA ARG A 212 37.24 -13.82 19.98
C ARG A 212 38.66 -13.40 19.62
N ARG A 213 39.16 -12.39 20.31
CA ARG A 213 40.52 -11.87 20.10
C ARG A 213 41.57 -12.98 20.11
N ASN A 214 41.53 -13.82 21.14
CA ASN A 214 42.51 -14.88 21.32
C ASN A 214 42.50 -15.90 20.19
N GLU A 215 41.30 -16.26 19.72
CA GLU A 215 41.14 -17.19 18.59
C GLU A 215 41.65 -16.52 17.26
N ILE A 216 41.47 -15.19 17.12
CA ILE A 216 42.01 -14.43 15.97
C ILE A 216 43.54 -14.28 16.02
N VAL A 217 44.09 -13.90 17.17
CA VAL A 217 45.55 -13.76 17.33
C VAL A 217 46.26 -15.10 17.12
N SER A 218 45.72 -16.16 17.72
CA SER A 218 46.23 -17.52 17.52
C SER A 218 46.22 -17.97 16.07
N PHE A 219 45.15 -17.61 15.36
CA PHE A 219 44.99 -17.98 13.96
C PHE A 219 45.99 -17.29 13.07
N VAL A 220 46.16 -15.98 13.26
CA VAL A 220 47.08 -15.17 12.47
C VAL A 220 48.55 -15.52 12.77
N LYS A 221 48.85 -15.76 14.04
CA LYS A 221 50.20 -16.22 14.44
C LYS A 221 50.64 -17.51 13.75
N SER A 222 49.70 -18.45 13.59
CA SER A 222 49.98 -19.74 12.95
C SER A 222 50.27 -19.66 11.45
N GLY A 223 50.06 -18.50 10.83
CA GLY A 223 50.42 -18.26 9.44
C GLY A 223 49.21 -18.13 8.55
N LEU A 224 49.27 -17.18 7.63
CA LEU A 224 48.17 -16.91 6.70
C LEU A 224 48.58 -17.26 5.28
N LYS A 225 47.73 -18.03 4.60
CA LYS A 225 47.92 -18.33 3.19
C LYS A 225 47.07 -17.37 2.37
N ASP A 226 47.42 -17.21 1.09
CA ASP A 226 46.68 -16.32 0.19
C ASP A 226 45.24 -16.79 0.01
N LEU A 227 44.33 -15.83 -0.17
CA LEU A 227 42.89 -16.08 -0.10
C LEU A 227 42.23 -16.06 -1.48
N SER A 228 41.50 -17.13 -1.80
CA SER A 228 40.70 -17.21 -3.03
C SER A 228 39.55 -16.20 -2.96
N ILE A 229 39.42 -15.38 -3.99
CA ILE A 229 38.45 -14.28 -4.03
C ILE A 229 37.55 -14.22 -5.28
N SER A 230 37.62 -15.25 -6.13
CA SER A 230 36.75 -15.32 -7.32
C SER A 230 36.28 -16.75 -7.61
N ARG A 231 35.14 -16.86 -8.29
CA ARG A 231 34.59 -18.14 -8.78
C ARG A 231 34.37 -18.04 -10.29
N THR A 232 34.43 -19.18 -10.97
CA THR A 232 34.08 -19.32 -12.39
C THR A 232 32.79 -20.12 -12.62
N THR A 233 32.18 -20.62 -11.53
CA THR A 233 31.11 -21.61 -11.59
C THR A 233 29.68 -21.03 -11.64
N PHE A 234 29.55 -19.70 -11.62
CA PHE A 234 28.25 -19.02 -11.71
C PHE A 234 28.45 -17.57 -12.10
N ASP A 235 27.49 -17.01 -12.83
CA ASP A 235 27.53 -15.59 -13.24
C ASP A 235 26.74 -14.65 -12.31
N TRP A 236 25.97 -15.21 -11.37
CA TRP A 236 25.22 -14.40 -10.40
C TRP A 236 26.18 -13.88 -9.31
N GLY A 237 26.86 -12.80 -9.67
CA GLY A 237 27.87 -12.19 -8.83
C GLY A 237 28.33 -10.89 -9.47
N ILE A 238 29.28 -10.23 -8.83
CA ILE A 238 29.88 -9.03 -9.39
C ILE A 238 31.04 -9.49 -10.27
N PRO A 239 31.04 -9.13 -11.57
CA PRO A 239 32.16 -9.50 -12.44
C PRO A 239 33.51 -8.97 -11.97
N VAL A 240 34.57 -9.76 -12.22
CA VAL A 240 35.93 -9.33 -11.93
C VAL A 240 36.34 -8.34 -13.02
N PRO A 241 36.86 -7.15 -12.64
CA PRO A 241 37.27 -6.19 -13.67
C PRO A 241 38.36 -6.73 -14.60
N GLY A 242 38.10 -6.68 -15.90
CA GLY A 242 39.05 -7.16 -16.91
C GLY A 242 39.07 -8.66 -17.12
N ASP A 243 38.09 -9.37 -16.55
CA ASP A 243 38.02 -10.83 -16.64
C ASP A 243 36.61 -11.30 -16.23
N GLU A 244 35.57 -10.97 -17.02
CA GLU A 244 34.18 -11.23 -16.63
C GLU A 244 33.75 -12.71 -16.53
N LYS A 245 34.57 -13.64 -17.05
CA LYS A 245 34.40 -15.08 -16.77
C LYS A 245 34.48 -15.40 -15.27
N HIS A 246 35.23 -14.61 -14.52
CA HIS A 246 35.26 -14.70 -13.06
C HIS A 246 34.27 -13.71 -12.44
N VAL A 247 33.61 -14.14 -11.38
CA VAL A 247 32.81 -13.25 -10.53
C VAL A 247 33.39 -13.26 -9.13
N MET A 248 33.17 -12.17 -8.40
CA MET A 248 33.72 -12.03 -7.04
C MET A 248 33.04 -13.01 -6.10
N TYR A 249 33.84 -13.64 -5.26
CA TYR A 249 33.36 -14.55 -4.23
C TYR A 249 32.90 -13.71 -3.03
N VAL A 250 32.26 -14.35 -2.05
CA VAL A 250 31.66 -13.68 -0.88
C VAL A 250 32.52 -12.62 -0.16
N TRP A 251 33.84 -12.83 -0.08
CA TRP A 251 34.72 -12.00 0.77
C TRP A 251 34.72 -10.52 0.38
N VAL A 252 35.12 -10.22 -0.85
CA VAL A 252 35.17 -8.83 -1.33
C VAL A 252 33.76 -8.27 -1.52
N ASP A 253 32.82 -9.11 -1.96
CA ASP A 253 31.43 -8.70 -2.17
C ASP A 253 30.78 -8.24 -0.86
N ALA A 254 30.64 -9.16 0.10
CA ALA A 254 29.84 -8.92 1.30
C ALA A 254 30.42 -7.83 2.19
N LEU A 255 31.72 -7.92 2.46
CA LEU A 255 32.39 -6.98 3.37
C LEU A 255 32.44 -5.54 2.87
N THR A 256 32.46 -5.36 1.55
CA THR A 256 32.51 -4.02 0.93
C THR A 256 31.19 -3.23 1.10
N ASN A 257 30.11 -3.90 1.49
CA ASN A 257 28.83 -3.22 1.80
C ASN A 257 28.99 -2.03 2.77
N TYR A 258 29.91 -2.16 3.74
CA TYR A 258 30.12 -1.14 4.78
C TYR A 258 30.61 0.19 4.22
N ILE A 259 31.35 0.16 3.10
CA ILE A 259 31.83 1.38 2.44
C ILE A 259 30.95 1.80 1.25
N THR A 260 30.27 0.84 0.62
CA THR A 260 29.26 1.13 -0.40
C THR A 260 28.18 2.09 0.11
N ALA A 261 27.70 1.85 1.33
CA ALA A 261 26.68 2.69 1.97
C ALA A 261 27.09 4.16 2.17
N LEU A 262 28.39 4.43 2.26
CA LEU A 262 28.91 5.80 2.40
C LEU A 262 29.29 6.46 1.07
N GLY A 263 29.00 5.79 -0.04
CA GLY A 263 29.22 6.35 -1.39
C GLY A 263 30.58 6.09 -2.01
N TYR A 264 31.30 5.07 -1.53
CA TYR A 264 32.61 4.67 -2.08
C TYR A 264 32.42 4.23 -3.55
N PRO A 265 33.30 4.60 -4.48
CA PRO A 265 34.59 5.24 -4.25
C PRO A 265 34.61 6.77 -4.27
N ASP A 266 33.44 7.42 -4.26
CA ASP A 266 33.38 8.88 -4.21
C ASP A 266 33.65 9.36 -2.77
N THR A 267 34.89 9.79 -2.51
CA THR A 267 35.30 10.31 -1.21
C THR A 267 34.84 11.76 -0.94
N THR A 268 34.28 12.44 -1.95
CA THR A 268 33.68 13.78 -1.77
C THR A 268 32.25 13.70 -1.21
N ASP A 269 31.66 12.51 -1.21
CA ASP A 269 30.30 12.27 -0.66
C ASP A 269 30.24 12.71 0.80
N GLU A 270 29.12 13.33 1.18
CA GLU A 270 28.90 13.81 2.55
C GLU A 270 28.99 12.67 3.59
N ARG A 271 28.56 11.47 3.19
CA ARG A 271 28.57 10.31 4.08
C ARG A 271 29.95 9.66 4.26
N TRP A 272 30.94 10.01 3.43
CA TRP A 272 32.26 9.37 3.53
C TRP A 272 33.01 9.72 4.82
N ALA A 273 32.68 10.86 5.43
CA ALA A 273 33.22 11.24 6.75
C ALA A 273 32.89 10.24 7.86
N TYR A 274 31.83 9.47 7.70
CA TYR A 274 31.49 8.39 8.64
C TYR A 274 32.51 7.25 8.69
N TRP A 275 33.29 7.04 7.62
CA TRP A 275 34.38 6.06 7.63
C TRP A 275 35.59 6.65 8.38
N PRO A 276 36.21 5.94 9.31
CA PRO A 276 36.01 4.52 9.59
C PRO A 276 34.85 4.18 10.53
N ALA A 277 34.31 2.97 10.37
CA ALA A 277 33.23 2.49 11.22
C ALA A 277 33.66 2.40 12.67
N ASN A 278 32.82 2.88 13.58
CA ASN A 278 33.09 2.79 15.02
C ASN A 278 32.88 1.38 15.56
N ALA A 279 31.94 0.64 14.96
CA ALA A 279 31.62 -0.73 15.38
C ALA A 279 30.97 -1.54 14.27
N HIS A 280 31.54 -2.72 13.98
CA HIS A 280 30.87 -3.74 13.17
C HIS A 280 30.32 -4.79 14.12
N ILE A 281 29.00 -4.87 14.23
CA ILE A 281 28.37 -5.89 15.04
C ILE A 281 28.10 -7.10 14.15
N ILE A 282 28.59 -8.26 14.57
CA ILE A 282 28.57 -9.49 13.78
C ILE A 282 28.28 -10.69 14.66
N GLY A 283 27.99 -11.83 14.01
CA GLY A 283 27.93 -13.11 14.69
C GLY A 283 29.32 -13.70 14.89
N LYS A 284 29.46 -14.58 15.88
CA LYS A 284 30.73 -15.23 16.22
C LYS A 284 31.31 -16.12 15.10
N ASP A 285 30.42 -16.72 14.32
CA ASP A 285 30.78 -17.55 13.14
C ASP A 285 31.55 -16.82 12.03
N ILE A 286 31.37 -15.51 11.91
CA ILE A 286 32.04 -14.70 10.86
C ILE A 286 33.10 -13.75 11.43
N SER A 287 33.61 -14.07 12.62
CA SER A 287 34.60 -13.24 13.32
C SER A 287 35.93 -13.12 12.56
N ARG A 288 36.41 -14.25 12.02
CA ARG A 288 37.64 -14.30 11.23
C ARG A 288 37.58 -13.39 10.00
N PHE A 289 36.42 -13.31 9.36
CA PHE A 289 36.28 -12.58 8.09
C PHE A 289 36.32 -11.06 8.30
N HIS A 290 35.80 -10.60 9.44
CA HIS A 290 35.80 -9.17 9.78
C HIS A 290 37.07 -8.67 10.48
N ALA A 291 37.81 -9.57 11.13
CA ALA A 291 39.04 -9.21 11.86
C ALA A 291 40.36 -9.63 11.19
N VAL A 292 40.30 -10.38 10.09
CA VAL A 292 41.49 -10.80 9.34
C VAL A 292 41.42 -10.33 7.89
N TYR A 293 40.43 -10.84 7.15
CA TYR A 293 40.30 -10.54 5.72
C TYR A 293 39.99 -9.08 5.48
N TRP A 294 39.00 -8.57 6.20
CA TRP A 294 38.49 -7.21 6.03
C TRP A 294 39.54 -6.10 6.30
N PRO A 295 40.27 -6.16 7.44
CA PRO A 295 41.33 -5.17 7.64
C PRO A 295 42.48 -5.28 6.63
N ALA A 296 42.81 -6.49 6.19
CA ALA A 296 43.83 -6.69 5.15
C ALA A 296 43.42 -6.00 3.83
N PHE A 297 42.16 -6.17 3.45
CA PHE A 297 41.60 -5.53 2.24
C PHE A 297 41.68 -4.01 2.35
N LEU A 298 41.25 -3.48 3.50
CA LEU A 298 41.26 -2.03 3.75
C LEU A 298 42.68 -1.45 3.73
N MET A 299 43.61 -2.13 4.40
CA MET A 299 45.04 -1.77 4.35
C MET A 299 45.56 -1.73 2.91
N SER A 300 45.23 -2.76 2.13
CA SER A 300 45.63 -2.83 0.72
C SER A 300 45.06 -1.68 -0.09
N ALA A 301 43.78 -1.38 0.13
CA ALA A 301 43.09 -0.29 -0.58
C ALA A 301 43.38 1.13 -0.05
N GLN A 302 44.32 1.26 0.89
CA GLN A 302 44.76 2.55 1.45
C GLN A 302 43.64 3.28 2.23
N LEU A 303 42.84 2.51 2.96
CA LEU A 303 41.73 3.03 3.75
C LEU A 303 41.95 2.76 5.23
N PRO A 304 41.44 3.66 6.11
CA PRO A 304 41.54 3.38 7.55
C PRO A 304 40.67 2.21 7.98
N LEU A 305 41.00 1.66 9.14
CA LEU A 305 40.37 0.44 9.64
C LEU A 305 39.28 0.78 10.66
N PRO A 306 38.28 -0.12 10.82
CA PRO A 306 37.23 0.14 11.81
C PRO A 306 37.80 0.08 13.23
N LYS A 307 37.19 0.84 14.14
CA LYS A 307 37.68 0.97 15.52
C LYS A 307 37.36 -0.27 16.38
N ARG A 308 36.23 -0.92 16.11
CA ARG A 308 35.89 -2.20 16.76
C ARG A 308 35.04 -3.12 15.90
N VAL A 309 35.28 -4.43 16.06
CA VAL A 309 34.38 -5.48 15.59
C VAL A 309 33.95 -6.22 16.85
N PHE A 310 32.64 -6.25 17.13
CA PHE A 310 32.13 -7.02 18.26
C PHE A 310 31.27 -8.19 17.78
N ALA A 311 31.61 -9.39 18.25
CA ALA A 311 30.87 -10.61 17.90
C ALA A 311 29.95 -11.03 19.03
N HIS A 312 28.66 -11.19 18.72
CA HIS A 312 27.68 -11.72 19.68
C HIS A 312 27.58 -13.24 19.58
N GLY A 313 26.98 -13.85 20.59
CA GLY A 313 26.72 -15.29 20.61
C GLY A 313 25.42 -15.65 19.93
N PHE A 314 25.09 -16.95 19.93
CA PHE A 314 23.86 -17.45 19.32
C PHE A 314 22.80 -17.73 20.37
N LEU A 315 21.53 -17.73 19.94
CA LEU A 315 20.39 -17.99 20.81
C LEU A 315 19.77 -19.36 20.50
N PHE A 316 19.63 -20.17 21.54
CA PHE A 316 18.99 -21.49 21.44
C PHE A 316 17.64 -21.48 22.14
N ASN A 317 16.79 -22.46 21.85
CA ASN A 317 15.46 -22.56 22.47
C ASN A 317 15.48 -23.60 23.61
N ARG A 318 15.74 -23.12 24.83
CA ARG A 318 15.76 -23.99 26.01
C ARG A 318 14.34 -24.32 26.47
N ILE A 330 10.60 -21.35 15.72
CA ILE A 330 10.83 -20.02 16.26
C ILE A 330 11.08 -19.02 15.11
N ASP A 331 10.19 -18.05 14.99
CA ASP A 331 10.10 -17.12 13.88
C ASP A 331 9.93 -15.75 14.52
N PRO A 332 10.83 -14.78 14.25
CA PRO A 332 10.80 -13.49 14.97
C PRO A 332 9.52 -12.66 14.82
N PHE A 333 8.77 -12.86 13.73
CA PHE A 333 7.47 -12.21 13.56
C PHE A 333 6.44 -12.71 14.58
N GLU A 334 6.47 -14.02 14.85
CA GLU A 334 5.52 -14.65 15.80
C GLU A 334 5.85 -14.35 17.26
N LEU A 335 7.14 -14.24 17.58
CA LEU A 335 7.59 -13.85 18.93
C LEU A 335 7.15 -12.43 19.25
N VAL A 336 7.33 -11.51 18.29
CA VAL A 336 6.93 -10.11 18.45
C VAL A 336 5.41 -9.95 18.62
N GLU A 337 4.63 -10.73 17.86
CA GLU A 337 3.17 -10.72 17.96
C GLU A 337 2.65 -11.25 19.29
N ARG A 338 3.29 -12.30 19.81
CA ARG A 338 2.86 -12.97 21.05
C ARG A 338 3.25 -12.16 22.29
N TYR A 339 4.55 -11.89 22.44
CA TYR A 339 5.10 -11.27 23.66
C TYR A 339 5.11 -9.73 23.64
N GLY A 340 5.02 -9.13 22.45
CA GLY A 340 5.18 -7.68 22.29
C GLY A 340 6.63 -7.35 21.92
N LEU A 341 6.82 -6.30 21.12
CA LEU A 341 8.14 -5.99 20.57
C LEU A 341 9.15 -5.57 21.65
N ASP A 342 8.79 -4.56 22.43
CA ASP A 342 9.67 -4.04 23.49
C ASP A 342 9.96 -5.09 24.57
N GLN A 343 9.00 -5.99 24.80
CA GLN A 343 9.19 -7.14 25.69
C GLN A 343 10.31 -8.07 25.20
N LEU A 344 10.29 -8.37 23.90
CA LEU A 344 11.31 -9.23 23.29
C LEU A 344 12.66 -8.53 23.25
N ARG A 345 12.67 -7.29 22.75
CA ARG A 345 13.89 -6.45 22.73
C ARG A 345 14.57 -6.41 24.08
N TYR A 346 13.79 -6.15 25.13
CA TYR A 346 14.30 -6.11 26.50
C TYR A 346 14.91 -7.45 26.93
N PHE A 347 14.15 -8.53 26.76
CA PHE A 347 14.57 -9.87 27.20
C PHE A 347 15.91 -10.29 26.58
N LEU A 348 16.01 -10.19 25.25
CA LEU A 348 17.21 -10.59 24.51
C LEU A 348 18.46 -9.81 24.94
N MET A 349 18.29 -8.50 25.17
CA MET A 349 19.40 -7.64 25.59
C MET A 349 19.72 -7.73 27.09
N ARG A 350 18.72 -8.07 27.92
CA ARG A 350 18.91 -8.16 29.38
C ARG A 350 19.47 -9.50 29.84
N GLU A 351 18.83 -10.58 29.43
CA GLU A 351 19.11 -11.91 29.99
C GLU A 351 20.36 -12.60 29.43
N VAL A 352 20.68 -12.32 28.18
CA VAL A 352 21.86 -12.87 27.54
C VAL A 352 22.97 -11.81 27.57
N PRO A 353 24.07 -12.08 28.30
CA PRO A 353 25.21 -11.15 28.25
C PRO A 353 25.78 -11.07 26.84
N PHE A 354 25.81 -9.86 26.27
CA PHE A 354 26.14 -9.66 24.85
C PHE A 354 27.59 -10.10 24.56
N GLY A 355 27.73 -11.08 23.67
CA GLY A 355 29.01 -11.75 23.42
C GLY A 355 28.93 -13.25 23.67
N GLN A 356 28.21 -13.63 24.73
CA GLN A 356 28.03 -15.03 25.10
C GLN A 356 26.79 -15.62 24.43
N ASP A 357 26.75 -16.96 24.35
CA ASP A 357 25.55 -17.67 23.94
C ASP A 357 24.50 -17.59 25.03
N GLY A 358 23.23 -17.74 24.64
CA GLY A 358 22.12 -17.68 25.58
C GLY A 358 20.93 -18.52 25.15
N SER A 359 19.89 -18.51 25.99
CA SER A 359 18.64 -19.25 25.73
C SER A 359 17.43 -18.35 25.90
N TYR A 360 16.36 -18.72 25.19
CA TYR A 360 15.04 -18.12 25.39
C TYR A 360 14.01 -19.25 25.45
N SER A 361 13.00 -19.07 26.28
CA SER A 361 11.88 -20.00 26.39
C SER A 361 10.63 -19.19 26.66
N HIS A 362 9.48 -19.78 26.38
CA HIS A 362 8.19 -19.16 26.71
C HIS A 362 8.14 -18.74 28.19
N GLU A 363 8.52 -19.67 29.08
CA GLU A 363 8.55 -19.43 30.52
C GLU A 363 9.46 -18.24 30.91
N ALA A 364 10.67 -18.23 30.37
CA ALA A 364 11.66 -17.21 30.71
C ALA A 364 11.27 -15.79 30.26
N ILE A 365 10.73 -15.68 29.03
CA ILE A 365 10.30 -14.38 28.49
C ILE A 365 9.13 -13.81 29.29
N VAL A 366 8.14 -14.66 29.57
CA VAL A 366 6.94 -14.25 30.31
C VAL A 366 7.31 -13.76 31.71
N ASN A 367 8.04 -14.60 32.45
CA ASN A 367 8.45 -14.27 33.82
C ASN A 367 9.25 -12.98 33.96
N ARG A 368 10.30 -12.84 33.16
CA ARG A 368 11.24 -11.72 33.30
CA ARG A 368 11.24 -11.73 33.31
C ARG A 368 10.64 -10.40 32.80
N THR A 369 9.82 -10.44 31.74
CA THR A 369 9.12 -9.23 31.26
C THR A 369 8.02 -8.79 32.23
N ASN A 370 7.20 -9.73 32.68
CA ASN A 370 6.19 -9.44 33.72
C ASN A 370 6.81 -8.83 34.98
N ALA A 371 7.97 -9.37 35.39
CA ALA A 371 8.64 -8.92 36.60
C ALA A 371 9.27 -7.53 36.45
N ASP A 372 10.08 -7.35 35.40
CA ASP A 372 10.84 -6.11 35.21
C ASP A 372 10.05 -5.00 34.52
N LEU A 373 9.25 -5.34 33.51
CA LEU A 373 8.53 -4.33 32.72
C LEU A 373 7.12 -4.08 33.26
N ALA A 374 6.30 -5.12 33.35
CA ALA A 374 4.90 -4.97 33.78
C ALA A 374 4.77 -4.59 35.25
N ASN A 375 5.48 -5.32 36.12
CA ASN A 375 5.41 -5.07 37.57
C ASN A 375 6.32 -3.92 38.00
N ASP A 376 7.63 -4.09 37.84
CA ASP A 376 8.61 -3.13 38.38
C ASP A 376 8.45 -1.73 37.79
N LEU A 377 8.71 -1.56 36.49
CA LEU A 377 8.60 -0.25 35.86
C LEU A 377 7.15 0.20 35.66
N GLY A 378 6.34 -0.70 35.08
CA GLY A 378 4.94 -0.39 34.76
C GLY A 378 4.05 0.01 35.92
N ASN A 379 4.05 -0.81 36.98
CA ASN A 379 3.20 -0.56 38.16
C ASN A 379 3.74 0.61 38.99
N LEU A 380 5.08 0.78 39.05
CA LEU A 380 5.65 1.95 39.73
C LEU A 380 5.17 3.25 39.09
N ALA A 381 5.07 3.27 37.76
CA ALA A 381 4.52 4.42 37.03
C ALA A 381 3.05 4.59 37.34
N GLN A 382 2.27 3.50 37.24
CA GLN A 382 0.82 3.55 37.52
C GLN A 382 0.47 4.00 38.94
N ARG A 383 1.05 3.36 39.95
CA ARG A 383 0.78 3.71 41.36
C ARG A 383 1.08 5.17 41.65
N SER A 384 2.26 5.61 41.26
CA SER A 384 2.73 6.97 41.55
C SER A 384 1.96 8.04 40.77
N LEU A 385 1.77 7.82 39.46
CA LEU A 385 1.09 8.80 38.61
C LEU A 385 -0.43 8.82 38.81
N SER A 386 -1.01 7.68 39.21
CA SER A 386 -2.41 7.62 39.63
C SER A 386 -2.64 8.44 40.90
N MET A 387 -1.69 8.39 41.83
CA MET A 387 -1.75 9.21 43.05
C MET A 387 -1.66 10.71 42.74
N ILE A 388 -0.86 11.07 41.74
CA ILE A 388 -0.78 12.46 41.25
C ILE A 388 -2.08 12.90 40.57
N ALA A 389 -2.71 11.99 39.81
CA ALA A 389 -4.00 12.29 39.17
C ALA A 389 -5.13 12.49 40.18
N LYS A 390 -5.19 11.63 41.20
CA LYS A 390 -6.27 11.66 42.19
C LYS A 390 -6.06 12.69 43.31
N ASN A 391 -4.85 12.77 43.85
CA ASN A 391 -4.54 13.58 45.05
C ASN A 391 -3.90 14.94 44.77
N CYS A 392 -3.16 15.06 43.66
CA CYS A 392 -2.45 16.31 43.32
C CYS A 392 -3.06 17.05 42.11
N GLU A 393 -4.31 16.73 41.77
CA GLU A 393 -5.07 17.40 40.69
C GLU A 393 -4.48 17.26 39.28
N GLY A 394 -3.83 16.13 39.02
CA GLY A 394 -3.19 15.87 37.73
C GLY A 394 -2.06 16.82 37.38
N LYS A 395 -1.39 17.34 38.40
CA LYS A 395 -0.26 18.25 38.22
C LYS A 395 0.95 17.72 39.00
N VAL A 396 2.15 17.83 38.42
CA VAL A 396 3.39 17.46 39.11
C VAL A 396 3.43 18.25 40.43
N PRO A 397 3.54 17.56 41.58
CA PRO A 397 3.57 18.28 42.87
C PRO A 397 4.81 19.16 43.04
N GLN A 398 4.66 20.21 43.86
CA GLN A 398 5.75 21.14 44.18
C GLN A 398 6.62 20.52 45.30
N PRO A 399 7.86 20.10 44.98
CA PRO A 399 8.67 19.40 45.99
C PRO A 399 9.29 20.36 47.01
N GLY A 400 9.25 19.96 48.28
CA GLY A 400 9.95 20.67 49.36
C GLY A 400 11.38 20.19 49.46
N ALA A 401 11.88 20.09 50.69
CA ALA A 401 13.23 19.59 50.95
C ALA A 401 13.33 18.09 50.68
N PHE A 402 14.47 17.66 50.16
CA PHE A 402 14.72 16.24 49.93
C PHE A 402 15.38 15.62 51.16
N SER A 403 14.84 14.49 51.60
CA SER A 403 15.44 13.71 52.69
C SER A 403 16.65 12.93 52.18
N GLU A 404 17.34 12.24 53.10
CA GLU A 404 18.49 11.41 52.73
C GLU A 404 18.04 10.21 51.84
N ALA A 405 16.81 9.72 52.04
CA ALA A 405 16.23 8.70 51.16
C ALA A 405 15.94 9.23 49.75
N ASP A 406 15.39 10.44 49.67
CA ASP A 406 15.13 11.13 48.38
C ASP A 406 16.41 11.33 47.57
N LYS A 407 17.46 11.86 48.21
CA LYS A 407 18.78 12.05 47.56
C LYS A 407 19.36 10.78 46.97
N ALA A 408 19.28 9.69 47.74
CA ALA A 408 19.93 8.44 47.39
C ALA A 408 19.41 7.85 46.09
N ILE A 409 18.08 7.77 45.97
CA ILE A 409 17.45 7.27 44.75
C ILE A 409 17.64 8.21 43.55
N LEU A 410 17.59 9.53 43.79
CA LEU A 410 17.87 10.52 42.75
C LEU A 410 19.31 10.43 42.24
N ASP A 411 20.27 10.34 43.16
CA ASP A 411 21.69 10.20 42.79
C ASP A 411 22.01 8.87 42.12
N GLN A 412 21.34 7.80 42.55
CA GLN A 412 21.49 6.48 41.93
C GLN A 412 21.01 6.48 40.46
N ALA A 413 19.93 7.22 40.20
CA ALA A 413 19.42 7.40 38.83
C ALA A 413 20.41 8.15 37.93
N ASP A 414 20.98 9.25 38.44
CA ASP A 414 22.02 10.00 37.72
C ASP A 414 23.26 9.14 37.44
N ALA A 415 23.69 8.38 38.43
CA ALA A 415 24.84 7.49 38.30
C ALA A 415 24.64 6.35 37.31
N ALA A 416 23.39 5.90 37.14
CA ALA A 416 23.05 4.84 36.18
C ALA A 416 23.37 5.23 34.73
N LEU A 417 23.21 6.51 34.39
CA LEU A 417 23.58 7.03 33.07
C LEU A 417 25.07 6.87 32.78
N GLU A 418 25.91 7.14 33.77
CA GLU A 418 27.37 7.05 33.60
C GLU A 418 27.85 5.60 33.51
N THR A 419 27.23 4.72 34.30
CA THR A 419 27.48 3.27 34.21
C THR A 419 27.00 2.74 32.85
N ALA A 420 25.84 3.24 32.40
CA ALA A 420 25.29 2.86 31.09
C ALA A 420 26.17 3.31 29.92
N ARG A 421 26.65 4.57 29.97
CA ARG A 421 27.58 5.08 28.95
CA ARG A 421 27.58 5.08 28.95
C ARG A 421 28.83 4.22 28.83
N LYS A 422 29.47 3.95 29.97
CA LYS A 422 30.71 3.17 30.02
C LYS A 422 30.50 1.72 29.55
N ALA A 423 29.35 1.15 29.89
CA ALA A 423 28.98 -0.20 29.45
C ALA A 423 28.79 -0.29 27.93
N MET A 424 28.11 0.70 27.35
CA MET A 424 27.83 0.70 25.90
C MET A 424 29.07 0.93 25.04
N ASP A 425 30.12 1.51 25.61
CA ASP A 425 31.43 1.61 24.93
C ASP A 425 32.06 0.24 24.74
N ASP A 426 31.81 -0.68 25.69
CA ASP A 426 32.26 -2.09 25.60
C ASP A 426 31.16 -3.05 25.12
N GLN A 427 30.11 -2.51 24.47
CA GLN A 427 28.97 -3.28 23.97
C GLN A 427 28.27 -4.18 25.01
N ALA A 428 28.32 -3.77 26.28
CA ALA A 428 27.75 -4.55 27.39
C ALA A 428 26.33 -4.06 27.67
N LEU A 429 25.40 -4.46 26.79
CA LEU A 429 24.00 -4.00 26.82
C LEU A 429 23.26 -4.49 28.08
N HIS A 430 23.53 -5.73 28.46
CA HIS A 430 23.00 -6.30 29.71
C HIS A 430 23.43 -5.53 30.96
N LEU A 431 24.68 -5.06 31.00
CA LEU A 431 25.17 -4.25 32.12
C LEU A 431 24.54 -2.86 32.14
N ALA A 432 24.23 -2.33 30.95
CA ALA A 432 23.53 -1.05 30.84
C ALA A 432 22.11 -1.18 31.37
N LEU A 433 21.37 -2.16 30.85
CA LEU A 433 20.01 -2.44 31.31
C LEU A 433 19.94 -2.86 32.78
N GLY A 434 20.96 -3.60 33.25
CA GLY A 434 21.04 -4.01 34.66
C GLY A 434 21.17 -2.85 35.62
N ALA A 435 22.00 -1.87 35.25
CA ALA A 435 22.15 -0.63 36.02
C ALA A 435 20.89 0.23 36.02
N ILE A 436 20.21 0.31 34.86
CA ILE A 436 19.00 1.11 34.72
C ILE A 436 17.82 0.51 35.52
N PHE A 437 17.68 -0.82 35.47
CA PHE A 437 16.59 -1.51 36.18
C PHE A 437 16.89 -1.83 37.66
N ALA A 438 18.16 -1.71 38.06
CA ALA A 438 18.50 -1.68 39.49
C ALA A 438 17.93 -0.41 40.17
N VAL A 439 17.90 0.70 39.42
CA VAL A 439 17.26 1.95 39.89
C VAL A 439 15.74 1.78 40.02
N VAL A 440 15.13 1.09 39.05
CA VAL A 440 13.69 0.84 39.08
C VAL A 440 13.33 0.01 40.31
N ALA A 441 14.07 -1.09 40.53
CA ALA A 441 13.86 -1.96 41.68
C ALA A 441 14.01 -1.22 43.01
N GLU A 442 15.03 -0.36 43.10
CA GLU A 442 15.24 0.47 44.30
C GLU A 442 14.15 1.53 44.48
N ALA A 443 13.70 2.12 43.38
CA ALA A 443 12.61 3.10 43.40
C ALA A 443 11.29 2.53 43.91
N ASN A 444 11.00 1.28 43.58
CA ASN A 444 9.86 0.54 44.15
C ASN A 444 9.96 0.39 45.67
N ARG A 445 11.14 -0.01 46.14
CA ARG A 445 11.43 -0.08 47.58
C ARG A 445 11.37 1.30 48.26
N TYR A 446 11.85 2.32 47.54
CA TYR A 446 11.76 3.71 48.02
C TYR A 446 10.31 4.15 48.21
N PHE A 447 9.52 4.02 47.14
CA PHE A 447 8.10 4.39 47.14
C PHE A 447 7.32 3.68 48.26
N ALA A 448 7.58 2.39 48.42
CA ALA A 448 6.92 1.57 49.45
C ALA A 448 7.28 2.02 50.87
N GLY A 449 8.58 2.21 51.12
CA GLY A 449 9.09 2.65 52.43
C GLY A 449 8.58 4.01 52.87
N GLN A 450 8.41 4.92 51.91
CA GLN A 450 7.88 6.25 52.20
C GLN A 450 6.39 6.29 52.53
N GLU A 451 5.62 5.30 52.07
CA GLU A 451 4.18 5.15 52.39
C GLU A 451 3.32 6.37 52.06
N PRO A 452 3.40 6.88 50.81
CA PRO A 452 2.69 8.13 50.45
C PRO A 452 1.18 8.14 50.72
N TRP A 453 0.55 6.97 50.60
CA TRP A 453 -0.86 6.76 51.00
C TRP A 453 -1.15 7.22 52.43
N ALA A 454 -0.29 6.84 53.38
CA ALA A 454 -0.44 7.25 54.78
C ALA A 454 -0.15 8.74 54.99
N LEU A 455 0.77 9.27 54.19
CA LEU A 455 1.12 10.70 54.23
C LEU A 455 0.04 11.64 53.67
N ARG A 456 -0.91 11.13 52.88
CA ARG A 456 -2.00 11.95 52.32
C ARG A 456 -2.82 12.68 53.40
N LYS A 457 -3.13 11.97 54.49
CA LYS A 457 -3.85 12.55 55.63
C LYS A 457 -2.91 13.28 56.58
N THR A 458 -1.78 12.64 56.88
CA THR A 458 -0.77 13.16 57.83
C THR A 458 -0.09 14.46 57.38
N ASP A 459 0.47 14.43 56.17
CA ASP A 459 1.35 15.50 55.67
C ASP A 459 1.31 15.56 54.13
N PRO A 460 0.29 16.26 53.57
CA PRO A 460 0.13 16.37 52.10
C PRO A 460 1.34 16.94 51.36
N ALA A 461 2.04 17.90 51.96
CA ALA A 461 3.23 18.51 51.35
C ALA A 461 4.37 17.49 51.19
N ARG A 462 4.58 16.67 52.21
CA ARG A 462 5.59 15.59 52.17
C ARG A 462 5.19 14.49 51.18
N MET A 463 3.90 14.19 51.09
CA MET A 463 3.39 13.27 50.06
C MET A 463 3.75 13.78 48.67
N GLY A 464 3.56 15.07 48.43
CA GLY A 464 3.93 15.72 47.16
C GLY A 464 5.39 15.53 46.80
N THR A 465 6.27 15.61 47.79
CA THR A 465 7.71 15.45 47.59
C THR A 465 8.08 14.02 47.19
N VAL A 466 7.48 13.02 47.85
CA VAL A 466 7.74 11.62 47.52
C VAL A 466 7.26 11.31 46.10
N LEU A 467 6.08 11.82 45.76
CA LEU A 467 5.52 11.65 44.42
C LEU A 467 6.33 12.39 43.34
N TYR A 468 6.83 13.59 43.66
CA TYR A 468 7.74 14.31 42.77
C TYR A 468 8.99 13.48 42.50
N VAL A 469 9.62 13.00 43.56
CA VAL A 469 10.85 12.21 43.48
C VAL A 469 10.63 10.95 42.63
N THR A 470 9.49 10.28 42.83
CA THR A 470 9.16 9.07 42.07
C THR A 470 9.02 9.39 40.57
N ALA A 471 8.17 10.35 40.24
CA ALA A 471 8.03 10.84 38.86
C ALA A 471 9.36 11.28 38.23
N GLU A 472 10.20 11.94 39.01
CA GLU A 472 11.49 12.44 38.54
C GLU A 472 12.46 11.29 38.22
N VAL A 473 12.49 10.26 39.06
CA VAL A 473 13.27 9.05 38.80
C VAL A 473 12.72 8.30 37.57
N LEU A 474 11.40 8.24 37.44
CA LEU A 474 10.76 7.65 36.26
C LEU A 474 11.09 8.40 34.96
N ARG A 475 11.24 9.72 35.06
CA ARG A 475 11.67 10.53 33.90
C ARG A 475 13.09 10.17 33.48
N ARG A 476 13.99 10.10 34.47
CA ARG A 476 15.40 9.79 34.23
C ARG A 476 15.54 8.38 33.68
N VAL A 477 14.82 7.42 34.26
CA VAL A 477 14.76 6.06 33.73
C VAL A 477 14.15 6.05 32.32
N GLY A 478 13.06 6.80 32.14
CA GLY A 478 12.37 6.89 30.85
C GLY A 478 13.30 7.30 29.71
N ILE A 479 14.08 8.36 29.94
CA ILE A 479 15.09 8.82 29.00
C ILE A 479 16.15 7.75 28.74
N MET A 480 16.65 7.12 29.80
CA MET A 480 17.72 6.13 29.70
C MET A 480 17.32 4.80 29.01
N VAL A 481 16.06 4.38 29.17
CA VAL A 481 15.55 3.14 28.51
C VAL A 481 15.12 3.31 27.04
N GLN A 482 15.05 4.55 26.54
CA GLN A 482 14.65 4.83 25.15
C GLN A 482 15.31 3.96 24.05
N PRO A 483 16.65 3.81 24.06
CA PRO A 483 17.26 3.01 22.99
C PRO A 483 16.87 1.54 23.00
N PHE A 484 16.57 1.00 24.18
CA PHE A 484 16.27 -0.42 24.34
C PHE A 484 14.80 -0.75 24.04
N ILE A 485 13.90 0.14 24.48
CA ILE A 485 12.44 -0.07 24.35
C ILE A 485 11.72 1.23 23.94
N PRO A 486 11.95 1.70 22.69
CA PRO A 486 11.61 3.08 22.29
C PRO A 486 10.13 3.48 22.36
N GLN A 487 9.23 2.62 21.87
CA GLN A 487 7.80 2.93 21.86
C GLN A 487 7.25 3.02 23.28
N SER A 488 7.55 2.02 24.11
CA SER A 488 7.15 2.01 25.51
C SER A 488 7.77 3.15 26.31
N ALA A 489 9.04 3.44 26.05
CA ALA A 489 9.73 4.59 26.66
C ALA A 489 9.07 5.93 26.29
N GLU A 490 8.71 6.07 25.01
CA GLU A 490 7.98 7.26 24.53
C GLU A 490 6.64 7.44 25.28
N LYS A 491 5.90 6.35 25.46
CA LYS A 491 4.67 6.38 26.24
C LYS A 491 4.84 6.83 27.67
N LEU A 492 5.86 6.32 28.35
CA LEU A 492 6.15 6.71 29.73
C LEU A 492 6.45 8.21 29.83
N LEU A 493 7.32 8.68 28.93
CA LEU A 493 7.69 10.11 28.90
C LEU A 493 6.50 11.01 28.49
N ASP A 494 5.61 10.49 27.63
CA ASP A 494 4.36 11.21 27.28
C ASP A 494 3.46 11.46 28.49
N ILE A 495 3.30 10.44 29.34
CA ILE A 495 2.47 10.56 30.56
C ILE A 495 3.15 11.31 31.72
N LEU A 496 4.44 11.62 31.58
CA LEU A 496 5.16 12.58 32.43
C LEU A 496 5.18 14.00 31.84
N ALA A 497 4.46 14.23 30.74
CA ALA A 497 4.41 15.52 30.04
C ALA A 497 5.78 16.09 29.65
N VAL A 498 6.71 15.21 29.28
CA VAL A 498 8.05 15.61 28.89
C VAL A 498 8.00 16.02 27.41
N PRO A 499 8.38 17.27 27.08
CA PRO A 499 8.40 17.67 25.67
C PRO A 499 9.33 16.83 24.78
N ALA A 500 9.05 16.80 23.48
CA ALA A 500 9.81 15.99 22.52
C ALA A 500 11.29 16.39 22.42
N ASP A 501 11.57 17.69 22.61
CA ASP A 501 12.94 18.22 22.55
C ASP A 501 13.70 18.21 23.89
N LYS A 502 13.20 17.50 24.90
CA LYS A 502 13.89 17.30 26.17
C LYS A 502 14.09 15.82 26.50
N ARG A 503 14.33 14.99 25.47
CA ARG A 503 14.48 13.54 25.64
C ARG A 503 15.89 13.01 25.32
N GLN A 504 16.88 13.90 25.25
CA GLN A 504 18.28 13.50 25.13
C GLN A 504 18.85 13.11 26.51
N PHE A 505 20.03 12.49 26.51
CA PHE A 505 20.69 12.10 27.77
C PHE A 505 21.17 13.31 28.57
N ALA A 506 21.54 14.40 27.88
CA ALA A 506 21.85 15.68 28.53
C ALA A 506 20.70 16.21 29.41
N ASP A 507 19.45 15.90 29.03
CA ASP A 507 18.27 16.31 29.79
C ASP A 507 18.03 15.55 31.11
N VAL A 508 18.77 14.47 31.34
CA VAL A 508 18.68 13.71 32.60
C VAL A 508 19.15 14.58 33.78
N LEU A 509 20.27 15.28 33.61
CA LEU A 509 20.80 16.19 34.62
C LEU A 509 20.20 17.60 34.57
N ALA A 510 19.87 18.07 33.37
CA ALA A 510 19.55 19.49 33.12
C ALA A 510 18.06 19.86 33.05
N SER A 511 17.16 18.89 32.84
CA SER A 511 15.73 19.18 32.66
C SER A 511 14.79 18.40 33.60
N PRO A 512 14.93 18.59 34.93
CA PRO A 512 14.00 17.91 35.84
C PRO A 512 12.56 18.41 35.71
N LEU A 513 11.62 17.63 36.23
CA LEU A 513 10.20 17.99 36.16
C LEU A 513 9.95 19.28 36.94
N ALA A 514 9.23 20.21 36.33
CA ALA A 514 8.85 21.46 36.98
C ALA A 514 7.53 21.22 37.71
N GLY A 515 7.50 21.51 39.02
CA GLY A 515 6.26 21.45 39.79
C GLY A 515 5.20 22.34 39.18
N GLY A 516 3.95 21.88 39.23
CA GLY A 516 2.81 22.59 38.63
C GLY A 516 2.41 22.16 37.23
N THR A 517 3.25 21.36 36.56
CA THR A 517 3.00 20.95 35.17
C THR A 517 1.86 19.94 35.08
N ASP A 518 0.94 20.16 34.15
CA ASP A 518 -0.22 19.28 33.95
C ASP A 518 0.20 17.98 33.28
N LEU A 519 -0.17 16.84 33.88
CA LEU A 519 0.10 15.52 33.34
C LEU A 519 -1.20 14.90 32.79
N PRO A 520 -1.13 14.26 31.60
CA PRO A 520 -2.32 13.53 31.11
C PRO A 520 -2.64 12.28 31.93
N ALA A 521 -3.91 11.88 31.93
CA ALA A 521 -4.38 10.68 32.63
C ALA A 521 -3.45 9.49 32.37
N PRO A 522 -2.95 8.86 33.45
CA PRO A 522 -2.00 7.74 33.25
C PRO A 522 -2.66 6.47 32.72
N GLN A 523 -1.98 5.79 31.80
CA GLN A 523 -2.42 4.49 31.30
C GLN A 523 -1.26 3.48 31.44
N PRO A 524 -1.58 2.17 31.60
CA PRO A 524 -0.50 1.20 31.75
C PRO A 524 0.38 1.04 30.50
N VAL A 525 1.69 1.23 30.67
CA VAL A 525 2.64 1.19 29.57
C VAL A 525 2.96 -0.26 29.21
N PHE A 526 3.13 -1.10 30.23
CA PHE A 526 3.45 -2.52 30.06
C PHE A 526 2.33 -3.40 30.61
N PRO A 527 1.39 -3.84 29.74
CA PRO A 527 0.38 -4.79 30.21
C PRO A 527 1.00 -6.15 30.54
N ARG A 528 0.45 -6.80 31.57
CA ARG A 528 0.90 -8.13 31.97
C ARG A 528 0.56 -9.14 30.87
N TYR A 529 1.44 -10.11 30.65
CA TYR A 529 1.21 -11.13 29.61
C TYR A 529 0.01 -12.01 29.98
N SER B 23 6.18 -15.64 -54.22
CA SER B 23 5.35 -15.61 -52.97
C SER B 23 6.20 -15.74 -51.69
N ARG B 24 6.20 -14.70 -50.86
CA ARG B 24 6.72 -14.79 -49.50
C ARG B 24 5.76 -15.65 -48.66
N GLU B 25 6.33 -16.46 -47.77
CA GLU B 25 5.56 -17.38 -46.92
C GLU B 25 4.81 -16.62 -45.82
N LYS B 26 3.58 -17.07 -45.53
CA LYS B 26 2.68 -16.34 -44.63
C LYS B 26 2.87 -16.67 -43.15
N TYR B 27 2.68 -15.65 -42.29
CA TYR B 27 2.88 -15.77 -40.85
C TYR B 27 1.83 -14.94 -40.11
N TYR B 28 0.89 -15.61 -39.45
CA TYR B 28 -0.17 -14.94 -38.67
C TYR B 28 0.12 -15.10 -37.18
N ILE B 29 0.15 -13.97 -36.47
CA ILE B 29 0.44 -13.94 -35.03
C ILE B 29 -0.52 -12.96 -34.35
N THR B 30 -0.95 -13.31 -33.13
CA THR B 30 -1.97 -12.54 -32.40
C THR B 30 -1.57 -12.32 -30.95
N THR B 31 -2.16 -11.29 -30.34
CA THR B 31 -2.19 -11.16 -28.88
C THR B 31 -3.56 -11.58 -28.43
N ALA B 32 -3.69 -11.93 -27.15
CA ALA B 32 -5.00 -12.05 -26.53
C ALA B 32 -5.63 -10.67 -26.47
N ILE B 33 -6.94 -10.61 -26.62
CA ILE B 33 -7.66 -9.34 -26.64
C ILE B 33 -7.92 -8.85 -25.22
N ALA B 34 -7.70 -7.56 -24.98
CA ALA B 34 -7.75 -6.98 -23.64
C ALA B 34 -9.17 -6.70 -23.23
N TYR B 35 -9.44 -6.77 -21.94
CA TYR B 35 -10.74 -6.37 -21.39
C TYR B 35 -10.62 -4.90 -20.99
N PRO B 36 -11.32 -3.98 -21.71
CA PRO B 36 -11.19 -2.56 -21.43
C PRO B 36 -12.16 -2.07 -20.33
N ASN B 37 -12.17 -2.77 -19.21
CA ASN B 37 -13.01 -2.45 -18.06
C ASN B 37 -12.37 -1.35 -17.21
N GLY B 38 -11.05 -1.42 -17.05
CA GLY B 38 -10.26 -0.33 -16.49
C GLY B 38 -9.39 0.31 -17.57
N LYS B 39 -8.32 0.96 -17.13
CA LYS B 39 -7.31 1.52 -18.04
C LYS B 39 -6.31 0.44 -18.47
N PRO B 40 -5.36 0.81 -19.36
CA PRO B 40 -4.27 -0.12 -19.67
C PRO B 40 -3.26 -0.29 -18.53
N HIS B 41 -3.14 -1.52 -18.07
CA HIS B 41 -2.09 -1.96 -17.15
C HIS B 41 -0.85 -2.46 -17.91
N ILE B 42 0.25 -2.66 -17.19
CA ILE B 42 1.52 -3.10 -17.78
C ILE B 42 1.48 -4.50 -18.40
N GLY B 43 0.63 -5.39 -17.87
CA GLY B 43 0.44 -6.74 -18.42
C GLY B 43 0.03 -6.75 -19.89
N HIS B 44 -0.84 -5.80 -20.25
CA HIS B 44 -1.27 -5.63 -21.65
C HIS B 44 -0.12 -5.10 -22.52
N ALA B 45 0.65 -4.15 -21.98
CA ALA B 45 1.80 -3.57 -22.68
C ALA B 45 2.88 -4.62 -22.97
N TYR B 46 3.18 -5.42 -21.96
CA TYR B 46 4.16 -6.52 -22.06
C TYR B 46 3.80 -7.50 -23.17
N GLU B 47 2.55 -7.93 -23.20
CA GLU B 47 2.06 -8.86 -24.23
C GLU B 47 2.19 -8.25 -25.63
N LEU B 48 1.79 -6.99 -25.76
CA LEU B 48 1.81 -6.33 -27.06
C LEU B 48 3.25 -6.11 -27.57
N ILE B 49 4.13 -5.67 -26.69
CA ILE B 49 5.56 -5.47 -27.02
C ILE B 49 6.21 -6.77 -27.51
N ALA B 50 6.02 -7.85 -26.75
CA ALA B 50 6.59 -9.16 -27.08
C ALA B 50 6.08 -9.65 -28.44
N THR B 51 4.77 -9.57 -28.64
CA THR B 51 4.15 -10.03 -29.88
C THR B 51 4.49 -9.13 -31.07
N ASP B 52 4.60 -7.82 -30.83
CA ASP B 52 5.07 -6.87 -31.85
C ASP B 52 6.48 -7.20 -32.34
N ALA B 53 7.38 -7.48 -31.39
CA ALA B 53 8.77 -7.81 -31.70
C ALA B 53 8.86 -9.09 -32.53
N MET B 54 8.08 -10.09 -32.15
CA MET B 54 8.00 -11.35 -32.91
C MET B 54 7.49 -11.13 -34.34
N ALA B 55 6.44 -10.32 -34.48
CA ALA B 55 5.86 -10.00 -35.78
C ALA B 55 6.82 -9.20 -36.67
N ARG B 56 7.49 -8.22 -36.08
CA ARG B 56 8.55 -7.45 -36.78
C ARG B 56 9.70 -8.36 -37.21
N PHE B 57 10.10 -9.28 -36.33
CA PHE B 57 11.20 -10.22 -36.60
C PHE B 57 10.90 -11.05 -37.85
N GLN B 58 9.68 -11.58 -37.94
CA GLN B 58 9.27 -12.37 -39.11
C GLN B 58 9.18 -11.55 -40.40
N ARG B 59 8.75 -10.28 -40.32
CA ARG B 59 8.77 -9.38 -41.50
C ARG B 59 10.17 -9.21 -42.05
N LEU B 60 11.12 -8.97 -41.16
CA LEU B 60 12.53 -8.80 -41.52
C LEU B 60 13.18 -10.11 -41.98
N ASN B 61 12.65 -11.23 -41.48
CA ASN B 61 13.09 -12.56 -41.89
C ASN B 61 12.48 -13.03 -43.24
N GLY B 62 11.69 -12.17 -43.89
CA GLY B 62 11.20 -12.41 -45.24
C GLY B 62 9.75 -12.86 -45.36
N MET B 63 9.02 -12.91 -44.24
CA MET B 63 7.66 -13.47 -44.22
C MET B 63 6.59 -12.44 -44.57
N ASP B 64 5.49 -12.92 -45.12
CA ASP B 64 4.27 -12.12 -45.31
C ASP B 64 3.52 -12.17 -43.97
N VAL B 65 3.70 -11.15 -43.15
CA VAL B 65 3.20 -11.16 -41.77
C VAL B 65 1.84 -10.49 -41.64
N TYR B 66 0.99 -11.07 -40.80
CA TYR B 66 -0.22 -10.42 -40.32
C TYR B 66 -0.22 -10.49 -38.80
N PHE B 67 -0.41 -9.34 -38.16
CA PHE B 67 -0.28 -9.23 -36.69
C PHE B 67 -1.51 -8.52 -36.15
N LEU B 68 -2.20 -9.19 -35.21
CA LEU B 68 -3.49 -8.74 -34.67
C LEU B 68 -3.43 -8.49 -33.18
N THR B 69 -4.16 -7.46 -32.74
CA THR B 69 -4.45 -7.23 -31.33
C THR B 69 -5.86 -6.64 -31.24
N GLY B 70 -6.40 -6.53 -30.03
CA GLY B 70 -7.69 -5.87 -29.87
C GLY B 70 -8.33 -5.91 -28.50
N THR B 71 -9.66 -5.78 -28.48
CA THR B 71 -10.44 -5.67 -27.24
C THR B 71 -11.68 -6.56 -27.18
N ASP B 72 -11.91 -7.12 -25.99
CA ASP B 72 -13.07 -7.95 -25.65
C ASP B 72 -14.03 -7.05 -24.89
N GLU B 73 -15.11 -6.63 -25.54
CA GLU B 73 -15.94 -5.52 -25.03
C GLU B 73 -17.32 -5.89 -24.44
N HIS B 74 -17.77 -7.13 -24.63
CA HIS B 74 -19.08 -7.58 -24.13
C HIS B 74 -19.00 -8.08 -22.68
N GLY B 75 -20.15 -8.40 -22.09
CA GLY B 75 -20.22 -9.06 -20.78
C GLY B 75 -20.97 -8.28 -19.71
N ILE B 76 -21.30 -8.95 -18.61
CA ILE B 76 -22.08 -8.36 -17.52
C ILE B 76 -21.30 -7.25 -16.77
N LYS B 77 -20.00 -7.44 -16.62
CA LYS B 77 -19.16 -6.47 -15.91
C LYS B 77 -19.07 -5.12 -16.65
N MET B 78 -19.13 -5.18 -17.97
CA MET B 78 -19.07 -3.97 -18.82
C MET B 78 -20.40 -3.23 -18.80
N LEU B 79 -21.50 -3.99 -18.86
CA LEU B 79 -22.85 -3.43 -18.70
C LEU B 79 -23.01 -2.69 -17.37
N GLN B 80 -22.49 -3.28 -16.30
CA GLN B 80 -22.59 -2.72 -14.94
C GLN B 80 -21.74 -1.45 -14.77
N SER B 81 -20.52 -1.46 -15.31
CA SER B 81 -19.67 -0.27 -15.39
C SER B 81 -20.35 0.88 -16.15
N ALA B 82 -21.00 0.53 -17.26
CA ALA B 82 -21.73 1.51 -18.09
C ALA B 82 -22.95 2.09 -17.36
N ARG B 83 -23.67 1.23 -16.64
CA ARG B 83 -24.76 1.64 -15.75
C ARG B 83 -24.31 2.66 -14.70
N LYS B 84 -23.17 2.37 -14.07
CA LYS B 84 -22.58 3.23 -13.04
C LYS B 84 -22.26 4.63 -13.54
N GLU B 85 -21.78 4.73 -14.78
CA GLU B 85 -21.42 6.02 -15.41
C GLU B 85 -22.56 6.72 -16.16
N GLY B 86 -23.66 6.02 -16.39
CA GLY B 86 -24.85 6.61 -17.00
C GLY B 86 -24.76 6.79 -18.51
N ILE B 87 -24.12 5.84 -19.18
CA ILE B 87 -24.01 5.81 -20.64
C ILE B 87 -24.25 4.38 -21.14
N THR B 88 -24.43 4.22 -22.45
CA THR B 88 -24.66 2.88 -23.01
C THR B 88 -23.34 2.07 -22.97
N PRO B 89 -23.45 0.72 -22.90
CA PRO B 89 -22.27 -0.16 -22.96
C PRO B 89 -21.36 0.09 -24.16
N ARG B 90 -21.96 0.33 -25.34
CA ARG B 90 -21.20 0.64 -26.55
C ARG B 90 -20.43 1.96 -26.43
N ASP B 91 -21.10 3.01 -25.94
CA ASP B 91 -20.48 4.31 -25.61
C ASP B 91 -19.27 4.15 -24.68
N LEU B 92 -19.45 3.35 -23.61
CA LEU B 92 -18.38 3.03 -22.67
C LEU B 92 -17.24 2.26 -23.35
N ALA B 93 -17.61 1.24 -24.12
CA ALA B 93 -16.65 0.44 -24.88
C ALA B 93 -15.78 1.31 -25.79
N ASP B 94 -16.42 2.26 -26.49
CA ASP B 94 -15.71 3.23 -27.34
C ASP B 94 -14.70 4.05 -26.54
N ARG B 95 -15.14 4.58 -25.41
CA ARG B 95 -14.31 5.47 -24.57
C ARG B 95 -13.09 4.76 -23.98
N ASN B 96 -13.29 3.56 -23.43
CA ASN B 96 -12.21 2.83 -22.77
C ASN B 96 -11.26 2.16 -23.78
N THR B 97 -11.77 1.66 -24.90
CA THR B 97 -10.93 1.06 -25.94
C THR B 97 -9.98 2.07 -26.62
N SER B 98 -10.37 3.35 -26.69
CA SER B 98 -9.49 4.38 -27.25
C SER B 98 -8.15 4.53 -26.49
N ALA B 99 -8.17 4.28 -25.18
CA ALA B 99 -6.94 4.24 -24.36
C ALA B 99 -6.04 3.07 -24.74
N PHE B 100 -6.63 1.92 -25.05
CA PHE B 100 -5.88 0.75 -25.53
C PHE B 100 -5.35 0.91 -26.94
N ARG B 101 -6.10 1.61 -27.81
CA ARG B 101 -5.59 2.03 -29.13
C ARG B 101 -4.40 2.98 -29.02
N ARG B 102 -4.51 3.92 -28.08
CA ARG B 102 -3.45 4.90 -27.81
C ARG B 102 -2.19 4.25 -27.22
N MET B 103 -2.38 3.18 -26.44
CA MET B 103 -1.27 2.40 -25.89
C MET B 103 -0.49 1.71 -27.00
N ALA B 104 -1.21 1.07 -27.93
CA ALA B 104 -0.60 0.45 -29.11
C ALA B 104 0.25 1.42 -29.93
N GLU B 105 -0.25 2.64 -30.09
CA GLU B 105 0.46 3.71 -30.81
C GLU B 105 1.72 4.18 -30.06
N VAL B 106 1.62 4.37 -28.75
CA VAL B 106 2.75 4.79 -27.89
C VAL B 106 3.79 3.67 -27.72
N LEU B 107 3.35 2.42 -27.79
CA LEU B 107 4.28 1.26 -27.73
C LEU B 107 4.89 0.87 -29.09
N ASN B 108 4.55 1.62 -30.15
CA ASN B 108 5.05 1.40 -31.51
C ASN B 108 4.66 0.00 -32.03
N SER B 109 3.38 -0.32 -31.86
CA SER B 109 2.83 -1.59 -32.34
C SER B 109 2.67 -1.56 -33.86
N SER B 110 3.07 -2.65 -34.51
CA SER B 110 2.97 -2.78 -35.97
C SER B 110 1.78 -3.65 -36.39
N ASN B 111 0.75 -3.72 -35.55
CA ASN B 111 -0.46 -4.49 -35.85
C ASN B 111 -1.12 -4.01 -37.15
N ASP B 112 -1.52 -4.96 -37.98
CA ASP B 112 -2.11 -4.66 -39.28
C ASP B 112 -3.61 -4.41 -39.17
N ASP B 113 -4.19 -4.79 -38.04
CA ASP B 113 -5.60 -4.57 -37.78
C ASP B 113 -5.83 -4.47 -36.26
N TYR B 114 -6.93 -3.84 -35.88
CA TYR B 114 -7.36 -3.75 -34.49
C TYR B 114 -8.79 -4.29 -34.43
N ILE B 115 -8.98 -5.39 -33.71
CA ILE B 115 -10.28 -6.06 -33.64
C ILE B 115 -11.01 -5.62 -32.36
N ARG B 116 -12.28 -5.27 -32.50
CA ARG B 116 -13.14 -4.96 -31.37
C ARG B 116 -14.36 -5.88 -31.47
N THR B 117 -14.73 -6.52 -30.36
CA THR B 117 -15.82 -7.50 -30.39
C THR B 117 -17.20 -6.87 -30.62
N SER B 118 -17.33 -5.56 -30.38
CA SER B 118 -18.57 -4.82 -30.67
C SER B 118 -18.87 -4.59 -32.15
N GLU B 119 -17.88 -4.77 -33.03
CA GLU B 119 -18.04 -4.51 -34.46
C GLU B 119 -18.95 -5.53 -35.17
N GLU B 120 -19.61 -5.07 -36.23
CA GLU B 120 -20.53 -5.90 -37.04
C GLU B 120 -19.87 -7.16 -37.59
N ARG B 121 -18.68 -7.00 -38.16
CA ARG B 121 -17.90 -8.13 -38.71
C ARG B 121 -17.67 -9.27 -37.70
N HIS B 122 -17.51 -8.93 -36.42
CA HIS B 122 -17.36 -9.92 -35.35
C HIS B 122 -18.67 -10.61 -34.98
N TYR B 123 -19.77 -9.87 -35.06
CA TYR B 123 -21.11 -10.43 -34.84
C TYR B 123 -21.42 -11.49 -35.89
N LYS B 124 -21.16 -11.19 -37.17
CA LYS B 124 -21.36 -12.13 -38.27
C LYS B 124 -20.47 -13.37 -38.18
N ALA B 125 -19.20 -13.16 -37.81
CA ALA B 125 -18.22 -14.25 -37.72
C ALA B 125 -18.49 -15.20 -36.55
N SER B 126 -18.81 -14.63 -35.39
CA SER B 126 -19.20 -15.42 -34.21
C SER B 126 -20.49 -16.20 -34.46
N GLN B 127 -21.46 -15.56 -35.13
CA GLN B 127 -22.70 -16.25 -35.49
C GLN B 127 -22.48 -17.35 -36.53
N ALA B 128 -21.58 -17.12 -37.48
CA ALA B 128 -21.20 -18.13 -38.47
C ALA B 128 -20.55 -19.37 -37.85
N ILE B 129 -19.52 -19.19 -37.01
CA ILE B 129 -18.87 -20.32 -36.36
C ILE B 129 -19.81 -21.08 -35.42
N TRP B 130 -20.71 -20.36 -34.76
CA TRP B 130 -21.78 -20.98 -33.97
C TRP B 130 -22.66 -21.93 -34.81
N GLN B 131 -23.04 -21.49 -36.02
CA GLN B 131 -23.86 -22.31 -36.92
C GLN B 131 -23.11 -23.54 -37.43
N ALA B 132 -21.82 -23.36 -37.71
CA ALA B 132 -20.94 -24.47 -38.13
C ALA B 132 -20.85 -25.55 -37.05
N MET B 133 -20.76 -25.13 -35.78
CA MET B 133 -20.76 -26.06 -34.65
C MET B 133 -22.13 -26.72 -34.43
N VAL B 134 -23.20 -25.98 -34.69
CA VAL B 134 -24.56 -26.56 -34.70
C VAL B 134 -24.70 -27.58 -35.82
N ALA B 135 -24.17 -27.28 -37.00
CA ALA B 135 -24.17 -28.21 -38.15
C ALA B 135 -23.39 -29.50 -37.89
N ASN B 136 -22.33 -29.44 -37.07
CA ASN B 136 -21.54 -30.62 -36.70
C ASN B 136 -22.15 -31.43 -35.54
N GLY B 137 -23.26 -30.95 -34.96
CA GLY B 137 -23.96 -31.66 -33.89
C GLY B 137 -23.42 -31.43 -32.49
N ASP B 138 -22.67 -30.33 -32.31
CA ASP B 138 -21.95 -30.08 -31.06
C ASP B 138 -22.56 -29.01 -30.13
N ILE B 139 -23.75 -28.50 -30.45
CA ILE B 139 -24.41 -27.49 -29.62
C ILE B 139 -25.86 -27.88 -29.32
N TYR B 140 -26.22 -27.88 -28.04
CA TYR B 140 -27.59 -28.18 -27.59
C TYR B 140 -28.05 -27.22 -26.50
N LYS B 141 -29.37 -27.10 -26.36
CA LYS B 141 -29.98 -26.27 -25.33
C LYS B 141 -30.26 -27.11 -24.09
N GLY B 142 -29.89 -26.58 -22.92
CA GLY B 142 -30.08 -27.25 -21.64
C GLY B 142 -30.04 -26.26 -20.49
N GLY B 143 -29.39 -26.63 -19.39
CA GLY B 143 -29.26 -25.74 -18.23
C GLY B 143 -28.13 -26.13 -17.28
N TYR B 144 -27.71 -25.17 -16.47
CA TYR B 144 -26.73 -25.41 -15.41
C TYR B 144 -27.41 -25.11 -14.09
N ALA B 145 -27.15 -25.92 -13.07
CA ALA B 145 -27.74 -25.75 -11.75
C ALA B 145 -26.70 -26.12 -10.69
N GLY B 146 -26.19 -25.10 -9.99
CA GLY B 146 -25.13 -25.27 -9.01
C GLY B 146 -24.86 -24.02 -8.19
N TRP B 147 -23.78 -24.04 -7.42
CA TRP B 147 -23.42 -22.93 -6.53
C TRP B 147 -22.50 -21.94 -7.23
N TYR B 148 -22.80 -20.66 -7.09
CA TYR B 148 -21.92 -19.56 -7.50
C TYR B 148 -21.49 -18.80 -6.25
N SER B 149 -20.23 -18.38 -6.20
CA SER B 149 -19.72 -17.67 -5.02
C SER B 149 -20.20 -16.23 -5.01
N GLU B 178 -26.54 -17.48 -3.88
CA GLU B 178 -25.47 -18.45 -4.10
C GLU B 178 -25.87 -19.46 -5.18
N TRP B 179 -26.97 -20.16 -4.95
CA TRP B 179 -27.50 -21.10 -5.95
C TRP B 179 -28.06 -20.36 -7.16
N VAL B 180 -27.31 -20.37 -8.26
CA VAL B 180 -27.78 -19.89 -9.56
C VAL B 180 -28.48 -21.04 -10.29
N GLU B 181 -29.52 -20.71 -11.05
CA GLU B 181 -30.08 -21.62 -12.06
C GLU B 181 -30.46 -20.83 -13.32
N GLU B 182 -30.11 -21.38 -14.48
CA GLU B 182 -30.33 -20.68 -15.74
C GLU B 182 -30.33 -21.65 -16.92
N GLU B 183 -31.17 -21.34 -17.91
CA GLU B 183 -31.10 -22.02 -19.20
C GLU B 183 -29.80 -21.60 -19.85
N SER B 184 -29.16 -22.53 -20.56
CA SER B 184 -27.89 -22.27 -21.25
C SER B 184 -27.67 -23.23 -22.40
N TYR B 185 -27.10 -22.70 -23.48
CA TYR B 185 -26.55 -23.52 -24.55
C TYR B 185 -25.21 -24.10 -24.12
N PHE B 186 -24.89 -25.30 -24.62
CA PHE B 186 -23.66 -26.00 -24.29
C PHE B 186 -22.94 -26.42 -25.56
N PHE B 187 -21.60 -26.32 -25.55
CA PHE B 187 -20.77 -26.96 -26.57
C PHE B 187 -20.38 -28.34 -26.04
N ARG B 188 -20.43 -29.36 -26.90
CA ARG B 188 -20.13 -30.74 -26.51
C ARG B 188 -18.62 -30.96 -26.40
N LEU B 189 -18.00 -30.35 -25.38
CA LEU B 189 -16.57 -30.46 -25.16
C LEU B 189 -16.16 -31.89 -24.75
N SER B 190 -17.07 -32.59 -24.05
CA SER B 190 -16.84 -33.99 -23.65
C SER B 190 -16.56 -34.96 -24.81
N ALA B 191 -16.99 -34.60 -26.02
CA ALA B 191 -16.68 -35.37 -27.23
C ALA B 191 -15.26 -35.18 -27.78
N TYR B 192 -14.51 -34.18 -27.30
CA TYR B 192 -13.20 -33.83 -27.87
C TYR B 192 -11.97 -34.19 -27.04
N GLN B 193 -12.17 -34.97 -25.97
CA GLN B 193 -11.07 -35.38 -25.09
C GLN B 193 -9.96 -36.13 -25.84
N ASP B 194 -10.35 -37.23 -26.49
CA ASP B 194 -9.43 -38.07 -27.24
C ASP B 194 -8.79 -37.33 -28.43
N LYS B 195 -9.55 -36.48 -29.10
CA LYS B 195 -9.02 -35.67 -30.20
C LYS B 195 -8.00 -34.62 -29.74
N LEU B 196 -8.24 -34.01 -28.57
CA LEU B 196 -7.30 -33.04 -27.99
C LEU B 196 -6.03 -33.74 -27.48
N LEU B 197 -6.17 -34.91 -26.86
CA LEU B 197 -5.02 -35.71 -26.46
C LEU B 197 -4.16 -36.15 -27.64
N ASP B 198 -4.82 -36.49 -28.76
CA ASP B 198 -4.13 -36.76 -30.03
C ASP B 198 -3.39 -35.54 -30.57
N LEU B 199 -4.01 -34.36 -30.47
CA LEU B 199 -3.37 -33.11 -30.85
C LEU B 199 -2.06 -32.88 -30.08
N TYR B 200 -2.09 -33.09 -28.76
CA TYR B 200 -0.92 -32.85 -27.91
C TYR B 200 0.19 -33.87 -28.16
N GLU B 201 -0.17 -35.14 -28.37
CA GLU B 201 0.81 -36.19 -28.72
C GLU B 201 1.48 -35.94 -30.07
N ASN B 202 0.68 -35.56 -31.08
CA ASN B 202 1.16 -35.36 -32.45
C ASN B 202 1.87 -34.01 -32.67
N ASN B 203 1.50 -33.01 -31.88
CA ASN B 203 2.16 -31.72 -31.88
C ASN B 203 2.69 -31.39 -30.48
N PRO B 204 3.98 -31.70 -30.23
CA PRO B 204 4.59 -31.35 -28.95
C PRO B 204 4.63 -29.85 -28.65
N GLY B 205 4.70 -29.02 -29.69
CA GLY B 205 4.76 -27.57 -29.54
C GLY B 205 3.45 -26.79 -29.57
N PHE B 206 2.31 -27.49 -29.57
CA PHE B 206 0.99 -26.81 -29.64
C PHE B 206 0.74 -25.81 -28.50
N ILE B 207 1.17 -26.16 -27.30
CA ILE B 207 0.98 -25.32 -26.11
C ILE B 207 2.29 -25.27 -25.31
N MET B 208 2.94 -24.11 -25.31
CA MET B 208 4.22 -23.92 -24.64
C MET B 208 4.12 -22.74 -23.66
N PRO B 209 5.02 -22.63 -22.67
CA PRO B 209 6.15 -23.55 -22.42
C PRO B 209 5.75 -24.91 -21.81
N ALA B 210 6.76 -25.77 -21.62
CA ALA B 210 6.59 -27.12 -21.08
C ALA B 210 5.66 -27.23 -19.85
N GLU B 211 5.77 -26.28 -18.94
CA GLU B 211 4.92 -26.26 -17.73
C GLU B 211 3.43 -26.04 -18.06
N ARG B 212 3.13 -25.26 -19.10
CA ARG B 212 1.74 -25.07 -19.54
C ARG B 212 1.18 -26.37 -20.12
N ARG B 213 1.95 -26.99 -21.02
CA ARG B 213 1.56 -28.24 -21.65
C ARG B 213 1.11 -29.30 -20.65
N ASN B 214 1.94 -29.51 -19.62
CA ASN B 214 1.68 -30.53 -18.61
C ASN B 214 0.38 -30.29 -17.84
N GLU B 215 0.09 -29.03 -17.52
CA GLU B 215 -1.18 -28.67 -16.87
C GLU B 215 -2.37 -28.93 -17.79
N ILE B 216 -2.19 -28.64 -19.08
CA ILE B 216 -3.24 -28.86 -20.08
C ILE B 216 -3.49 -30.35 -20.33
N VAL B 217 -2.42 -31.14 -20.49
CA VAL B 217 -2.54 -32.60 -20.69
C VAL B 217 -3.17 -33.27 -19.46
N SER B 218 -2.70 -32.89 -18.28
CA SER B 218 -3.28 -33.38 -17.02
C SER B 218 -4.76 -33.07 -16.88
N PHE B 219 -5.14 -31.87 -17.30
CA PHE B 219 -6.52 -31.41 -17.20
C PHE B 219 -7.45 -32.20 -18.13
N VAL B 220 -7.02 -32.36 -19.37
CA VAL B 220 -7.81 -33.06 -20.39
C VAL B 220 -7.90 -34.56 -20.07
N LYS B 221 -6.80 -35.15 -19.60
CA LYS B 221 -6.78 -36.56 -19.15
C LYS B 221 -7.81 -36.87 -18.06
N SER B 222 -7.97 -35.94 -17.12
CA SER B 222 -8.91 -36.12 -15.99
C SER B 222 -10.40 -36.04 -16.39
N GLY B 223 -10.69 -35.68 -17.64
CA GLY B 223 -12.05 -35.73 -18.18
C GLY B 223 -12.62 -34.35 -18.40
N LEU B 224 -13.31 -34.18 -19.53
CA LEU B 224 -13.91 -32.90 -19.92
C LEU B 224 -15.42 -33.00 -19.88
N LYS B 225 -16.06 -32.03 -19.21
CA LYS B 225 -17.51 -31.91 -19.22
C LYS B 225 -17.92 -30.89 -20.26
N ASP B 226 -19.18 -30.95 -20.70
CA ASP B 226 -19.70 -30.02 -21.71
C ASP B 226 -19.68 -28.58 -21.18
N LEU B 227 -19.45 -27.63 -22.09
CA LEU B 227 -19.14 -26.24 -21.73
C LEU B 227 -20.31 -25.30 -21.99
N SER B 228 -20.70 -24.54 -20.95
CA SER B 228 -21.72 -23.50 -21.07
C SER B 228 -21.20 -22.38 -21.96
N ILE B 229 -21.99 -22.01 -22.97
CA ILE B 229 -21.59 -21.02 -23.98
C ILE B 229 -22.58 -19.88 -24.23
N SER B 230 -23.64 -19.78 -23.42
CA SER B 230 -24.60 -18.67 -23.53
C SER B 230 -25.09 -18.20 -22.17
N ARG B 231 -25.56 -16.95 -22.13
CA ARG B 231 -26.19 -16.36 -20.95
C ARG B 231 -27.55 -15.78 -21.33
N THR B 232 -28.45 -15.72 -20.34
CA THR B 232 -29.75 -15.04 -20.47
C THR B 232 -29.84 -13.77 -19.62
N THR B 233 -28.78 -13.46 -18.87
CA THR B 233 -28.81 -12.44 -17.81
C THR B 233 -28.42 -11.01 -18.27
N PHE B 234 -28.10 -10.86 -19.55
CA PHE B 234 -27.75 -9.55 -20.12
C PHE B 234 -27.86 -9.61 -21.65
N ASP B 235 -28.23 -8.49 -22.25
CA ASP B 235 -28.34 -8.39 -23.73
C ASP B 235 -27.08 -7.81 -24.40
N TRP B 236 -26.14 -7.29 -23.61
CA TRP B 236 -24.88 -6.75 -24.13
C TRP B 236 -23.95 -7.91 -24.51
N GLY B 237 -24.22 -8.45 -25.69
CA GLY B 237 -23.50 -9.60 -26.22
C GLY B 237 -23.95 -9.87 -27.64
N ILE B 238 -23.39 -10.93 -28.23
CA ILE B 238 -23.79 -11.36 -29.57
C ILE B 238 -24.98 -12.30 -29.39
N PRO B 239 -26.14 -12.00 -30.00
CA PRO B 239 -27.29 -12.92 -29.90
C PRO B 239 -27.01 -14.33 -30.43
N VAL B 240 -27.62 -15.32 -29.79
CA VAL B 240 -27.55 -16.71 -30.25
C VAL B 240 -28.46 -16.84 -31.47
N PRO B 241 -27.96 -17.41 -32.59
CA PRO B 241 -28.81 -17.56 -33.77
C PRO B 241 -30.05 -18.43 -33.53
N GLY B 242 -31.23 -17.88 -33.83
CA GLY B 242 -32.49 -18.57 -33.64
C GLY B 242 -33.02 -18.59 -32.21
N ASP B 243 -32.43 -17.78 -31.32
CA ASP B 243 -32.80 -17.73 -29.91
C ASP B 243 -32.22 -16.46 -29.26
N GLU B 244 -32.67 -15.28 -29.66
CA GLU B 244 -32.08 -14.01 -29.23
C GLU B 244 -32.21 -13.65 -27.74
N LYS B 245 -33.07 -14.36 -26.99
CA LYS B 245 -33.08 -14.29 -25.52
C LYS B 245 -31.72 -14.70 -24.91
N HIS B 246 -31.01 -15.59 -25.58
CA HIS B 246 -29.63 -15.95 -25.21
C HIS B 246 -28.63 -15.08 -25.96
N VAL B 247 -27.56 -14.70 -25.28
CA VAL B 247 -26.40 -14.07 -25.92
C VAL B 247 -25.19 -14.95 -25.67
N MET B 248 -24.21 -14.88 -26.57
CA MET B 248 -23.00 -15.69 -26.47
C MET B 248 -22.17 -15.26 -25.26
N TYR B 249 -21.66 -16.25 -24.53
CA TYR B 249 -20.77 -16.03 -23.40
C TYR B 249 -19.35 -15.82 -23.95
N VAL B 250 -18.42 -15.43 -23.07
CA VAL B 250 -17.04 -15.08 -23.45
C VAL B 250 -16.31 -16.05 -24.39
N TRP B 251 -16.56 -17.36 -24.27
CA TRP B 251 -15.74 -18.38 -24.97
C TRP B 251 -15.80 -18.26 -26.50
N VAL B 252 -16.99 -18.37 -27.07
CA VAL B 252 -17.17 -18.28 -28.54
C VAL B 252 -16.93 -16.84 -29.01
N ASP B 253 -17.34 -15.86 -28.21
CA ASP B 253 -17.16 -14.44 -28.55
C ASP B 253 -15.68 -14.07 -28.69
N ALA B 254 -14.94 -14.17 -27.58
CA ALA B 254 -13.57 -13.65 -27.52
C ALA B 254 -12.60 -14.39 -28.45
N LEU B 255 -12.63 -15.72 -28.40
CA LEU B 255 -11.71 -16.56 -29.19
C LEU B 255 -11.90 -16.45 -30.71
N THR B 256 -13.13 -16.17 -31.15
CA THR B 256 -13.44 -16.04 -32.59
C THR B 256 -12.85 -14.78 -33.23
N ASN B 257 -12.39 -13.82 -32.41
CA ASN B 257 -11.69 -12.62 -32.92
C ASN B 257 -10.55 -12.96 -33.89
N TYR B 258 -9.84 -14.07 -33.64
CA TYR B 258 -8.69 -14.48 -34.45
C TYR B 258 -9.03 -14.81 -35.91
N ILE B 259 -10.26 -15.28 -36.14
CA ILE B 259 -10.74 -15.58 -37.51
C ILE B 259 -11.61 -14.44 -38.09
N THR B 260 -12.27 -13.66 -37.23
CA THR B 260 -12.98 -12.43 -37.64
C THR B 260 -12.07 -11.46 -38.40
N ALA B 261 -10.85 -11.28 -37.89
CA ALA B 261 -9.85 -10.40 -38.51
C ALA B 261 -9.44 -10.80 -39.93
N LEU B 262 -9.57 -12.09 -40.27
CA LEU B 262 -9.26 -12.60 -41.61
C LEU B 262 -10.47 -12.65 -42.55
N GLY B 263 -11.62 -12.13 -42.10
CA GLY B 263 -12.83 -12.04 -42.93
C GLY B 263 -13.75 -13.25 -42.90
N TYR B 264 -13.65 -14.08 -41.86
CA TYR B 264 -14.53 -15.25 -41.67
C TYR B 264 -15.98 -14.77 -41.53
N PRO B 265 -16.98 -15.41 -42.15
CA PRO B 265 -16.88 -16.71 -42.82
C PRO B 265 -16.57 -16.68 -44.33
N ASP B 266 -16.18 -15.53 -44.87
CA ASP B 266 -15.83 -15.43 -46.29
C ASP B 266 -14.42 -16.00 -46.50
N THR B 267 -14.34 -17.25 -46.95
CA THR B 267 -13.07 -17.91 -47.24
C THR B 267 -12.42 -17.48 -48.56
N THR B 268 -13.13 -16.70 -49.38
CA THR B 268 -12.55 -16.11 -50.60
C THR B 268 -11.75 -14.83 -50.32
N ASP B 269 -11.87 -14.30 -49.11
CA ASP B 269 -11.11 -13.11 -48.67
C ASP B 269 -9.61 -13.34 -48.79
N GLU B 270 -8.88 -12.32 -49.24
CA GLU B 270 -7.43 -12.38 -49.42
C GLU B 270 -6.70 -12.72 -48.11
N ARG B 271 -7.24 -12.26 -46.98
CA ARG B 271 -6.65 -12.50 -45.67
C ARG B 271 -6.91 -13.90 -45.10
N TRP B 272 -7.83 -14.67 -45.67
CA TRP B 272 -8.14 -16.01 -45.13
C TRP B 272 -6.98 -17.02 -45.25
N ALA B 273 -6.10 -16.80 -46.24
CA ALA B 273 -4.90 -17.62 -46.38
C ALA B 273 -3.96 -17.56 -45.16
N TYR B 274 -4.05 -16.50 -44.36
CA TYR B 274 -3.31 -16.40 -43.10
C TYR B 274 -3.70 -17.44 -42.05
N TRP B 275 -4.93 -17.98 -42.12
CA TRP B 275 -5.34 -19.08 -41.23
C TRP B 275 -4.73 -20.40 -41.75
N PRO B 276 -4.11 -21.23 -40.90
CA PRO B 276 -4.10 -21.14 -39.44
C PRO B 276 -3.05 -20.22 -38.84
N ALA B 277 -3.34 -19.69 -37.65
CA ALA B 277 -2.41 -18.83 -36.93
C ALA B 277 -1.14 -19.57 -36.59
N ASN B 278 0.00 -18.94 -36.82
CA ASN B 278 1.30 -19.53 -36.48
C ASN B 278 1.58 -19.46 -34.98
N ALA B 279 1.03 -18.44 -34.31
CA ALA B 279 1.22 -18.26 -32.88
C ALA B 279 0.13 -17.40 -32.25
N HIS B 280 -0.51 -17.92 -31.19
CA HIS B 280 -1.36 -17.12 -30.30
C HIS B 280 -0.55 -16.81 -29.05
N ILE B 281 -0.19 -15.54 -28.86
CA ILE B 281 0.53 -15.14 -27.65
C ILE B 281 -0.52 -14.70 -26.62
N ILE B 282 -0.46 -15.31 -25.45
CA ILE B 282 -1.48 -15.15 -24.41
C ILE B 282 -0.82 -15.08 -23.03
N GLY B 283 -1.61 -14.71 -22.03
CA GLY B 283 -1.21 -14.82 -20.63
C GLY B 283 -1.44 -16.23 -20.12
N LYS B 284 -0.70 -16.60 -19.07
CA LYS B 284 -0.78 -17.96 -18.49
C LYS B 284 -2.16 -18.28 -17.87
N ASP B 285 -2.84 -17.25 -17.37
CA ASP B 285 -4.20 -17.37 -16.81
C ASP B 285 -5.28 -17.86 -17.78
N ILE B 286 -5.09 -17.64 -19.09
CA ILE B 286 -6.07 -18.02 -20.12
C ILE B 286 -5.56 -19.16 -21.01
N SER B 287 -4.60 -19.94 -20.51
CA SER B 287 -4.00 -21.02 -21.29
C SER B 287 -4.98 -22.14 -21.61
N ARG B 288 -5.81 -22.52 -20.64
CA ARG B 288 -6.83 -23.55 -20.83
C ARG B 288 -7.81 -23.21 -21.97
N PHE B 289 -8.16 -21.93 -22.09
CA PHE B 289 -9.18 -21.51 -23.04
C PHE B 289 -8.66 -21.55 -24.49
N HIS B 290 -7.37 -21.30 -24.67
CA HIS B 290 -6.76 -21.32 -26.00
C HIS B 290 -6.25 -22.70 -26.44
N ALA B 291 -5.98 -23.60 -25.49
CA ALA B 291 -5.45 -24.94 -25.78
C ALA B 291 -6.46 -26.10 -25.60
N VAL B 292 -7.65 -25.81 -25.08
CA VAL B 292 -8.70 -26.83 -24.90
C VAL B 292 -9.97 -26.42 -25.63
N TYR B 293 -10.58 -25.31 -25.22
CA TYR B 293 -11.85 -24.87 -25.79
C TYR B 293 -11.71 -24.48 -27.25
N TRP B 294 -10.71 -23.65 -27.54
CA TRP B 294 -10.48 -23.09 -28.87
C TRP B 294 -10.21 -24.14 -29.96
N PRO B 295 -9.28 -25.10 -29.73
CA PRO B 295 -9.11 -26.16 -30.73
C PRO B 295 -10.33 -27.07 -30.91
N ALA B 296 -11.07 -27.31 -29.84
CA ALA B 296 -12.32 -28.08 -29.93
C ALA B 296 -13.36 -27.38 -30.82
N PHE B 297 -13.51 -26.08 -30.65
CA PHE B 297 -14.40 -25.25 -31.49
C PHE B 297 -13.99 -25.31 -32.95
N LEU B 298 -12.69 -25.14 -33.22
CA LEU B 298 -12.14 -25.17 -34.58
C LEU B 298 -12.34 -26.52 -35.25
N MET B 299 -12.04 -27.60 -34.51
CA MET B 299 -12.30 -28.97 -34.97
C MET B 299 -13.77 -29.16 -35.34
N SER B 300 -14.67 -28.69 -34.47
CA SER B 300 -16.12 -28.78 -34.71
C SER B 300 -16.54 -28.01 -35.95
N ALA B 301 -16.00 -26.80 -36.12
CA ALA B 301 -16.30 -25.95 -37.28
C ALA B 301 -15.54 -26.32 -38.56
N GLN B 302 -14.80 -27.43 -38.57
CA GLN B 302 -14.09 -27.96 -39.75
C GLN B 302 -12.97 -27.02 -40.23
N LEU B 303 -12.27 -26.42 -39.27
CA LEU B 303 -11.18 -25.48 -39.55
C LEU B 303 -9.85 -26.03 -39.00
N PRO B 304 -8.73 -25.71 -39.68
CA PRO B 304 -7.43 -26.12 -39.12
C PRO B 304 -7.08 -25.40 -37.83
N LEU B 305 -6.17 -25.98 -37.08
CA LEU B 305 -5.82 -25.51 -35.74
C LEU B 305 -4.55 -24.66 -35.79
N PRO B 306 -4.38 -23.74 -34.82
CA PRO B 306 -3.17 -22.94 -34.79
C PRO B 306 -1.94 -23.78 -34.49
N LYS B 307 -0.80 -23.37 -35.01
CA LYS B 307 0.45 -24.16 -34.89
C LYS B 307 1.06 -24.07 -33.50
N ARG B 308 0.91 -22.92 -32.84
CA ARG B 308 1.34 -22.76 -31.45
C ARG B 308 0.49 -21.76 -30.65
N VAL B 309 0.33 -22.06 -29.37
CA VAL B 309 -0.14 -21.11 -28.37
C VAL B 309 1.01 -20.99 -27.37
N PHE B 310 1.55 -19.78 -27.20
CA PHE B 310 2.57 -19.53 -26.18
C PHE B 310 2.05 -18.64 -25.08
N ALA B 311 2.18 -19.10 -23.83
CA ALA B 311 1.76 -18.34 -22.66
C ALA B 311 2.95 -17.68 -21.98
N HIS B 312 2.89 -16.36 -21.79
CA HIS B 312 3.92 -15.62 -21.03
C HIS B 312 3.53 -15.54 -19.55
N GLY B 313 4.50 -15.19 -18.71
CA GLY B 313 4.28 -14.99 -17.28
C GLY B 313 3.82 -13.58 -16.97
N PHE B 314 3.62 -13.29 -15.68
CA PHE B 314 3.21 -11.96 -15.22
C PHE B 314 4.39 -11.16 -14.66
N LEU B 315 4.23 -9.84 -14.67
CA LEU B 315 5.26 -8.92 -14.16
C LEU B 315 4.82 -8.29 -12.84
N PHE B 316 5.68 -8.39 -11.82
CA PHE B 316 5.46 -7.79 -10.50
C PHE B 316 6.42 -6.64 -10.28
N ILE B 330 3.45 1.55 -12.26
CA ILE B 330 2.76 0.43 -12.92
C ILE B 330 1.80 0.82 -14.04
N ASP B 331 1.76 2.11 -14.43
CA ASP B 331 0.99 2.61 -15.60
C ASP B 331 1.91 2.69 -16.83
N PRO B 332 1.66 1.90 -17.90
CA PRO B 332 2.61 1.82 -19.02
C PRO B 332 2.89 3.12 -19.79
N PHE B 333 1.96 4.08 -19.76
CA PHE B 333 2.21 5.42 -20.32
C PHE B 333 3.30 6.17 -19.56
N GLU B 334 3.30 6.05 -18.23
CA GLU B 334 4.27 6.76 -17.37
C GLU B 334 5.67 6.13 -17.40
N LEU B 335 5.73 4.80 -17.54
CA LEU B 335 7.00 4.08 -17.69
C LEU B 335 7.70 4.48 -18.99
N VAL B 336 6.92 4.53 -20.08
CA VAL B 336 7.44 4.93 -21.40
C VAL B 336 7.94 6.38 -21.43
N GLU B 337 7.23 7.29 -20.76
CA GLU B 337 7.63 8.70 -20.63
C GLU B 337 8.92 8.89 -19.82
N ARG B 338 9.07 8.13 -18.75
CA ARG B 338 10.21 8.24 -17.85
C ARG B 338 11.50 7.61 -18.43
N TYR B 339 11.41 6.31 -18.75
CA TYR B 339 12.59 5.54 -19.17
C TYR B 339 12.88 5.58 -20.67
N GLY B 340 11.88 5.93 -21.48
CA GLY B 340 11.98 5.85 -22.95
C GLY B 340 11.39 4.54 -23.43
N LEU B 341 10.79 4.54 -24.61
CA LEU B 341 10.04 3.38 -25.11
C LEU B 341 10.93 2.19 -25.39
N ASP B 342 11.96 2.39 -26.22
CA ASP B 342 12.90 1.31 -26.58
C ASP B 342 13.66 0.77 -25.37
N GLN B 343 13.90 1.62 -24.37
CA GLN B 343 14.50 1.21 -23.10
C GLN B 343 13.61 0.21 -22.36
N LEU B 344 12.31 0.50 -22.31
CA LEU B 344 11.33 -0.38 -21.65
C LEU B 344 11.15 -1.67 -22.43
N ARG B 345 10.92 -1.54 -23.74
CA ARG B 345 10.81 -2.69 -24.66
C ARG B 345 11.97 -3.66 -24.47
N TYR B 346 13.18 -3.12 -24.48
CA TYR B 346 14.40 -3.91 -24.31
C TYR B 346 14.43 -4.64 -22.95
N PHE B 347 14.21 -3.89 -21.87
CA PHE B 347 14.26 -4.45 -20.51
C PHE B 347 13.31 -5.62 -20.32
N LEU B 348 12.04 -5.42 -20.67
CA LEU B 348 11.00 -6.43 -20.49
C LEU B 348 11.29 -7.72 -21.27
N MET B 349 11.81 -7.58 -22.48
CA MET B 349 12.16 -8.73 -23.32
C MET B 349 13.51 -9.37 -22.97
N ARG B 350 14.44 -8.58 -22.42
CA ARG B 350 15.78 -9.10 -22.08
C ARG B 350 15.84 -9.78 -20.71
N GLU B 351 15.36 -9.10 -19.67
CA GLU B 351 15.56 -9.53 -18.29
C GLU B 351 14.63 -10.62 -17.80
N VAL B 352 13.41 -10.66 -18.33
CA VAL B 352 12.43 -11.69 -18.00
C VAL B 352 12.46 -12.75 -19.10
N PRO B 353 12.87 -14.00 -18.77
CA PRO B 353 12.76 -15.06 -19.78
C PRO B 353 11.32 -15.31 -20.16
N PHE B 354 11.00 -15.19 -21.45
CA PHE B 354 9.61 -15.21 -21.93
C PHE B 354 8.94 -16.57 -21.66
N GLY B 355 7.86 -16.53 -20.88
CA GLY B 355 7.21 -17.74 -20.36
C GLY B 355 7.18 -17.78 -18.84
N GLN B 356 8.26 -17.30 -18.22
CA GLN B 356 8.38 -17.24 -16.76
C GLN B 356 7.87 -15.89 -16.23
N ASP B 357 7.53 -15.87 -14.94
CA ASP B 357 7.23 -14.62 -14.23
C ASP B 357 8.52 -13.82 -14.04
N GLY B 358 8.38 -12.52 -13.89
CA GLY B 358 9.52 -11.62 -13.69
C GLY B 358 9.20 -10.40 -12.86
N SER B 359 10.22 -9.56 -12.64
CA SER B 359 10.09 -8.31 -11.88
C SER B 359 10.69 -7.14 -12.65
N TYR B 360 10.16 -5.96 -12.37
CA TYR B 360 10.76 -4.70 -12.81
C TYR B 360 10.81 -3.74 -11.61
N SER B 361 11.88 -2.94 -11.57
CA SER B 361 12.04 -1.89 -10.57
C SER B 361 12.72 -0.71 -11.23
N HIS B 362 12.59 0.46 -10.61
CA HIS B 362 13.30 1.65 -11.08
C HIS B 362 14.80 1.37 -11.21
N GLU B 363 15.38 0.79 -10.16
CA GLU B 363 16.81 0.44 -10.12
C GLU B 363 17.22 -0.50 -11.26
N ALA B 364 16.45 -1.55 -11.46
CA ALA B 364 16.77 -2.57 -12.47
C ALA B 364 16.69 -2.05 -13.91
N ILE B 365 15.66 -1.26 -14.21
CA ILE B 365 15.50 -0.68 -15.55
C ILE B 365 16.63 0.30 -15.89
N VAL B 366 16.95 1.19 -14.94
CA VAL B 366 17.99 2.19 -15.13
C VAL B 366 19.34 1.52 -15.36
N ASN B 367 19.72 0.63 -14.46
CA ASN B 367 20.98 -0.11 -14.54
C ASN B 367 21.21 -0.83 -15.87
N ARG B 368 20.26 -1.69 -16.23
CA ARG B 368 20.40 -2.60 -17.37
C ARG B 368 20.34 -1.85 -18.70
N THR B 369 19.50 -0.82 -18.79
CA THR B 369 19.43 0.00 -20.01
C THR B 369 20.68 0.86 -20.18
N ASN B 370 21.11 1.54 -19.13
CA ASN B 370 22.38 2.30 -19.14
C ASN B 370 23.57 1.42 -19.54
N ALA B 371 23.60 0.20 -19.02
CA ALA B 371 24.71 -0.73 -19.29
C ALA B 371 24.70 -1.25 -20.72
N ASP B 372 23.57 -1.80 -21.15
CA ASP B 372 23.48 -2.47 -22.45
C ASP B 372 23.21 -1.53 -23.61
N LEU B 373 22.34 -0.54 -23.42
CA LEU B 373 21.94 0.38 -24.48
C LEU B 373 22.80 1.63 -24.54
N ALA B 374 22.86 2.38 -23.45
CA ALA B 374 23.60 3.66 -23.42
C ALA B 374 25.13 3.47 -23.50
N ASN B 375 25.66 2.58 -22.68
CA ASN B 375 27.10 2.32 -22.64
C ASN B 375 27.55 1.37 -23.76
N ASP B 376 27.10 0.12 -23.70
CA ASP B 376 27.59 -0.92 -24.63
C ASP B 376 27.34 -0.60 -26.09
N LEU B 377 26.07 -0.55 -26.52
CA LEU B 377 25.74 -0.28 -27.92
C LEU B 377 25.95 1.19 -28.29
N GLY B 378 25.38 2.09 -27.48
CA GLY B 378 25.43 3.52 -27.73
C GLY B 378 26.82 4.11 -27.85
N ASN B 379 27.66 3.85 -26.87
CA ASN B 379 29.00 4.41 -26.85
C ASN B 379 29.94 3.75 -27.86
N LEU B 380 29.77 2.46 -28.11
CA LEU B 380 30.52 1.78 -29.16
C LEU B 380 30.26 2.42 -30.53
N ALA B 381 29.01 2.82 -30.78
CA ALA B 381 28.65 3.56 -31.99
C ALA B 381 29.29 4.94 -32.01
N GLN B 382 29.16 5.67 -30.90
CA GLN B 382 29.74 7.02 -30.78
C GLN B 382 31.25 7.06 -30.95
N ARG B 383 31.98 6.24 -30.19
CA ARG B 383 33.46 6.20 -30.26
C ARG B 383 33.95 5.91 -31.67
N SER B 384 33.41 4.83 -32.25
CA SER B 384 33.84 4.36 -33.56
C SER B 384 33.47 5.32 -34.69
N LEU B 385 32.23 5.80 -34.70
CA LEU B 385 31.73 6.68 -35.76
C LEU B 385 32.26 8.12 -35.63
N SER B 386 32.53 8.56 -34.41
CA SER B 386 33.22 9.84 -34.18
C SER B 386 34.65 9.80 -34.73
N MET B 387 35.34 8.66 -34.58
CA MET B 387 36.67 8.48 -35.16
C MET B 387 36.66 8.49 -36.69
N ILE B 388 35.59 7.95 -37.29
CA ILE B 388 35.38 8.01 -38.74
C ILE B 388 35.08 9.44 -39.21
N ALA B 389 34.31 10.20 -38.41
CA ALA B 389 34.02 11.61 -38.72
C ALA B 389 35.27 12.50 -38.67
N LYS B 390 36.09 12.31 -37.63
CA LYS B 390 37.28 13.16 -37.40
C LYS B 390 38.50 12.72 -38.22
N ASN B 391 38.78 11.42 -38.27
CA ASN B 391 40.02 10.88 -38.88
C ASN B 391 39.86 10.36 -40.31
N CYS B 392 38.68 9.88 -40.69
CA CYS B 392 38.45 9.30 -42.02
C CYS B 392 37.56 10.18 -42.92
N GLU B 393 37.44 11.47 -42.59
CA GLU B 393 36.71 12.46 -43.40
C GLU B 393 35.20 12.17 -43.56
N GLY B 394 34.60 11.57 -42.54
CA GLY B 394 33.17 11.24 -42.55
C GLY B 394 32.77 10.23 -43.61
N LYS B 395 33.70 9.34 -43.97
CA LYS B 395 33.48 8.32 -44.99
C LYS B 395 33.87 6.97 -44.43
N VAL B 396 33.09 5.94 -44.73
CA VAL B 396 33.41 4.57 -44.33
C VAL B 396 34.82 4.26 -44.87
N PRO B 397 35.76 3.89 -43.99
CA PRO B 397 37.11 3.59 -44.46
C PRO B 397 37.20 2.37 -45.38
N GLN B 398 38.22 2.35 -46.24
CA GLN B 398 38.48 1.22 -47.14
C GLN B 398 39.22 0.13 -46.39
N PRO B 399 38.57 -1.01 -46.13
CA PRO B 399 39.24 -2.05 -45.34
C PRO B 399 40.27 -2.86 -46.15
N GLY B 400 41.42 -3.12 -45.53
CA GLY B 400 42.42 -4.02 -46.08
C GLY B 400 42.13 -5.46 -45.69
N ALA B 401 43.17 -6.22 -45.42
CA ALA B 401 43.04 -7.62 -44.97
C ALA B 401 42.46 -7.67 -43.55
N PHE B 402 41.64 -8.68 -43.30
CA PHE B 402 41.10 -8.92 -41.97
C PHE B 402 42.02 -9.86 -41.19
N SER B 403 42.35 -9.47 -39.97
CA SER B 403 43.11 -10.31 -39.05
C SER B 403 42.21 -11.41 -38.47
N GLU B 404 42.80 -12.29 -37.65
CA GLU B 404 42.04 -13.34 -36.96
C GLU B 404 41.06 -12.75 -35.93
N ALA B 405 41.42 -11.61 -35.33
CA ALA B 405 40.51 -10.88 -34.44
C ALA B 405 39.33 -10.27 -35.20
N ASP B 406 39.61 -9.68 -36.37
CA ASP B 406 38.57 -9.11 -37.24
C ASP B 406 37.55 -10.17 -37.67
N LYS B 407 38.04 -11.31 -38.15
CA LYS B 407 37.17 -12.42 -38.57
C LYS B 407 36.26 -12.95 -37.48
N ALA B 408 36.80 -13.06 -36.26
CA ALA B 408 36.08 -13.66 -35.13
C ALA B 408 34.83 -12.87 -34.76
N ILE B 409 34.98 -11.55 -34.61
CA ILE B 409 33.85 -10.67 -34.29
C ILE B 409 32.84 -10.55 -35.44
N LEU B 410 33.33 -10.52 -36.67
CA LEU B 410 32.47 -10.55 -37.87
C LEU B 410 31.66 -11.84 -37.97
N ASP B 411 32.32 -12.98 -37.78
CA ASP B 411 31.64 -14.29 -37.80
C ASP B 411 30.68 -14.49 -36.63
N GLN B 412 31.02 -13.96 -35.46
CA GLN B 412 30.14 -13.99 -34.28
C GLN B 412 28.85 -13.20 -34.51
N ALA B 413 28.96 -12.07 -35.22
CA ALA B 413 27.79 -11.26 -35.61
C ALA B 413 26.87 -12.01 -36.59
N ASP B 414 27.45 -12.65 -37.60
CA ASP B 414 26.68 -13.50 -38.54
C ASP B 414 25.99 -14.66 -37.83
N ALA B 415 26.70 -15.31 -36.92
CA ALA B 415 26.18 -16.45 -36.15
C ALA B 415 25.04 -16.05 -35.19
N ALA B 416 25.05 -14.81 -34.72
CA ALA B 416 23.99 -14.30 -33.83
C ALA B 416 22.61 -14.28 -34.49
N LEU B 417 22.58 -14.01 -35.80
CA LEU B 417 21.34 -14.06 -36.58
C LEU B 417 20.71 -15.47 -36.58
N GLU B 418 21.54 -16.50 -36.72
CA GLU B 418 21.06 -17.89 -36.74
C GLU B 418 20.60 -18.37 -35.38
N THR B 419 21.30 -17.97 -34.32
CA THR B 419 20.87 -18.22 -32.95
C THR B 419 19.57 -17.47 -32.64
N ALA B 420 19.48 -16.24 -33.13
CA ALA B 420 18.27 -15.41 -32.97
C ALA B 420 17.06 -16.01 -33.69
N ARG B 421 17.24 -16.45 -34.93
CA ARG B 421 16.18 -17.13 -35.69
C ARG B 421 15.63 -18.34 -34.96
N LYS B 422 16.54 -19.23 -34.52
CA LYS B 422 16.18 -20.47 -33.82
C LYS B 422 15.49 -20.20 -32.48
N ALA B 423 15.94 -19.16 -31.78
CA ALA B 423 15.33 -18.74 -30.52
C ALA B 423 13.90 -18.21 -30.70
N MET B 424 13.68 -17.39 -31.73
CA MET B 424 12.36 -16.82 -32.00
C MET B 424 11.31 -17.83 -32.47
N ASP B 425 11.75 -18.97 -33.01
CA ASP B 425 10.85 -20.10 -33.31
C ASP B 425 10.26 -20.70 -32.03
N ASP B 426 11.04 -20.70 -30.94
CA ASP B 426 10.59 -21.14 -29.61
C ASP B 426 10.16 -19.98 -28.69
N GLN B 427 9.87 -18.82 -29.28
CA GLN B 427 9.46 -17.61 -28.54
C GLN B 427 10.43 -17.18 -27.42
N ALA B 428 11.72 -17.48 -27.58
CA ALA B 428 12.74 -17.18 -26.58
C ALA B 428 13.40 -15.84 -26.90
N LEU B 429 12.68 -14.77 -26.61
CA LEU B 429 13.09 -13.40 -26.96
C LEU B 429 14.34 -12.95 -26.19
N HIS B 430 14.42 -13.34 -24.92
CA HIS B 430 15.60 -13.12 -24.10
C HIS B 430 16.87 -13.78 -24.64
N LEU B 431 16.74 -14.99 -25.18
CA LEU B 431 17.87 -15.69 -25.79
C LEU B 431 18.29 -15.05 -27.12
N ALA B 432 17.34 -14.47 -27.83
CA ALA B 432 17.63 -13.74 -29.07
C ALA B 432 18.41 -12.47 -28.75
N LEU B 433 17.87 -11.67 -27.84
CA LEU B 433 18.55 -10.44 -27.38
C LEU B 433 19.89 -10.72 -26.69
N GLY B 434 19.98 -11.82 -25.95
CA GLY B 434 21.22 -12.23 -25.30
C GLY B 434 22.34 -12.53 -26.27
N ALA B 435 22.01 -13.23 -27.34
CA ALA B 435 22.96 -13.52 -28.43
C ALA B 435 23.39 -12.26 -29.18
N ILE B 436 22.45 -11.35 -29.42
CA ILE B 436 22.73 -10.11 -30.17
C ILE B 436 23.61 -9.16 -29.35
N PHE B 437 23.34 -9.04 -28.06
CA PHE B 437 24.12 -8.16 -27.18
C PHE B 437 25.41 -8.79 -26.62
N ALA B 438 25.54 -10.11 -26.74
CA ALA B 438 26.85 -10.76 -26.54
C ALA B 438 27.86 -10.32 -27.60
N VAL B 439 27.38 -10.09 -28.84
CA VAL B 439 28.20 -9.55 -29.92
C VAL B 439 28.61 -8.10 -29.63
N VAL B 440 27.69 -7.31 -29.10
CA VAL B 440 27.96 -5.92 -28.74
C VAL B 440 29.06 -5.86 -27.67
N ALA B 441 28.91 -6.65 -26.62
CA ALA B 441 29.90 -6.74 -25.53
C ALA B 441 31.28 -7.16 -26.03
N GLU B 442 31.32 -8.15 -26.92
CA GLU B 442 32.57 -8.60 -27.55
C GLU B 442 33.19 -7.55 -28.46
N ALA B 443 32.34 -6.84 -29.21
CA ALA B 443 32.78 -5.77 -30.11
C ALA B 443 33.45 -4.60 -29.37
N ASN B 444 32.95 -4.29 -28.17
CA ASN B 444 33.59 -3.33 -27.27
C ASN B 444 34.99 -3.77 -26.86
N ARG B 445 35.12 -5.03 -26.47
CA ARG B 445 36.44 -5.63 -26.16
C ARG B 445 37.35 -5.68 -27.38
N TYR B 446 36.77 -5.96 -28.55
CA TYR B 446 37.51 -5.96 -29.82
C TYR B 446 38.07 -4.58 -30.10
N PHE B 447 37.21 -3.57 -30.13
CA PHE B 447 37.58 -2.17 -30.39
C PHE B 447 38.69 -1.69 -29.44
N ALA B 448 38.54 -2.01 -28.15
CA ALA B 448 39.52 -1.62 -27.12
C ALA B 448 40.88 -2.28 -27.32
N GLY B 449 40.87 -3.60 -27.55
CA GLY B 449 42.10 -4.36 -27.79
C GLY B 449 42.90 -3.93 -29.01
N GLN B 450 42.19 -3.53 -30.06
CA GLN B 450 42.84 -3.04 -31.29
C GLN B 450 43.49 -1.65 -31.16
N GLU B 451 43.02 -0.84 -30.21
CA GLU B 451 43.60 0.49 -29.91
C GLU B 451 43.70 1.44 -31.11
N PRO B 452 42.58 1.65 -31.85
CA PRO B 452 42.63 2.45 -33.09
C PRO B 452 43.20 3.88 -32.92
N TRP B 453 43.00 4.48 -31.75
CA TRP B 453 43.64 5.77 -31.38
C TRP B 453 45.16 5.74 -31.56
N ALA B 454 45.81 4.69 -31.07
CA ALA B 454 47.28 4.53 -31.21
C ALA B 454 47.69 4.26 -32.66
N LEU B 455 46.83 3.55 -33.40
CA LEU B 455 47.06 3.23 -34.81
C LEU B 455 46.93 4.43 -35.76
N ARG B 456 46.27 5.51 -35.32
CA ARG B 456 46.14 6.74 -36.15
C ARG B 456 47.49 7.30 -36.61
N LYS B 457 48.46 7.34 -35.70
CA LYS B 457 49.82 7.81 -36.01
C LYS B 457 50.68 6.69 -36.62
N THR B 458 50.62 5.48 -36.03
CA THR B 458 51.45 4.33 -36.48
C THR B 458 51.08 3.83 -37.87
N ASP B 459 49.79 3.55 -38.08
CA ASP B 459 49.32 2.83 -39.27
C ASP B 459 47.86 3.21 -39.60
N PRO B 460 47.67 4.36 -40.31
CA PRO B 460 46.32 4.83 -40.67
C PRO B 460 45.46 3.82 -41.45
N ALA B 461 46.08 3.05 -42.33
CA ALA B 461 45.35 2.04 -43.12
C ALA B 461 44.77 0.94 -42.24
N ARG B 462 45.55 0.48 -41.27
CA ARG B 462 45.08 -0.52 -40.30
C ARG B 462 44.00 0.05 -39.37
N MET B 463 44.13 1.33 -38.99
CA MET B 463 43.09 2.01 -38.23
C MET B 463 41.76 1.99 -39.01
N GLY B 464 41.83 2.27 -40.31
CA GLY B 464 40.66 2.20 -41.19
C GLY B 464 39.97 0.86 -41.20
N THR B 465 40.75 -0.21 -41.15
CA THR B 465 40.21 -1.58 -41.13
C THR B 465 39.48 -1.89 -39.82
N VAL B 466 40.05 -1.49 -38.69
CA VAL B 466 39.42 -1.71 -37.38
C VAL B 466 38.10 -0.93 -37.30
N LEU B 467 38.10 0.31 -37.78
CA LEU B 467 36.90 1.15 -37.82
C LEU B 467 35.84 0.63 -38.79
N TYR B 468 36.29 0.11 -39.94
CA TYR B 468 35.37 -0.57 -40.88
C TYR B 468 34.69 -1.76 -40.20
N VAL B 469 35.48 -2.62 -39.58
CA VAL B 469 34.99 -3.82 -38.89
C VAL B 469 33.98 -3.45 -37.80
N THR B 470 34.28 -2.41 -37.03
CA THR B 470 33.38 -1.95 -35.97
C THR B 470 32.05 -1.48 -36.54
N ALA B 471 32.10 -0.54 -37.49
CA ALA B 471 30.90 -0.07 -38.19
C ALA B 471 30.10 -1.22 -38.84
N GLU B 472 30.80 -2.19 -39.41
CA GLU B 472 30.17 -3.34 -40.07
C GLU B 472 29.43 -4.24 -39.07
N VAL B 473 30.04 -4.48 -37.90
CA VAL B 473 29.38 -5.22 -36.82
C VAL B 473 28.17 -4.44 -36.29
N LEU B 474 28.32 -3.12 -36.13
CA LEU B 474 27.20 -2.25 -35.74
C LEU B 474 26.05 -2.26 -36.74
N ARG B 475 26.35 -2.40 -38.03
CA ARG B 475 25.31 -2.55 -39.06
C ARG B 475 24.55 -3.84 -38.87
N ARG B 476 25.29 -4.93 -38.69
CA ARG B 476 24.70 -6.26 -38.53
C ARG B 476 23.86 -6.32 -37.26
N VAL B 477 24.38 -5.77 -36.17
CA VAL B 477 23.63 -5.63 -34.92
C VAL B 477 22.40 -4.74 -35.13
N GLY B 478 22.61 -3.62 -35.83
CA GLY B 478 21.54 -2.66 -36.11
C GLY B 478 20.34 -3.29 -36.78
N ILE B 479 20.61 -4.06 -37.83
CA ILE B 479 19.57 -4.84 -38.52
C ILE B 479 18.90 -5.84 -37.58
N MET B 480 19.69 -6.58 -36.82
CA MET B 480 19.17 -7.62 -35.92
C MET B 480 18.33 -7.13 -34.74
N VAL B 481 18.65 -5.94 -34.20
CA VAL B 481 17.89 -5.34 -33.07
C VAL B 481 16.61 -4.59 -33.48
N GLN B 482 16.40 -4.38 -34.79
CA GLN B 482 15.20 -3.68 -35.30
C GLN B 482 13.85 -4.10 -34.70
N PRO B 483 13.55 -5.41 -34.64
CA PRO B 483 12.24 -5.80 -34.10
C PRO B 483 12.03 -5.46 -32.62
N PHE B 484 13.11 -5.43 -31.86
CA PHE B 484 13.04 -5.21 -30.42
C PHE B 484 13.00 -3.72 -30.06
N ILE B 485 13.78 -2.91 -30.77
CA ILE B 485 13.94 -1.47 -30.49
C ILE B 485 13.96 -0.66 -31.80
N PRO B 486 12.81 -0.60 -32.51
CA PRO B 486 12.76 -0.13 -33.91
C PRO B 486 13.22 1.31 -34.19
N GLN B 487 12.77 2.26 -33.37
CA GLN B 487 13.13 3.67 -33.57
C GLN B 487 14.62 3.92 -33.36
N SER B 488 15.15 3.40 -32.25
CA SER B 488 16.58 3.49 -31.95
C SER B 488 17.44 2.74 -32.97
N ALA B 489 16.97 1.56 -33.38
CA ALA B 489 17.64 0.79 -34.44
C ALA B 489 17.69 1.55 -35.77
N GLU B 490 16.57 2.19 -36.12
CA GLU B 490 16.49 3.03 -37.32
C GLU B 490 17.52 4.18 -37.27
N LYS B 491 17.63 4.84 -36.12
CA LYS B 491 18.64 5.89 -35.89
C LYS B 491 20.08 5.40 -36.10
N LEU B 492 20.42 4.23 -35.55
CA LEU B 492 21.75 3.66 -35.71
C LEU B 492 22.07 3.37 -37.17
N LEU B 493 21.13 2.75 -37.87
CA LEU B 493 21.30 2.44 -39.29
C LEU B 493 21.32 3.70 -40.16
N ASP B 494 20.59 4.74 -39.75
CA ASP B 494 20.65 6.06 -40.44
C ASP B 494 22.06 6.67 -40.39
N ILE B 495 22.71 6.62 -39.22
CA ILE B 495 24.07 7.17 -39.07
C ILE B 495 25.18 6.26 -39.63
N LEU B 496 24.83 5.05 -40.05
CA LEU B 496 25.68 4.19 -40.88
C LEU B 496 25.38 4.33 -42.38
N ALA B 497 24.53 5.28 -42.76
CA ALA B 497 24.12 5.53 -44.16
C ALA B 497 23.56 4.29 -44.88
N VAL B 498 22.85 3.45 -44.14
CA VAL B 498 22.27 2.24 -44.72
C VAL B 498 20.94 2.61 -45.38
N PRO B 499 20.80 2.36 -46.70
CA PRO B 499 19.52 2.66 -47.36
C PRO B 499 18.31 1.93 -46.75
N ALA B 500 17.12 2.49 -46.93
CA ALA B 500 15.88 1.93 -46.37
C ALA B 500 15.55 0.53 -46.90
N ASP B 501 15.93 0.25 -48.15
CA ASP B 501 15.68 -1.07 -48.77
C ASP B 501 16.80 -2.11 -48.58
N LYS B 502 17.73 -1.85 -47.65
CA LYS B 502 18.78 -2.82 -47.28
C LYS B 502 18.76 -3.12 -45.77
N ARG B 503 17.56 -3.15 -45.18
CA ARG B 503 17.41 -3.38 -43.73
C ARG B 503 16.71 -4.70 -43.36
N GLN B 504 16.61 -5.63 -44.32
CA GLN B 504 16.12 -6.99 -44.04
C GLN B 504 17.24 -7.85 -43.44
N PHE B 505 16.88 -9.02 -42.92
CA PHE B 505 17.87 -9.96 -42.36
C PHE B 505 18.77 -10.56 -43.43
N ALA B 506 18.24 -10.74 -44.65
CA ALA B 506 19.04 -11.15 -45.80
C ALA B 506 20.23 -10.20 -46.08
N ASP B 507 20.06 -8.92 -45.78
CA ASP B 507 21.12 -7.92 -45.95
C ASP B 507 22.29 -8.01 -44.95
N VAL B 508 22.15 -8.81 -43.89
CA VAL B 508 23.22 -9.02 -42.91
C VAL B 508 24.41 -9.71 -43.56
N LEU B 509 24.15 -10.75 -44.36
CA LEU B 509 25.19 -11.46 -45.11
C LEU B 509 25.54 -10.82 -46.46
N ALA B 510 24.55 -10.22 -47.12
CA ALA B 510 24.67 -9.83 -48.54
C ALA B 510 24.98 -8.34 -48.83
N SER B 511 24.77 -7.44 -47.85
CA SER B 511 24.96 -6.00 -48.06
C SER B 511 25.90 -5.31 -47.06
N PRO B 512 27.17 -5.74 -47.00
CA PRO B 512 28.11 -5.05 -46.10
C PRO B 512 28.37 -3.59 -46.51
N LEU B 513 28.92 -2.80 -45.59
CA LEU B 513 29.23 -1.40 -45.86
C LEU B 513 30.29 -1.30 -46.97
N ALA B 514 30.04 -0.43 -47.94
CA ALA B 514 30.99 -0.17 -49.02
C ALA B 514 31.91 0.94 -48.56
N GLY B 515 33.23 0.70 -48.61
CA GLY B 515 34.22 1.73 -48.32
C GLY B 515 34.03 2.93 -49.24
N GLY B 516 34.25 4.13 -48.68
CA GLY B 516 34.07 5.39 -49.41
C GLY B 516 32.72 6.06 -49.22
N THR B 517 31.74 5.37 -48.61
CA THR B 517 30.38 5.91 -48.44
C THR B 517 30.35 7.02 -47.39
N ASP B 518 29.70 8.13 -47.72
CA ASP B 518 29.58 9.28 -46.81
C ASP B 518 28.59 8.99 -45.69
N LEU B 519 29.03 9.18 -44.44
CA LEU B 519 28.19 9.00 -43.25
C LEU B 519 27.83 10.37 -42.66
N PRO B 520 26.56 10.56 -42.26
CA PRO B 520 26.19 11.80 -41.56
C PRO B 520 26.81 11.89 -40.16
N ALA B 521 27.01 13.12 -39.69
CA ALA B 521 27.54 13.39 -38.35
C ALA B 521 26.86 12.51 -37.29
N PRO B 522 27.65 11.75 -36.50
CA PRO B 522 27.04 10.85 -35.51
C PRO B 522 26.43 11.58 -34.32
N GLN B 523 25.26 11.11 -33.87
CA GLN B 523 24.59 11.61 -32.67
C GLN B 523 24.28 10.43 -31.74
N PRO B 524 24.23 10.68 -30.41
CA PRO B 524 24.00 9.56 -29.48
C PRO B 524 22.60 8.97 -29.62
N VAL B 525 22.53 7.66 -29.86
CA VAL B 525 21.25 6.98 -30.09
C VAL B 525 20.56 6.70 -28.74
N PHE B 526 21.35 6.29 -27.74
CA PHE B 526 20.83 5.97 -26.42
C PHE B 526 21.42 6.91 -25.36
N PRO B 527 20.70 8.00 -25.03
CA PRO B 527 21.19 8.85 -23.96
C PRO B 527 21.10 8.14 -22.61
N ARG B 528 22.06 8.43 -21.74
CA ARG B 528 22.09 7.87 -20.39
C ARG B 528 20.90 8.41 -19.58
N TYR B 529 20.30 7.58 -18.74
CA TYR B 529 19.16 8.00 -17.91
C TYR B 529 19.58 9.06 -16.88
N VAL B 530 18.76 10.09 -16.72
CA VAL B 530 19.06 11.24 -15.83
C VAL B 530 17.82 11.66 -15.02
N GLU B 531 18.05 12.05 -13.75
CA GLU B 531 17.01 12.44 -12.79
C GLU B 531 16.02 11.30 -12.46
N MET C 22 -55.96 14.08 10.81
CA MET C 22 -55.09 14.51 9.67
C MET C 22 -54.21 15.75 9.96
N SER C 23 -54.31 16.34 11.16
CA SER C 23 -53.59 17.58 11.49
C SER C 23 -52.29 17.27 12.26
N ARG C 24 -51.16 17.39 11.56
CA ARG C 24 -49.92 16.72 11.99
C ARG C 24 -49.13 17.47 13.08
N GLU C 25 -48.56 16.71 14.00
CA GLU C 25 -47.78 17.24 15.12
C GLU C 25 -46.40 17.75 14.64
N LYS C 26 -45.96 18.87 15.22
CA LYS C 26 -44.75 19.57 14.75
C LYS C 26 -43.44 19.04 15.35
N TYR C 27 -42.38 19.06 14.55
CA TYR C 27 -41.06 18.54 14.94
C TYR C 27 -39.95 19.40 14.34
N TYR C 28 -39.27 20.15 15.19
CA TYR C 28 -38.16 21.01 14.76
C TYR C 28 -36.83 20.41 15.20
N ILE C 29 -35.93 20.23 14.25
CA ILE C 29 -34.62 19.63 14.48
C ILE C 29 -33.55 20.42 13.71
N THR C 30 -32.37 20.57 14.32
CA THR C 30 -31.30 21.40 13.79
C THR C 30 -29.95 20.68 13.82
N THR C 31 -29.03 21.14 12.99
CA THR C 31 -27.60 20.84 13.15
C THR C 31 -26.96 22.08 13.74
N ALA C 32 -25.79 21.90 14.35
CA ALA C 32 -24.93 23.04 14.67
C ALA C 32 -24.45 23.65 13.36
N ILE C 33 -24.29 24.96 13.36
CA ILE C 33 -23.89 25.69 12.15
C ILE C 33 -22.37 25.63 11.99
N ALA C 34 -21.93 25.37 10.76
CA ALA C 34 -20.52 25.14 10.45
C ALA C 34 -19.76 26.45 10.33
N TYR C 35 -18.47 26.41 10.68
CA TYR C 35 -17.58 27.55 10.49
C TYR C 35 -16.90 27.39 9.12
N PRO C 36 -17.26 28.24 8.13
CA PRO C 36 -16.71 28.08 6.78
C PRO C 36 -15.37 28.80 6.58
N ASN C 37 -14.42 28.59 7.52
CA ASN C 37 -13.07 29.19 7.43
C ASN C 37 -12.16 28.34 6.51
N GLY C 38 -12.34 27.02 6.54
CA GLY C 38 -11.75 26.11 5.55
C GLY C 38 -12.83 25.51 4.66
N LYS C 39 -12.52 24.37 4.07
CA LYS C 39 -13.46 23.59 3.26
C LYS C 39 -14.36 22.74 4.18
N PRO C 40 -15.33 22.00 3.58
CA PRO C 40 -16.05 20.99 4.37
C PRO C 40 -15.20 19.76 4.72
N HIS C 41 -15.04 19.52 6.01
CA HIS C 41 -14.48 18.28 6.58
C HIS C 41 -15.58 17.23 6.82
N ILE C 42 -15.17 15.99 7.09
CA ILE C 42 -16.11 14.88 7.31
C ILE C 42 -17.00 15.03 8.56
N GLY C 43 -16.49 15.72 9.59
CA GLY C 43 -17.26 16.01 10.81
C GLY C 43 -18.58 16.73 10.54
N HIS C 44 -18.53 17.68 9.60
CA HIS C 44 -19.73 18.41 9.16
C HIS C 44 -20.70 17.52 8.39
N ALA C 45 -20.15 16.66 7.53
CA ALA C 45 -20.94 15.69 6.75
C ALA C 45 -21.67 14.68 7.64
N TYR C 46 -20.94 14.14 8.62
CA TYR C 46 -21.49 13.20 9.60
C TYR C 46 -22.68 13.77 10.35
N GLU C 47 -22.52 15.00 10.85
CA GLU C 47 -23.60 15.69 11.57
C GLU C 47 -24.83 15.89 10.69
N LEU C 48 -24.61 16.32 9.46
CA LEU C 48 -25.72 16.62 8.54
C LEU C 48 -26.46 15.34 8.14
N ILE C 49 -25.71 14.27 7.84
CA ILE C 49 -26.29 12.97 7.49
C ILE C 49 -27.17 12.42 8.62
N ALA C 50 -26.64 12.41 9.84
CA ALA C 50 -27.36 11.92 11.01
C ALA C 50 -28.65 12.71 11.24
N THR C 51 -28.55 14.03 11.20
CA THR C 51 -29.69 14.91 11.45
C THR C 51 -30.71 14.86 10.32
N ASP C 52 -30.23 14.72 9.08
CA ASP C 52 -31.09 14.51 7.90
C ASP C 52 -31.92 13.23 8.03
N ALA C 53 -31.28 12.14 8.44
CA ALA C 53 -31.94 10.86 8.63
C ALA C 53 -33.02 10.92 9.70
N MET C 54 -32.72 11.59 10.81
CA MET C 54 -33.69 11.81 11.89
C MET C 54 -34.90 12.63 11.41
N ALA C 55 -34.63 13.71 10.66
CA ALA C 55 -35.69 14.57 10.12
C ALA C 55 -36.57 13.86 9.10
N ARG C 56 -35.94 13.08 8.21
CA ARG C 56 -36.67 12.22 7.26
C ARG C 56 -37.52 11.17 7.97
N PHE C 57 -36.95 10.56 9.02
CA PHE C 57 -37.65 9.55 9.82
C PHE C 57 -38.95 10.11 10.39
N GLN C 58 -38.89 11.30 10.99
CA GLN C 58 -40.09 11.94 11.54
C GLN C 58 -41.12 12.35 10.48
N ARG C 59 -40.68 12.75 9.29
CA ARG C 59 -41.61 13.02 8.17
C ARG C 59 -42.41 11.79 7.78
N LEU C 60 -41.71 10.66 7.67
CA LEU C 60 -42.32 9.37 7.33
C LEU C 60 -43.17 8.81 8.47
N ASN C 61 -42.84 9.19 9.70
CA ASN C 61 -43.61 8.84 10.89
C ASN C 61 -44.85 9.73 11.10
N GLY C 62 -45.12 10.66 10.19
CA GLY C 62 -46.35 11.46 10.19
C GLY C 62 -46.25 12.87 10.71
N MET C 63 -45.04 13.34 11.04
CA MET C 63 -44.85 14.65 11.68
C MET C 63 -44.73 15.79 10.67
N ASP C 64 -45.11 16.99 11.11
CA ASP C 64 -44.86 18.23 10.39
C ASP C 64 -43.43 18.67 10.77
N VAL C 65 -42.47 18.32 9.91
CA VAL C 65 -41.05 18.50 10.23
C VAL C 65 -40.50 19.81 9.69
N TYR C 66 -39.63 20.44 10.48
CA TYR C 66 -38.78 21.53 10.02
C TYR C 66 -37.34 21.18 10.40
N PHE C 67 -36.44 21.24 9.43
CA PHE C 67 -35.06 20.77 9.59
C PHE C 67 -34.12 21.88 9.09
N LEU C 68 -33.22 22.33 9.97
CA LEU C 68 -32.34 23.46 9.71
C LEU C 68 -30.86 23.06 9.76
N THR C 69 -30.08 23.69 8.88
CA THR C 69 -28.62 23.66 8.96
C THR C 69 -28.11 25.01 8.49
N GLY C 70 -26.81 25.27 8.65
CA GLY C 70 -26.25 26.50 8.13
C GLY C 70 -24.80 26.83 8.48
N THR C 71 -24.47 28.11 8.43
CA THR C 71 -23.10 28.59 8.61
C THR C 71 -22.94 29.78 9.57
N ASP C 72 -21.88 29.71 10.37
CA ASP C 72 -21.47 30.76 11.31
C ASP C 72 -20.35 31.54 10.64
N GLU C 73 -20.64 32.75 10.16
CA GLU C 73 -19.74 33.46 9.23
C GLU C 73 -18.97 34.66 9.80
N HIS C 74 -19.29 35.11 11.01
CA HIS C 74 -18.61 36.26 11.63
C HIS C 74 -17.35 35.83 12.37
N GLY C 75 -16.60 36.82 12.87
CA GLY C 75 -15.46 36.57 13.77
C GLY C 75 -14.12 37.07 13.25
N ILE C 76 -13.14 37.12 14.16
CA ILE C 76 -11.80 37.62 13.85
C ILE C 76 -11.04 36.74 12.85
N LYS C 77 -11.20 35.42 12.98
CA LYS C 77 -10.51 34.46 12.11
C LYS C 77 -10.96 34.58 10.66
N MET C 78 -12.23 34.95 10.45
CA MET C 78 -12.81 35.09 9.10
C MET C 78 -12.34 36.40 8.48
N LEU C 79 -12.32 37.47 9.26
CA LEU C 79 -11.76 38.77 8.85
C LEU C 79 -10.30 38.63 8.39
N GLN C 80 -9.51 37.87 9.15
CA GLN C 80 -8.08 37.68 8.86
C GLN C 80 -7.84 36.84 7.60
N SER C 81 -8.62 35.78 7.44
CA SER C 81 -8.62 35.01 6.19
C SER C 81 -8.99 35.85 4.97
N ALA C 82 -9.99 36.71 5.12
CA ALA C 82 -10.43 37.62 4.06
C ALA C 82 -9.36 38.64 3.70
N ARG C 83 -8.69 39.19 4.71
CA ARG C 83 -7.54 40.09 4.52
C ARG C 83 -6.40 39.41 3.76
N LYS C 84 -6.12 38.15 4.08
CA LYS C 84 -5.08 37.35 3.40
C LYS C 84 -5.33 37.16 1.89
N GLU C 85 -6.59 36.96 1.51
CA GLU C 85 -6.97 36.76 0.09
C GLU C 85 -7.34 38.06 -0.66
N GLY C 86 -7.47 39.17 0.05
CA GLY C 86 -7.70 40.48 -0.57
C GLY C 86 -9.13 40.71 -1.04
N ILE C 87 -10.09 40.20 -0.27
CA ILE C 87 -11.53 40.38 -0.52
C ILE C 87 -12.22 40.77 0.79
N THR C 88 -13.46 41.26 0.70
CA THR C 88 -14.22 41.61 1.93
C THR C 88 -14.62 40.32 2.65
N PRO C 89 -14.79 40.38 4.00
CA PRO C 89 -15.29 39.23 4.77
C PRO C 89 -16.59 38.62 4.24
N ARG C 90 -17.52 39.48 3.81
CA ARG C 90 -18.79 39.02 3.23
C ARG C 90 -18.58 38.26 1.91
N ASP C 91 -17.75 38.82 1.03
CA ASP C 91 -17.32 38.16 -0.22
C ASP C 91 -16.72 36.78 0.05
N LEU C 92 -15.83 36.70 1.04
CA LEU C 92 -15.22 35.43 1.47
C LEU C 92 -16.27 34.46 2.02
N ALA C 93 -17.13 34.98 2.90
CA ALA C 93 -18.22 34.21 3.48
C ALA C 93 -19.11 33.59 2.39
N ASP C 94 -19.45 34.37 1.37
CA ASP C 94 -20.21 33.89 0.20
C ASP C 94 -19.51 32.74 -0.50
N ARG C 95 -18.21 32.92 -0.78
CA ARG C 95 -17.42 31.94 -1.53
C ARG C 95 -17.26 30.61 -0.79
N ASN C 96 -16.94 30.67 0.50
CA ASN C 96 -16.70 29.45 1.28
C ASN C 96 -17.99 28.73 1.68
N THR C 97 -19.05 29.48 1.98
CA THR C 97 -20.35 28.89 2.31
C THR C 97 -20.99 28.13 1.14
N SER C 98 -20.71 28.55 -0.10
CA SER C 98 -21.22 27.82 -1.27
C SER C 98 -20.74 26.35 -1.34
N ALA C 99 -19.53 26.08 -0.83
CA ALA C 99 -19.03 24.69 -0.70
C ALA C 99 -19.83 23.88 0.32
N PHE C 100 -20.24 24.52 1.42
CA PHE C 100 -21.11 23.88 2.42
C PHE C 100 -22.55 23.68 1.94
N ARG C 101 -23.06 24.62 1.14
CA ARG C 101 -24.35 24.43 0.44
C ARG C 101 -24.28 23.27 -0.57
N ARG C 102 -23.16 23.17 -1.29
CA ARG C 102 -22.92 22.09 -2.26
C ARG C 102 -22.77 20.72 -1.57
N MET C 103 -22.19 20.71 -0.37
CA MET C 103 -22.08 19.49 0.46
C MET C 103 -23.46 18.98 0.87
N ALA C 104 -24.33 19.88 1.34
CA ALA C 104 -25.72 19.53 1.67
C ALA C 104 -26.47 18.90 0.50
N GLU C 105 -26.26 19.44 -0.70
CA GLU C 105 -26.86 18.91 -1.94
C GLU C 105 -26.33 17.52 -2.29
N VAL C 106 -25.00 17.35 -2.23
CA VAL C 106 -24.35 16.06 -2.53
C VAL C 106 -24.64 14.99 -1.46
N LEU C 107 -24.87 15.42 -0.22
CA LEU C 107 -25.27 14.50 0.85
C LEU C 107 -26.78 14.20 0.93
N ASN C 108 -27.55 14.78 0.01
CA ASN C 108 -29.01 14.59 -0.08
C ASN C 108 -29.72 15.06 1.18
N SER C 109 -29.37 16.27 1.62
CA SER C 109 -29.96 16.90 2.79
C SER C 109 -31.37 17.38 2.46
N SER C 110 -32.31 17.14 3.38
CA SER C 110 -33.71 17.55 3.22
C SER C 110 -34.04 18.79 4.05
N ASN C 111 -33.04 19.60 4.37
CA ASN C 111 -33.24 20.84 5.14
C ASN C 111 -34.23 21.77 4.44
N ASP C 112 -35.15 22.34 5.24
CA ASP C 112 -36.20 23.21 4.73
C ASP C 112 -35.72 24.66 4.62
N ASP C 113 -34.58 24.97 5.24
CA ASP C 113 -33.97 26.29 5.16
C ASP C 113 -32.46 26.18 5.38
N TYR C 114 -31.73 27.17 4.90
CA TYR C 114 -30.28 27.28 5.12
C TYR C 114 -30.03 28.65 5.74
N ILE C 115 -29.52 28.65 6.98
CA ILE C 115 -29.31 29.89 7.73
C ILE C 115 -27.84 30.31 7.61
N ARG C 116 -27.63 31.59 7.30
CA ARG C 116 -26.30 32.18 7.28
C ARG C 116 -26.31 33.37 8.23
N THR C 117 -25.31 33.47 9.10
CA THR C 117 -25.29 34.52 10.12
C THR C 117 -25.07 35.93 9.55
N SER C 118 -24.54 36.01 8.32
CA SER C 118 -24.39 37.31 7.62
C SER C 118 -25.70 37.94 7.13
N GLU C 119 -26.79 37.17 7.08
CA GLU C 119 -28.07 37.66 6.52
C GLU C 119 -28.75 38.68 7.44
N GLU C 120 -29.51 39.58 6.83
CA GLU C 120 -30.23 40.65 7.55
C GLU C 120 -31.18 40.12 8.63
N ARG C 121 -31.95 39.08 8.29
CA ARG C 121 -32.88 38.44 9.23
C ARG C 121 -32.20 37.97 10.53
N HIS C 122 -30.96 37.54 10.43
CA HIS C 122 -30.17 37.12 11.61
C HIS C 122 -29.67 38.30 12.44
N TYR C 123 -29.35 39.40 11.76
CA TYR C 123 -28.96 40.64 12.44
C TYR C 123 -30.10 41.17 13.30
N LYS C 124 -31.31 41.22 12.72
CA LYS C 124 -32.51 41.67 13.44
C LYS C 124 -32.86 40.75 14.62
N ALA C 125 -32.76 39.44 14.41
CA ALA C 125 -33.12 38.44 15.43
C ALA C 125 -32.14 38.42 16.60
N SER C 126 -30.85 38.48 16.29
CA SER C 126 -29.81 38.57 17.32
C SER C 126 -29.90 39.87 18.11
N GLN C 127 -30.19 40.97 17.43
CA GLN C 127 -30.40 42.26 18.10
C GLN C 127 -31.67 42.26 18.97
N ALA C 128 -32.73 41.61 18.49
CA ALA C 128 -33.97 41.45 19.26
C ALA C 128 -33.77 40.66 20.56
N ILE C 129 -33.17 39.48 20.47
CA ILE C 129 -32.93 38.66 21.68
C ILE C 129 -31.98 39.35 22.66
N TRP C 130 -31.01 40.11 22.15
CA TRP C 130 -30.13 40.94 22.97
C TRP C 130 -30.93 41.97 23.79
N GLN C 131 -31.91 42.62 23.14
CA GLN C 131 -32.75 43.63 23.82
C GLN C 131 -33.65 42.99 24.87
N ALA C 132 -34.17 41.81 24.56
CA ALA C 132 -35.00 41.03 25.50
C ALA C 132 -34.21 40.67 26.77
N MET C 133 -32.94 40.30 26.60
CA MET C 133 -32.06 40.02 27.74
C MET C 133 -31.67 41.30 28.52
N VAL C 134 -31.54 42.42 27.80
CA VAL C 134 -31.34 43.73 28.45
C VAL C 134 -32.60 44.12 29.25
N ALA C 135 -33.78 43.87 28.68
CA ALA C 135 -35.06 44.13 29.35
C ALA C 135 -35.26 43.29 30.63
N ASN C 136 -34.70 42.08 30.65
CA ASN C 136 -34.77 41.21 31.84
C ASN C 136 -33.69 41.52 32.91
N GLY C 137 -32.80 42.47 32.62
CA GLY C 137 -31.76 42.90 33.56
C GLY C 137 -30.49 42.05 33.58
N ASP C 138 -30.27 41.30 32.49
CA ASP C 138 -29.19 40.29 32.45
C ASP C 138 -27.95 40.68 31.63
N ILE C 139 -27.88 41.93 31.15
CA ILE C 139 -26.73 42.38 30.35
C ILE C 139 -26.20 43.72 30.89
N TYR C 140 -24.90 43.78 31.16
CA TYR C 140 -24.23 44.99 31.63
C TYR C 140 -22.89 45.20 30.93
N LYS C 141 -22.42 46.45 30.92
CA LYS C 141 -21.12 46.81 30.35
C LYS C 141 -20.05 46.78 31.44
N GLY C 142 -18.92 46.16 31.13
CA GLY C 142 -17.81 46.04 32.08
C GLY C 142 -16.51 45.70 31.37
N GLY C 143 -15.76 44.76 31.93
CA GLY C 143 -14.50 44.30 31.34
C GLY C 143 -14.03 42.98 31.92
N TYR C 144 -13.17 42.28 31.17
CA TYR C 144 -12.50 41.06 31.68
C TYR C 144 -11.01 41.35 31.76
N ALA C 145 -10.37 40.76 32.76
CA ALA C 145 -8.95 40.94 33.00
C ALA C 145 -8.35 39.62 33.51
N GLY C 146 -7.53 38.99 32.67
CA GLY C 146 -6.85 37.75 33.05
C GLY C 146 -5.69 37.40 32.14
N TRP C 147 -5.06 36.26 32.42
CA TRP C 147 -3.92 35.76 31.65
C TRP C 147 -4.45 34.88 30.52
N TYR C 148 -4.14 35.23 29.27
CA TYR C 148 -4.59 34.50 28.08
C TYR C 148 -3.38 33.94 27.34
N SER C 149 -3.50 32.71 26.86
CA SER C 149 -2.44 32.05 26.11
C SER C 149 -2.72 32.33 24.64
N VAL C 150 -1.72 32.87 23.94
CA VAL C 150 -1.84 33.12 22.51
C VAL C 150 -1.92 31.81 21.72
N ARG C 151 -1.31 30.74 22.24
CA ARG C 151 -1.30 29.43 21.56
C ARG C 151 -2.65 28.70 21.53
N ASP C 152 -3.35 28.65 22.68
CA ASP C 152 -4.65 27.93 22.83
C ASP C 152 -5.92 28.80 23.01
N GLU C 153 -5.76 30.06 23.41
CA GLU C 153 -6.89 30.94 23.78
C GLU C 153 -7.68 30.32 24.95
N ALA C 154 -6.94 29.89 25.97
CA ALA C 154 -7.46 29.22 27.15
C ALA C 154 -6.85 29.84 28.41
N TYR C 155 -7.66 30.00 29.44
CA TYR C 155 -7.32 30.84 30.60
C TYR C 155 -6.79 29.99 31.74
N GLN C 173 -0.80 23.64 29.50
CA GLN C 173 -0.38 22.97 28.28
C GLN C 173 1.10 23.21 27.91
N GLY C 174 1.86 23.83 28.82
CA GLY C 174 3.27 24.16 28.57
C GLY C 174 3.53 25.41 27.75
N THR C 175 2.47 26.18 27.47
CA THR C 175 2.57 27.44 26.76
C THR C 175 2.33 28.57 27.78
N PRO C 176 3.26 29.54 27.88
CA PRO C 176 2.99 30.67 28.77
C PRO C 176 1.85 31.59 28.30
N VAL C 177 1.58 32.62 29.09
CA VAL C 177 0.40 33.48 28.93
C VAL C 177 0.73 34.97 28.86
N GLU C 178 -0.21 35.75 28.34
CA GLU C 178 -0.09 37.20 28.16
C GLU C 178 -1.34 37.84 28.77
N TRP C 179 -1.13 38.93 29.53
CA TRP C 179 -2.21 39.58 30.26
C TRP C 179 -3.05 40.51 29.38
N VAL C 180 -4.18 39.98 28.90
CA VAL C 180 -5.13 40.71 28.05
C VAL C 180 -6.11 41.45 28.95
N GLU C 181 -6.49 42.67 28.56
CA GLU C 181 -7.51 43.45 29.25
C GLU C 181 -8.32 44.26 28.24
N GLU C 182 -9.65 44.13 28.29
CA GLU C 182 -10.49 44.91 27.41
C GLU C 182 -11.95 44.99 27.85
N GLU C 183 -12.61 46.00 27.30
CA GLU C 183 -14.00 46.32 27.62
C GLU C 183 -14.92 45.31 26.92
N SER C 184 -15.96 44.89 27.64
CA SER C 184 -16.88 43.87 27.15
C SER C 184 -18.24 43.92 27.83
N TYR C 185 -19.29 43.62 27.06
CA TYR C 185 -20.60 43.34 27.62
C TYR C 185 -20.61 41.93 28.18
N PHE C 186 -21.41 41.72 29.22
CA PHE C 186 -21.54 40.44 29.91
C PHE C 186 -23.00 40.02 30.01
N PHE C 187 -23.27 38.73 29.83
CA PHE C 187 -24.55 38.14 30.22
C PHE C 187 -24.42 37.62 31.65
N ARG C 188 -25.44 37.85 32.47
CA ARG C 188 -25.42 37.45 33.89
C ARG C 188 -25.69 35.95 34.04
N LEU C 189 -24.73 35.13 33.60
CA LEU C 189 -24.86 33.67 33.66
C LEU C 189 -24.86 33.18 35.11
N SER C 190 -24.15 33.88 35.99
CA SER C 190 -24.10 33.54 37.43
C SER C 190 -25.47 33.52 38.13
N ALA C 191 -26.45 34.22 37.57
CA ALA C 191 -27.83 34.19 38.07
C ALA C 191 -28.63 32.94 37.67
N TYR C 192 -28.13 32.11 36.75
CA TYR C 192 -28.90 30.98 36.20
C TYR C 192 -28.44 29.59 36.63
N GLN C 193 -27.54 29.52 37.62
CA GLN C 193 -27.04 28.24 38.14
C GLN C 193 -28.16 27.33 38.65
N ASP C 194 -28.93 27.84 39.61
CA ASP C 194 -30.03 27.11 40.23
C ASP C 194 -31.15 26.76 39.24
N LYS C 195 -31.45 27.68 38.31
CA LYS C 195 -32.44 27.42 37.27
C LYS C 195 -32.00 26.34 36.26
N LEU C 196 -30.71 26.33 35.92
CA LEU C 196 -30.18 25.27 35.04
C LEU C 196 -30.11 23.92 35.73
N LEU C 197 -29.73 23.90 37.01
CA LEU C 197 -29.80 22.66 37.80
C LEU C 197 -31.19 22.10 37.92
N ASP C 198 -32.18 23.00 38.08
CA ASP C 198 -33.60 22.61 38.06
C ASP C 198 -34.03 22.03 36.72
N LEU C 199 -33.53 22.63 35.63
CA LEU C 199 -33.77 22.11 34.28
C LEU C 199 -33.28 20.67 34.14
N TYR C 200 -32.07 20.40 34.61
CA TYR C 200 -31.46 19.07 34.47
C TYR C 200 -32.17 18.02 35.35
N GLU C 201 -32.56 18.41 36.56
CA GLU C 201 -33.33 17.51 37.45
C GLU C 201 -34.71 17.19 36.88
N ASN C 202 -35.42 18.19 36.36
CA ASN C 202 -36.79 18.04 35.84
C ASN C 202 -36.87 17.43 34.44
N ASN C 203 -35.83 17.64 33.63
CA ASN C 203 -35.71 17.02 32.30
CA ASN C 203 -35.71 17.03 32.31
C ASN C 203 -34.42 16.18 32.27
N PRO C 204 -34.53 14.86 32.56
CA PRO C 204 -33.35 13.98 32.46
C PRO C 204 -32.76 13.89 31.04
N GLY C 205 -33.60 14.05 30.02
CA GLY C 205 -33.17 13.97 28.63
C GLY C 205 -32.75 15.27 27.94
N PHE C 206 -32.65 16.38 28.69
CA PHE C 206 -32.28 17.69 28.10
C PHE C 206 -30.94 17.68 27.36
N ILE C 207 -29.96 16.99 27.93
CA ILE C 207 -28.62 16.91 27.34
C ILE C 207 -28.12 15.46 27.36
N MET C 208 -28.03 14.84 26.20
CA MET C 208 -27.64 13.44 26.06
C MET C 208 -26.43 13.33 25.11
N PRO C 209 -25.68 12.22 25.14
CA PRO C 209 -25.86 11.06 26.03
C PRO C 209 -25.48 11.28 27.49
N ALA C 210 -25.69 10.25 28.31
CA ALA C 210 -25.43 10.27 29.76
C ALA C 210 -24.09 10.89 30.16
N GLU C 211 -23.03 10.60 29.40
CA GLU C 211 -21.70 11.15 29.68
C GLU C 211 -21.63 12.67 29.51
N ARG C 212 -22.39 13.22 28.54
CA ARG C 212 -22.46 14.68 28.36
C ARG C 212 -23.16 15.33 29.54
N ARG C 213 -24.31 14.78 29.92
CA ARG C 213 -25.10 15.28 31.05
C ARG C 213 -24.25 15.47 32.31
N ASN C 214 -23.50 14.43 32.66
CA ASN C 214 -22.70 14.42 33.89
C ASN C 214 -21.63 15.51 33.89
N GLU C 215 -20.99 15.74 32.73
CA GLU C 215 -20.02 16.83 32.59
C GLU C 215 -20.68 18.20 32.72
N ILE C 216 -21.90 18.32 32.18
CA ILE C 216 -22.66 19.57 32.26
C ILE C 216 -23.14 19.85 33.70
N VAL C 217 -23.70 18.83 34.37
CA VAL C 217 -24.17 18.97 35.76
C VAL C 217 -23.00 19.27 36.71
N SER C 218 -21.89 18.55 36.56
CA SER C 218 -20.65 18.78 37.35
C SER C 218 -20.10 20.21 37.11
N PHE C 219 -20.19 20.70 35.88
CA PHE C 219 -19.72 22.06 35.54
C PHE C 219 -20.56 23.15 36.17
N VAL C 220 -21.88 23.03 36.06
CA VAL C 220 -22.81 24.02 36.60
C VAL C 220 -22.82 24.01 38.13
N LYS C 221 -22.73 22.82 38.74
CA LYS C 221 -22.59 22.68 40.20
C LYS C 221 -21.38 23.43 40.79
N SER C 222 -20.25 23.38 40.07
CA SER C 222 -19.01 24.03 40.52
CA SER C 222 -19.01 24.03 40.50
C SER C 222 -19.04 25.57 40.46
N GLY C 223 -20.10 26.14 39.88
CA GLY C 223 -20.33 27.59 39.90
C GLY C 223 -20.11 28.22 38.55
N LEU C 224 -21.00 29.16 38.19
CA LEU C 224 -20.97 29.85 36.91
C LEU C 224 -20.61 31.31 37.11
N LYS C 225 -19.63 31.79 36.35
CA LYS C 225 -19.26 33.21 36.33
C LYS C 225 -19.93 33.86 35.12
N ASP C 226 -20.11 35.18 35.18
CA ASP C 226 -20.77 35.94 34.10
C ASP C 226 -19.99 35.81 32.79
N LEU C 227 -20.72 35.82 31.67
CA LEU C 227 -20.16 35.45 30.36
C LEU C 227 -19.94 36.65 29.46
N SER C 228 -18.72 36.80 28.96
CA SER C 228 -18.38 37.83 27.96
C SER C 228 -19.11 37.56 26.66
N ILE C 229 -19.81 38.57 26.15
CA ILE C 229 -20.67 38.42 24.96
C ILE C 229 -20.44 39.46 23.86
N SER C 230 -19.40 40.29 23.99
CA SER C 230 -19.06 41.27 22.96
C SER C 230 -17.55 41.44 22.78
N ARG C 231 -17.16 41.90 21.59
CA ARG C 231 -15.78 42.25 21.28
C ARG C 231 -15.71 43.67 20.74
N THR C 232 -14.55 44.32 20.94
CA THR C 232 -14.25 45.63 20.35
C THR C 232 -13.16 45.54 19.27
N THR C 233 -12.62 44.33 19.03
CA THR C 233 -11.40 44.14 18.24
C THR C 233 -11.64 43.89 16.73
N PHE C 234 -12.90 43.88 16.31
CA PHE C 234 -13.26 43.72 14.90
C PHE C 234 -14.70 44.18 14.65
N ASP C 235 -14.97 44.71 13.46
CA ASP C 235 -16.33 45.15 13.09
C ASP C 235 -17.13 44.10 12.31
N TRP C 236 -16.48 43.01 11.88
CA TRP C 236 -17.15 41.92 11.17
C TRP C 236 -17.96 41.08 12.17
N GLY C 237 -19.13 41.61 12.49
CA GLY C 237 -20.02 41.00 13.47
C GLY C 237 -21.35 41.76 13.48
N ILE C 238 -22.25 41.34 14.36
CA ILE C 238 -23.52 42.03 14.55
C ILE C 238 -23.27 43.13 15.60
N PRO C 239 -23.54 44.40 15.25
CA PRO C 239 -23.36 45.48 16.24
C PRO C 239 -24.21 45.30 17.50
N VAL C 240 -23.67 45.73 18.63
CA VAL C 240 -24.41 45.75 19.90
C VAL C 240 -25.39 46.92 19.85
N PRO C 241 -26.69 46.67 20.14
CA PRO C 241 -27.65 47.78 20.11
C PRO C 241 -27.33 48.91 21.10
N GLY C 242 -27.23 50.13 20.58
CA GLY C 242 -26.90 51.30 21.39
C GLY C 242 -25.43 51.46 21.75
N ASP C 243 -24.56 50.70 21.09
CA ASP C 243 -23.12 50.76 21.37
C ASP C 243 -22.28 50.20 20.24
N GLU C 244 -22.14 51.10 19.27
CA GLU C 244 -21.54 50.85 17.92
C GLU C 244 -20.21 50.12 17.98
N LYS C 245 -19.39 50.56 18.93
CA LYS C 245 -18.01 50.10 19.02
C LYS C 245 -17.90 48.61 19.33
N HIS C 246 -18.93 48.04 19.97
CA HIS C 246 -18.96 46.61 20.28
C HIS C 246 -19.74 45.83 19.22
N VAL C 247 -19.25 44.63 18.90
CA VAL C 247 -20.00 43.66 18.10
C VAL C 247 -20.20 42.42 18.92
N MET C 248 -21.27 41.68 18.61
CA MET C 248 -21.61 40.46 19.36
C MET C 248 -20.57 39.38 19.11
N TYR C 249 -20.19 38.70 20.20
CA TYR C 249 -19.26 37.57 20.14
C TYR C 249 -20.07 36.33 19.74
N VAL C 250 -19.36 35.22 19.48
CA VAL C 250 -19.96 33.97 18.98
C VAL C 250 -21.23 33.46 19.70
N TRP C 251 -21.32 33.66 21.01
CA TRP C 251 -22.38 33.02 21.82
C TRP C 251 -23.80 33.43 21.41
N VAL C 252 -24.10 34.73 21.48
CA VAL C 252 -25.43 35.23 21.11
C VAL C 252 -25.65 35.14 19.59
N ASP C 253 -24.59 35.37 18.81
CA ASP C 253 -24.67 35.29 17.35
C ASP C 253 -25.05 33.89 16.87
N ALA C 254 -24.19 32.91 17.14
CA ALA C 254 -24.33 31.56 16.55
C ALA C 254 -25.57 30.83 17.04
N LEU C 255 -25.79 30.82 18.35
CA LEU C 255 -26.92 30.09 18.94
C LEU C 255 -28.30 30.63 18.55
N THR C 256 -28.39 31.93 18.28
CA THR C 256 -29.66 32.57 17.89
C THR C 256 -30.16 32.16 16.49
N ASN C 257 -29.28 31.54 15.69
CA ASN C 257 -29.67 30.99 14.38
C ASN C 257 -30.92 30.10 14.44
N TYR C 258 -31.06 29.33 15.52
CA TYR C 258 -32.17 28.38 15.69
C TYR C 258 -33.55 29.06 15.75
N ILE C 259 -33.61 30.30 16.25
CA ILE C 259 -34.86 31.07 16.29
C ILE C 259 -34.99 32.07 15.12
N THR C 260 -33.87 32.54 14.58
CA THR C 260 -33.84 33.33 13.34
C THR C 260 -34.58 32.63 12.19
N ALA C 261 -34.32 31.32 12.02
CA ALA C 261 -34.95 30.51 10.98
C ALA C 261 -36.48 30.43 11.06
N LEU C 262 -37.03 30.61 12.27
CA LEU C 262 -38.48 30.61 12.48
C LEU C 262 -39.12 32.00 12.42
N GLY C 263 -38.34 33.03 12.08
CA GLY C 263 -38.85 34.40 11.90
C GLY C 263 -38.85 35.28 13.15
N TYR C 264 -38.06 34.92 14.16
CA TYR C 264 -37.92 35.72 15.39
C TYR C 264 -37.35 37.11 15.03
N PRO C 265 -37.85 38.21 15.62
CA PRO C 265 -38.79 38.25 16.74
C PRO C 265 -40.29 38.30 16.39
N ASP C 266 -40.66 38.06 15.13
CA ASP C 266 -42.07 38.04 14.74
C ASP C 266 -42.69 36.70 15.17
N THR C 267 -43.40 36.71 16.29
CA THR C 267 -44.09 35.51 16.80
C THR C 267 -45.41 35.19 16.08
N THR C 268 -45.87 36.08 15.20
CA THR C 268 -47.04 35.81 14.34
C THR C 268 -46.68 34.98 13.10
N ASP C 269 -45.39 34.84 12.82
CA ASP C 269 -44.90 34.02 11.70
C ASP C 269 -45.39 32.58 11.81
N GLU C 270 -45.77 32.00 10.68
CA GLU C 270 -46.26 30.61 10.63
C GLU C 270 -45.26 29.60 11.16
N ARG C 271 -43.98 29.87 10.95
CA ARG C 271 -42.90 28.99 11.42
C ARG C 271 -42.59 29.08 12.91
N TRP C 272 -43.09 30.10 13.61
CA TRP C 272 -42.78 30.26 15.05
C TRP C 272 -43.37 29.14 15.92
N ALA C 273 -44.44 28.50 15.46
CA ALA C 273 -45.03 27.34 16.14
C ALA C 273 -44.06 26.16 16.28
N TYR C 274 -43.06 26.08 15.41
CA TYR C 274 -41.99 25.08 15.52
C TYR C 274 -41.12 25.21 16.77
N TRP C 275 -41.02 26.40 17.35
CA TRP C 275 -40.33 26.61 18.65
C TRP C 275 -41.23 26.13 19.80
N PRO C 276 -40.73 25.33 20.75
CA PRO C 276 -39.31 24.97 20.94
C PRO C 276 -38.79 23.81 20.08
N ALA C 277 -37.48 23.83 19.82
CA ALA C 277 -36.82 22.78 19.05
C ALA C 277 -36.92 21.45 19.78
N ASN C 278 -37.27 20.40 19.04
CA ASN C 278 -37.36 19.05 19.60
C ASN C 278 -35.97 18.45 19.82
N ALA C 279 -35.00 18.83 18.98
CA ALA C 279 -33.63 18.31 19.07
C ALA C 279 -32.61 19.25 18.43
N HIS C 280 -31.58 19.62 19.19
CA HIS C 280 -30.39 20.26 18.63
C HIS C 280 -29.30 19.20 18.54
N ILE C 281 -28.94 18.82 17.32
CA ILE C 281 -27.85 17.86 17.11
C ILE C 281 -26.56 18.65 16.95
N ILE C 282 -25.57 18.32 17.79
CA ILE C 282 -24.32 19.07 17.89
C ILE C 282 -23.14 18.13 18.07
N GLY C 283 -21.93 18.67 17.94
CA GLY C 283 -20.71 17.97 18.32
C GLY C 283 -20.46 18.06 19.82
N LYS C 284 -19.71 17.09 20.34
CA LYS C 284 -19.41 17.02 21.77
C LYS C 284 -18.58 18.21 22.30
N ASP C 285 -17.73 18.77 21.44
CA ASP C 285 -16.93 19.97 21.76
C ASP C 285 -17.73 21.23 22.11
N ILE C 286 -18.97 21.33 21.62
CA ILE C 286 -19.82 22.52 21.85
C ILE C 286 -21.03 22.21 22.74
N SER C 287 -20.91 21.14 23.54
CA SER C 287 -21.98 20.67 24.41
C SER C 287 -22.33 21.67 25.52
N ARG C 288 -21.30 22.27 26.13
CA ARG C 288 -21.48 23.31 27.15
C ARG C 288 -22.27 24.53 26.65
N PHE C 289 -22.05 24.92 25.40
CA PHE C 289 -22.64 26.15 24.86
C PHE C 289 -24.14 25.97 24.58
N HIS C 290 -24.56 24.76 24.22
CA HIS C 290 -25.97 24.47 23.95
C HIS C 290 -26.78 24.07 25.18
N ALA C 291 -26.12 23.56 26.21
CA ALA C 291 -26.80 23.10 27.44
C ALA C 291 -26.64 24.01 28.67
N VAL C 292 -25.82 25.06 28.57
CA VAL C 292 -25.62 26.02 29.66
C VAL C 292 -25.96 27.44 29.19
N TYR C 293 -25.20 27.94 28.23
CA TYR C 293 -25.36 29.33 27.76
C TYR C 293 -26.71 29.54 27.08
N TRP C 294 -27.02 28.64 26.15
CA TRP C 294 -28.23 28.73 25.34
C TRP C 294 -29.55 28.70 26.12
N PRO C 295 -29.74 27.72 27.05
CA PRO C 295 -30.95 27.78 27.88
C PRO C 295 -31.04 29.00 28.80
N ALA C 296 -29.90 29.47 29.30
CA ALA C 296 -29.86 30.69 30.13
C ALA C 296 -30.34 31.91 29.33
N PHE C 297 -29.87 32.04 28.09
CA PHE C 297 -30.30 33.11 27.18
C PHE C 297 -31.81 33.05 26.92
N LEU C 298 -32.31 31.85 26.62
CA LEU C 298 -33.73 31.64 26.34
C LEU C 298 -34.60 31.96 27.55
N MET C 299 -34.19 31.49 28.73
CA MET C 299 -34.85 31.82 30.00
C MET C 299 -34.91 33.34 30.20
N SER C 300 -33.79 34.02 29.99
CA SER C 300 -33.70 35.48 30.11
C SER C 300 -34.64 36.19 29.13
N ALA C 301 -34.66 35.72 27.88
CA ALA C 301 -35.53 36.30 26.84
C ALA C 301 -37.01 35.87 26.90
N GLN C 302 -37.41 35.14 27.95
CA GLN C 302 -38.80 34.70 28.17
C GLN C 302 -39.31 33.73 27.09
N LEU C 303 -38.43 32.83 26.64
CA LEU C 303 -38.75 31.84 25.61
C LEU C 303 -38.65 30.43 26.17
N PRO C 304 -39.47 29.48 25.67
CA PRO C 304 -39.31 28.08 26.09
C PRO C 304 -38.00 27.46 25.60
N LEU C 305 -37.60 26.38 26.26
CA LEU C 305 -36.32 25.74 26.04
C LEU C 305 -36.48 24.54 25.12
N PRO C 306 -35.40 24.16 24.40
CA PRO C 306 -35.48 22.98 23.55
C PRO C 306 -35.64 21.70 24.37
N LYS C 307 -36.30 20.70 23.79
CA LYS C 307 -36.62 19.46 24.50
C LYS C 307 -35.41 18.54 24.64
N ARG C 308 -34.51 18.56 23.66
CA ARG C 308 -33.24 17.81 23.75
C ARG C 308 -32.09 18.46 22.99
N VAL C 309 -30.89 18.32 23.55
CA VAL C 309 -29.64 18.57 22.85
C VAL C 309 -28.90 17.24 22.86
N PHE C 310 -28.61 16.70 21.68
CA PHE C 310 -27.82 15.47 21.57
C PHE C 310 -26.46 15.74 20.95
N ALA C 311 -25.40 15.32 21.64
CA ALA C 311 -24.04 15.48 21.16
C ALA C 311 -23.51 14.17 20.58
N HIS C 312 -23.04 14.20 19.34
CA HIS C 312 -22.37 13.05 18.72
C HIS C 312 -20.86 13.10 18.96
N GLY C 313 -20.20 11.97 18.72
CA GLY C 313 -18.74 11.87 18.83
C GLY C 313 -18.05 12.27 17.54
N PHE C 314 -16.71 12.17 17.54
CA PHE C 314 -15.90 12.50 16.36
C PHE C 314 -15.46 11.23 15.63
N LEU C 315 -15.14 11.40 14.34
CA LEU C 315 -14.69 10.30 13.48
C LEU C 315 -13.20 10.43 13.16
N PHE C 316 -12.45 9.36 13.41
CA PHE C 316 -11.01 9.30 13.11
C PHE C 316 -10.76 8.30 11.96
N ASN C 317 -9.58 8.32 11.37
CA ASN C 317 -9.18 7.30 10.36
C ASN C 317 -7.70 6.92 10.44
N ILE C 330 -8.89 13.09 3.62
CA ILE C 330 -9.87 12.93 2.56
C ILE C 330 -11.15 13.75 2.85
N ASP C 331 -11.55 14.56 1.88
CA ASP C 331 -12.79 15.35 2.01
C ASP C 331 -14.08 14.50 1.74
N PRO C 332 -15.21 14.89 2.36
CA PRO C 332 -16.48 14.18 2.19
C PRO C 332 -16.99 14.11 0.74
N PHE C 333 -16.55 15.01 -0.13
CA PHE C 333 -16.87 14.92 -1.56
C PHE C 333 -16.21 13.70 -2.22
N GLU C 334 -14.96 13.41 -1.84
CA GLU C 334 -14.22 12.27 -2.41
C GLU C 334 -14.68 10.91 -1.88
N LEU C 335 -15.10 10.87 -0.63
CA LEU C 335 -15.67 9.65 -0.03
C LEU C 335 -16.98 9.27 -0.72
N VAL C 336 -17.83 10.26 -0.95
CA VAL C 336 -19.12 10.06 -1.64
C VAL C 336 -18.94 9.60 -3.10
N GLU C 337 -17.95 10.16 -3.79
CA GLU C 337 -17.62 9.76 -5.18
C GLU C 337 -17.08 8.33 -5.29
N ARG C 338 -16.24 7.93 -4.33
CA ARG C 338 -15.60 6.60 -4.35
C ARG C 338 -16.57 5.49 -3.92
N TYR C 339 -17.13 5.62 -2.73
CA TYR C 339 -17.95 4.55 -2.11
C TYR C 339 -19.44 4.61 -2.48
N GLY C 340 -19.92 5.77 -2.93
CA GLY C 340 -21.35 6.01 -3.14
C GLY C 340 -21.97 6.67 -1.91
N LEU C 341 -22.97 7.51 -2.13
CA LEU C 341 -23.54 8.33 -1.05
C LEU C 341 -24.24 7.49 0.02
N ASP C 342 -25.21 6.68 -0.42
CA ASP C 342 -25.98 5.83 0.50
C ASP C 342 -25.10 4.81 1.23
N GLN C 343 -24.03 4.36 0.58
CA GLN C 343 -23.03 3.49 1.20
C GLN C 343 -22.34 4.18 2.39
N LEU C 344 -21.96 5.45 2.20
CA LEU C 344 -21.31 6.23 3.25
C LEU C 344 -22.30 6.55 4.37
N ARG C 345 -23.48 7.08 3.99
CA ARG C 345 -24.56 7.37 4.93
C ARG C 345 -24.84 6.19 5.85
N TYR C 346 -25.00 5.01 5.25
CA TYR C 346 -25.25 3.78 5.99
C TYR C 346 -24.13 3.45 6.96
N PHE C 347 -22.89 3.43 6.46
CA PHE C 347 -21.72 3.05 7.27
C PHE C 347 -21.57 3.92 8.52
N LEU C 348 -21.59 5.23 8.33
CA LEU C 348 -21.43 6.20 9.43
C LEU C 348 -22.50 6.05 10.51
N MET C 349 -23.75 5.83 10.09
CA MET C 349 -24.87 5.67 11.02
C MET C 349 -24.95 4.26 11.63
N ARG C 350 -24.46 3.24 10.93
CA ARG C 350 -24.53 1.85 11.41
C ARG C 350 -23.39 1.47 12.36
N GLU C 351 -22.15 1.72 11.92
CA GLU C 351 -20.98 1.19 12.60
C GLU C 351 -20.55 1.98 13.85
N VAL C 352 -20.79 3.28 13.85
CA VAL C 352 -20.49 4.14 14.98
C VAL C 352 -21.78 4.35 15.79
N PRO C 353 -21.82 3.86 17.06
CA PRO C 353 -22.98 4.17 17.89
C PRO C 353 -23.08 5.67 18.16
N PHE C 354 -24.23 6.26 17.79
CA PHE C 354 -24.40 7.72 17.78
C PHE C 354 -24.28 8.31 19.19
N GLY C 355 -23.30 9.18 19.38
CA GLY C 355 -22.91 9.67 20.70
C GLY C 355 -21.46 9.38 21.03
N GLN C 356 -20.99 8.19 20.62
CA GLN C 356 -19.61 7.76 20.87
C GLN C 356 -18.71 8.12 19.70
N ASP C 357 -17.40 8.17 19.98
CA ASP C 357 -16.41 8.32 18.92
C ASP C 357 -16.33 7.03 18.11
N GLY C 358 -15.87 7.15 16.87
CA GLY C 358 -15.75 6.00 15.98
C GLY C 358 -14.64 6.16 14.96
N SER C 359 -14.49 5.13 14.13
CA SER C 359 -13.48 5.11 13.09
C SER C 359 -14.07 4.71 11.74
N TYR C 360 -13.41 5.16 10.68
CA TYR C 360 -13.68 4.72 9.31
C TYR C 360 -12.35 4.44 8.61
N SER C 361 -12.36 3.42 7.77
CA SER C 361 -11.21 3.06 6.94
C SER C 361 -11.73 2.56 5.60
N HIS C 362 -10.87 2.57 4.59
CA HIS C 362 -11.21 2.01 3.28
C HIS C 362 -11.70 0.57 3.43
N GLU C 363 -10.95 -0.24 4.17
CA GLU C 363 -11.29 -1.65 4.43
C GLU C 363 -12.67 -1.82 5.09
N ALA C 364 -12.92 -1.03 6.14
CA ALA C 364 -14.18 -1.14 6.91
C ALA C 364 -15.42 -0.74 6.12
N ILE C 365 -15.32 0.35 5.34
CA ILE C 365 -16.45 0.82 4.51
C ILE C 365 -16.79 -0.20 3.42
N VAL C 366 -15.77 -0.69 2.72
CA VAL C 366 -15.95 -1.65 1.63
C VAL C 366 -16.60 -2.93 2.14
N ASN C 367 -16.01 -3.53 3.17
CA ASN C 367 -16.51 -4.79 3.77
C ASN C 367 -17.96 -4.72 4.24
N ARG C 368 -18.27 -3.71 5.05
CA ARG C 368 -19.59 -3.59 5.69
C ARG C 368 -20.70 -3.24 4.69
N THR C 369 -20.40 -2.37 3.72
CA THR C 369 -21.38 -2.01 2.69
C THR C 369 -21.63 -3.18 1.74
N ASN C 370 -20.55 -3.82 1.26
CA ASN C 370 -20.68 -5.03 0.44
C ASN C 370 -21.49 -6.12 1.15
N ALA C 371 -21.27 -6.29 2.45
CA ALA C 371 -21.96 -7.33 3.24
C ALA C 371 -23.43 -7.02 3.47
N ASP C 372 -23.72 -5.83 3.98
CA ASP C 372 -25.09 -5.45 4.37
C ASP C 372 -25.94 -4.92 3.22
N LEU C 373 -25.35 -4.10 2.36
CA LEU C 373 -26.10 -3.46 1.27
C LEU C 373 -26.07 -4.27 -0.03
N ALA C 374 -24.88 -4.55 -0.55
CA ALA C 374 -24.73 -5.25 -1.83
C ALA C 374 -25.17 -6.71 -1.76
N ASN C 375 -24.69 -7.44 -0.74
CA ASN C 375 -25.02 -8.86 -0.58
C ASN C 375 -26.38 -9.06 0.10
N ASP C 376 -26.50 -8.66 1.36
CA ASP C 376 -27.71 -8.96 2.14
C ASP C 376 -28.99 -8.36 1.55
N LEU C 377 -29.11 -7.04 1.51
CA LEU C 377 -30.32 -6.40 0.96
C LEU C 377 -30.40 -6.50 -0.56
N GLY C 378 -29.30 -6.12 -1.23
CA GLY C 378 -29.24 -6.07 -2.69
C GLY C 378 -29.52 -7.39 -3.40
N ASN C 379 -28.81 -8.45 -3.00
CA ASN C 379 -28.93 -9.77 -3.63
C ASN C 379 -30.26 -10.45 -3.24
N LEU C 380 -30.74 -10.23 -2.02
CA LEU C 380 -32.06 -10.74 -1.63
C LEU C 380 -33.16 -10.17 -2.52
N ALA C 381 -33.05 -8.89 -2.87
CA ALA C 381 -33.96 -8.26 -3.82
C ALA C 381 -33.81 -8.86 -5.22
N GLN C 382 -32.56 -8.97 -5.69
CA GLN C 382 -32.22 -9.55 -7.01
C GLN C 382 -32.73 -10.98 -7.22
N ARG C 383 -32.34 -11.88 -6.31
CA ARG C 383 -32.73 -13.29 -6.38
C ARG C 383 -34.24 -13.47 -6.39
N SER C 384 -34.92 -12.82 -5.44
CA SER C 384 -36.37 -12.97 -5.29
C SER C 384 -37.17 -12.33 -6.43
N LEU C 385 -36.80 -11.10 -6.81
CA LEU C 385 -37.52 -10.37 -7.86
C LEU C 385 -37.19 -10.88 -9.28
N SER C 386 -35.98 -11.41 -9.47
CA SER C 386 -35.63 -12.12 -10.71
C SER C 386 -36.46 -13.39 -10.89
N MET C 387 -36.70 -14.12 -9.80
CA MET C 387 -37.57 -15.30 -9.82
C MET C 387 -39.03 -14.93 -10.16
N ILE C 388 -39.49 -13.78 -9.68
CA ILE C 388 -40.81 -13.24 -10.04
C ILE C 388 -40.88 -12.83 -11.51
N ALA C 389 -39.80 -12.24 -12.03
CA ALA C 389 -39.73 -11.87 -13.45
C ALA C 389 -39.73 -13.08 -14.40
N LYS C 390 -38.97 -14.11 -14.04
CA LYS C 390 -38.81 -15.31 -14.88
C LYS C 390 -39.94 -16.33 -14.72
N ASN C 391 -40.34 -16.61 -13.47
CA ASN C 391 -41.30 -17.69 -13.17
C ASN C 391 -42.74 -17.24 -12.95
N CYS C 392 -42.95 -16.02 -12.48
CA CYS C 392 -44.29 -15.50 -12.19
C CYS C 392 -44.78 -14.42 -13.17
N GLU C 393 -44.16 -14.36 -14.36
CA GLU C 393 -44.54 -13.44 -15.45
C GLU C 393 -44.43 -11.93 -15.12
N GLY C 394 -43.47 -11.58 -14.27
CA GLY C 394 -43.27 -10.20 -13.85
C GLY C 394 -44.44 -9.60 -13.07
N LYS C 395 -45.19 -10.44 -12.36
CA LYS C 395 -46.32 -10.01 -11.55
C LYS C 395 -46.16 -10.54 -10.14
N VAL C 396 -46.51 -9.72 -9.14
CA VAL C 396 -46.49 -10.15 -7.73
C VAL C 396 -47.38 -11.41 -7.64
N PRO C 397 -46.81 -12.53 -7.15
CA PRO C 397 -47.62 -13.77 -7.05
C PRO C 397 -48.78 -13.66 -6.06
N GLN C 398 -49.82 -14.47 -6.31
CA GLN C 398 -51.00 -14.53 -5.44
C GLN C 398 -50.69 -15.46 -4.25
N PRO C 399 -50.56 -14.91 -3.01
CA PRO C 399 -50.16 -15.75 -1.88
C PRO C 399 -51.31 -16.59 -1.34
N GLY C 400 -51.02 -17.85 -1.03
CA GLY C 400 -51.96 -18.73 -0.33
C GLY C 400 -51.85 -18.55 1.17
N ALA C 401 -51.98 -19.65 1.91
CA ALA C 401 -51.83 -19.63 3.36
C ALA C 401 -50.37 -19.39 3.77
N PHE C 402 -50.18 -18.66 4.86
CA PHE C 402 -48.84 -18.44 5.41
C PHE C 402 -48.50 -19.51 6.42
N SER C 403 -47.32 -20.10 6.27
CA SER C 403 -46.78 -21.06 7.24
C SER C 403 -46.27 -20.34 8.49
N GLU C 404 -45.83 -21.11 9.47
CA GLU C 404 -45.24 -20.54 10.70
C GLU C 404 -43.93 -19.81 10.41
N ALA C 405 -43.19 -20.26 9.40
CA ALA C 405 -41.99 -19.56 8.93
C ALA C 405 -42.33 -18.21 8.26
N ASP C 406 -43.36 -18.22 7.42
CA ASP C 406 -43.85 -17.00 6.76
C ASP C 406 -44.29 -15.93 7.78
N LYS C 407 -45.10 -16.32 8.75
CA LYS C 407 -45.57 -15.42 9.82
C LYS C 407 -44.44 -14.77 10.62
N ALA C 408 -43.42 -15.57 10.95
CA ALA C 408 -42.31 -15.13 11.81
C ALA C 408 -41.52 -13.98 11.21
N ILE C 409 -41.12 -14.13 9.95
CA ILE C 409 -40.39 -13.08 9.22
C ILE C 409 -41.24 -11.84 8.95
N LEU C 410 -42.52 -12.05 8.63
CA LEU C 410 -43.47 -10.94 8.45
C LEU C 410 -43.69 -10.15 9.74
N ASP C 411 -43.90 -10.86 10.86
CA ASP C 411 -44.06 -10.21 12.17
C ASP C 411 -42.78 -9.53 12.67
N GLN C 412 -41.62 -10.12 12.38
CA GLN C 412 -40.32 -9.52 12.72
C GLN C 412 -40.09 -8.19 11.99
N ALA C 413 -40.54 -8.13 10.73
CA ALA C 413 -40.49 -6.88 9.93
C ALA C 413 -41.37 -5.79 10.52
N ASP C 414 -42.61 -6.13 10.89
CA ASP C 414 -43.53 -5.20 11.57
C ASP C 414 -42.95 -4.69 12.91
N ALA C 415 -42.38 -5.60 13.69
CA ALA C 415 -41.78 -5.27 14.99
C ALA C 415 -40.54 -4.38 14.88
N ALA C 416 -39.82 -4.47 13.76
CA ALA C 416 -38.64 -3.63 13.52
C ALA C 416 -38.97 -2.14 13.46
N LEU C 417 -40.14 -1.80 12.93
CA LEU C 417 -40.63 -0.42 12.90
C LEU C 417 -40.79 0.17 14.31
N GLU C 418 -41.33 -0.63 15.23
CA GLU C 418 -41.55 -0.18 16.61
C GLU C 418 -40.25 -0.04 17.40
N THR C 419 -39.32 -0.95 17.18
CA THR C 419 -37.96 -0.85 17.73
C THR C 419 -37.23 0.36 17.16
N ALA C 420 -37.40 0.59 15.85
CA ALA C 420 -36.82 1.74 15.17
C ALA C 420 -37.37 3.08 15.67
N ARG C 421 -38.70 3.16 15.85
CA ARG C 421 -39.34 4.37 16.41
C ARG C 421 -38.79 4.72 17.79
N LYS C 422 -38.75 3.72 18.68
CA LYS C 422 -38.27 3.90 20.05
C LYS C 422 -36.79 4.28 20.11
N ALA C 423 -36.00 3.68 19.22
CA ALA C 423 -34.57 4.02 19.11
C ALA C 423 -34.32 5.47 18.66
N MET C 424 -35.08 5.92 17.66
CA MET C 424 -34.93 7.28 17.13
C MET C 424 -35.37 8.40 18.09
N ASP C 425 -36.22 8.06 19.06
CA ASP C 425 -36.54 8.99 20.16
C ASP C 425 -35.33 9.27 21.05
N ASP C 426 -34.46 8.26 21.22
CA ASP C 426 -33.19 8.40 21.95
C ASP C 426 -31.97 8.63 21.03
N GLN C 427 -32.21 9.06 19.79
CA GLN C 427 -31.17 9.32 18.78
C GLN C 427 -30.22 8.13 18.53
N ALA C 428 -30.72 6.91 18.74
CA ALA C 428 -29.92 5.68 18.58
C ALA C 428 -30.08 5.13 17.15
N LEU C 429 -29.41 5.79 16.21
CA LEU C 429 -29.54 5.50 14.78
C LEU C 429 -28.99 4.10 14.42
N HIS C 430 -27.88 3.74 15.05
CA HIS C 430 -27.30 2.40 14.92
C HIS C 430 -28.23 1.28 15.39
N LEU C 431 -28.98 1.51 16.47
CA LEU C 431 -29.96 0.54 16.95
C LEU C 431 -31.18 0.43 16.03
N ALA C 432 -31.53 1.54 15.38
CA ALA C 432 -32.60 1.54 14.37
C ALA C 432 -32.20 0.72 13.16
N LEU C 433 -31.04 1.05 12.59
CA LEU C 433 -30.48 0.31 11.46
C LEU C 433 -30.17 -1.15 11.77
N GLY C 434 -29.72 -1.42 13.00
CA GLY C 434 -29.45 -2.79 13.45
C GLY C 434 -30.69 -3.67 13.47
N ALA C 435 -31.80 -3.12 13.95
CA ALA C 435 -33.10 -3.80 13.95
C ALA C 435 -33.64 -4.03 12.54
N ILE C 436 -33.47 -3.05 11.67
CA ILE C 436 -33.97 -3.13 10.28
C ILE C 436 -33.17 -4.17 9.47
N PHE C 437 -31.85 -4.19 9.65
CA PHE C 437 -30.98 -5.12 8.91
C PHE C 437 -30.86 -6.52 9.56
N ALA C 438 -31.30 -6.65 10.81
CA ALA C 438 -31.53 -7.97 11.40
C ALA C 438 -32.67 -8.72 10.68
N VAL C 439 -33.68 -7.97 10.23
CA VAL C 439 -34.78 -8.51 9.43
C VAL C 439 -34.27 -8.97 8.05
N VAL C 440 -33.38 -8.17 7.46
CA VAL C 440 -32.80 -8.48 6.14
C VAL C 440 -32.00 -9.79 6.23
N ALA C 441 -31.14 -9.88 7.25
CA ALA C 441 -30.34 -11.09 7.50
C ALA C 441 -31.20 -12.34 7.72
N GLU C 442 -32.28 -12.19 8.48
CA GLU C 442 -33.24 -13.29 8.72
C GLU C 442 -34.01 -13.67 7.46
N ALA C 443 -34.39 -12.66 6.67
CA ALA C 443 -35.11 -12.87 5.40
C ALA C 443 -34.28 -13.66 4.37
N ASN C 444 -32.97 -13.43 4.36
CA ASN C 444 -32.03 -14.23 3.56
C ASN C 444 -32.04 -15.71 3.99
N ARG C 445 -31.96 -15.95 5.30
CA ARG C 445 -32.08 -17.30 5.86
C ARG C 445 -33.44 -17.92 5.60
N TYR C 446 -34.49 -17.10 5.66
CA TYR C 446 -35.85 -17.55 5.33
C TYR C 446 -35.95 -18.01 3.88
N PHE C 447 -35.56 -17.13 2.96
CA PHE C 447 -35.59 -17.41 1.52
C PHE C 447 -34.79 -18.69 1.17
N ALA C 448 -33.61 -18.84 1.75
CA ALA C 448 -32.75 -20.01 1.53
C ALA C 448 -33.38 -21.31 2.04
N GLY C 449 -33.88 -21.27 3.28
CA GLY C 449 -34.53 -22.44 3.90
C GLY C 449 -35.77 -22.93 3.17
N GLN C 450 -36.54 -22.00 2.60
CA GLN C 450 -37.74 -22.35 1.82
C GLN C 450 -37.43 -22.98 0.46
N GLU C 451 -36.24 -22.71 -0.10
CA GLU C 451 -35.78 -23.35 -1.35
C GLU C 451 -36.74 -23.17 -2.55
N PRO C 452 -37.16 -21.91 -2.85
CA PRO C 452 -38.17 -21.66 -3.90
C PRO C 452 -37.84 -22.24 -5.28
N TRP C 453 -36.55 -22.30 -5.61
CA TRP C 453 -36.07 -22.97 -6.83
C TRP C 453 -36.56 -24.42 -6.94
N ALA C 454 -36.45 -25.18 -5.85
CA ALA C 454 -36.91 -26.58 -5.83
C ALA C 454 -38.44 -26.67 -5.89
N LEU C 455 -39.12 -25.68 -5.29
CA LEU C 455 -40.58 -25.61 -5.31
C LEU C 455 -41.19 -25.24 -6.67
N ARG C 456 -40.40 -24.68 -7.59
CA ARG C 456 -40.88 -24.34 -8.95
C ARG C 456 -41.48 -25.55 -9.71
N LYS C 457 -40.80 -26.70 -9.62
CA LYS C 457 -41.29 -27.95 -10.24
C LYS C 457 -42.29 -28.68 -9.33
N THR C 458 -41.97 -28.75 -8.04
CA THR C 458 -42.77 -29.45 -7.04
C THR C 458 -44.18 -28.82 -6.80
N ASP C 459 -44.18 -27.53 -6.49
CA ASP C 459 -45.38 -26.83 -6.01
C ASP C 459 -45.31 -25.34 -6.37
N PRO C 460 -45.69 -24.98 -7.62
CA PRO C 460 -45.65 -23.57 -8.07
C PRO C 460 -46.44 -22.58 -7.20
N ALA C 461 -47.58 -23.00 -6.67
CA ALA C 461 -48.40 -22.13 -5.81
C ALA C 461 -47.68 -21.77 -4.51
N ARG C 462 -47.02 -22.75 -3.90
CA ARG C 462 -46.22 -22.53 -2.69
C ARG C 462 -44.99 -21.67 -2.98
N MET C 463 -44.38 -21.86 -4.15
CA MET C 463 -43.28 -20.98 -4.60
C MET C 463 -43.74 -19.53 -4.65
N GLY C 464 -44.94 -19.30 -5.20
CA GLY C 464 -45.55 -17.97 -5.25
C GLY C 464 -45.70 -17.31 -3.89
N THR C 465 -46.06 -18.11 -2.89
CA THR C 465 -46.23 -17.61 -1.52
C THR C 465 -44.90 -17.19 -0.88
N VAL C 466 -43.85 -17.99 -1.07
CA VAL C 466 -42.53 -17.66 -0.55
C VAL C 466 -42.00 -16.38 -1.19
N LEU C 467 -42.19 -16.26 -2.51
CA LEU C 467 -41.78 -15.06 -3.25
C LEU C 467 -42.60 -13.83 -2.87
N TYR C 468 -43.90 -14.01 -2.65
CA TYR C 468 -44.75 -12.94 -2.12
C TYR C 468 -44.23 -12.43 -0.78
N VAL C 469 -44.00 -13.36 0.15
CA VAL C 469 -43.51 -13.04 1.49
C VAL C 469 -42.17 -12.30 1.44
N THR C 470 -41.27 -12.74 0.56
CA THR C 470 -39.97 -12.10 0.39
C THR C 470 -40.12 -10.66 -0.10
N ALA C 471 -40.84 -10.48 -1.21
CA ALA C 471 -41.15 -9.15 -1.74
C ALA C 471 -41.85 -8.24 -0.70
N GLU C 472 -42.76 -8.82 0.09
CA GLU C 472 -43.51 -8.08 1.11
C GLU C 472 -42.59 -7.60 2.25
N VAL C 473 -41.66 -8.45 2.67
CA VAL C 473 -40.66 -8.06 3.67
C VAL C 473 -39.73 -6.98 3.11
N LEU C 474 -39.32 -7.13 1.85
CA LEU C 474 -38.51 -6.13 1.15
C LEU C 474 -39.21 -4.77 1.03
N ARG C 475 -40.53 -4.79 0.87
CA ARG C 475 -41.33 -3.55 0.87
C ARG C 475 -41.28 -2.87 2.22
N ARG C 476 -41.50 -3.65 3.28
CA ARG C 476 -41.50 -3.16 4.64
C ARG C 476 -40.14 -2.61 5.03
N VAL C 477 -39.08 -3.35 4.69
CA VAL C 477 -37.70 -2.89 4.87
C VAL C 477 -37.45 -1.64 4.02
N GLY C 478 -37.90 -1.66 2.77
CA GLY C 478 -37.75 -0.54 1.84
C GLY C 478 -38.27 0.77 2.41
N ILE C 479 -39.49 0.74 2.93
CA ILE C 479 -40.10 1.89 3.60
C ILE C 479 -39.28 2.33 4.83
N MET C 480 -38.88 1.37 5.66
CA MET C 480 -38.14 1.66 6.90
C MET C 480 -36.73 2.22 6.71
N VAL C 481 -36.03 1.79 5.65
CA VAL C 481 -34.67 2.31 5.35
C VAL C 481 -34.62 3.66 4.62
N GLN C 482 -35.77 4.17 4.15
CA GLN C 482 -35.85 5.46 3.44
C GLN C 482 -35.09 6.63 4.06
N PRO C 483 -35.25 6.89 5.37
CA PRO C 483 -34.54 8.04 5.95
C PRO C 483 -33.01 7.92 5.93
N PHE C 484 -32.51 6.70 5.99
CA PHE C 484 -31.07 6.44 6.08
C PHE C 484 -30.41 6.42 4.71
N ILE C 485 -31.08 5.84 3.71
CA ILE C 485 -30.54 5.64 2.37
C ILE C 485 -31.61 5.94 1.29
N PRO C 486 -32.03 7.23 1.16
CA PRO C 486 -33.25 7.58 0.41
C PRO C 486 -33.30 7.24 -1.07
N GLN C 487 -32.22 7.50 -1.80
CA GLN C 487 -32.18 7.22 -3.25
C GLN C 487 -32.24 5.72 -3.53
N SER C 488 -31.40 4.96 -2.84
CA SER C 488 -31.39 3.50 -2.95
C SER C 488 -32.71 2.87 -2.49
N ALA C 489 -33.27 3.40 -1.40
CA ALA C 489 -34.59 2.96 -0.91
C ALA C 489 -35.70 3.23 -1.93
N GLU C 490 -35.66 4.41 -2.55
CA GLU C 490 -36.59 4.76 -3.62
C GLU C 490 -36.51 3.77 -4.81
N LYS C 491 -35.29 3.42 -5.21
CA LYS C 491 -35.06 2.40 -6.25
C LYS C 491 -35.67 1.03 -5.92
N LEU C 492 -35.46 0.56 -4.69
CA LEU C 492 -36.02 -0.72 -4.25
C LEU C 492 -37.55 -0.70 -4.29
N LEU C 493 -38.15 0.36 -3.76
CA LEU C 493 -39.60 0.50 -3.77
C LEU C 493 -40.17 0.70 -5.19
N ASP C 494 -39.40 1.34 -6.08
CA ASP C 494 -39.77 1.45 -7.51
C ASP C 494 -39.89 0.09 -8.20
N ILE C 495 -38.94 -0.81 -7.94
CA ILE C 495 -38.95 -2.17 -8.52
C ILE C 495 -39.92 -3.14 -7.84
N LEU C 496 -40.50 -2.72 -6.72
CA LEU C 496 -41.67 -3.39 -6.11
C LEU C 496 -43.01 -2.76 -6.54
N ALA C 497 -42.98 -1.82 -7.50
CA ALA C 497 -44.15 -1.11 -7.99
C ALA C 497 -45.00 -0.43 -6.90
N VAL C 498 -44.34 0.08 -5.87
CA VAL C 498 -45.02 0.76 -4.77
C VAL C 498 -45.28 2.21 -5.18
N PRO C 499 -46.56 2.65 -5.18
CA PRO C 499 -46.85 4.05 -5.55
C PRO C 499 -46.17 5.07 -4.62
N ALA C 500 -45.96 6.28 -5.14
CA ALA C 500 -45.28 7.35 -4.39
C ALA C 500 -46.01 7.76 -3.11
N ASP C 501 -47.34 7.67 -3.12
CA ASP C 501 -48.17 8.04 -1.95
C ASP C 501 -48.45 6.90 -0.97
N LYS C 502 -47.72 5.78 -1.09
CA LYS C 502 -47.82 4.65 -0.15
C LYS C 502 -46.45 4.33 0.48
N ARG C 503 -45.63 5.35 0.71
CA ARG C 503 -44.27 5.17 1.24
C ARG C 503 -44.06 5.75 2.65
N GLN C 504 -45.15 6.05 3.37
CA GLN C 504 -45.08 6.44 4.79
C GLN C 504 -44.94 5.20 5.68
N PHE C 505 -44.62 5.42 6.96
CA PHE C 505 -44.50 4.31 7.92
C PHE C 505 -45.85 3.66 8.23
N ALA C 506 -46.93 4.45 8.17
CA ALA C 506 -48.30 3.90 8.28
C ALA C 506 -48.60 2.83 7.22
N ASP C 507 -47.99 2.94 6.04
CA ASP C 507 -48.17 1.97 4.95
C ASP C 507 -47.49 0.61 5.17
N VAL C 508 -46.62 0.51 6.17
CA VAL C 508 -45.96 -0.76 6.52
C VAL C 508 -46.99 -1.80 6.98
N LEU C 509 -47.92 -1.39 7.83
CA LEU C 509 -49.02 -2.25 8.31
C LEU C 509 -50.23 -2.28 7.38
N ALA C 510 -50.52 -1.15 6.72
CA ALA C 510 -51.81 -0.95 6.02
C ALA C 510 -51.82 -1.16 4.49
N SER C 511 -50.65 -1.16 3.83
CA SER C 511 -50.58 -1.26 2.36
C SER C 511 -49.68 -2.39 1.84
N PRO C 512 -50.00 -3.66 2.18
CA PRO C 512 -49.18 -4.77 1.63
C PRO C 512 -49.32 -4.91 0.11
N LEU C 513 -48.38 -5.63 -0.50
CA LEU C 513 -48.39 -5.85 -1.95
C LEU C 513 -49.65 -6.63 -2.35
N ALA C 514 -50.33 -6.16 -3.40
CA ALA C 514 -51.49 -6.85 -3.94
C ALA C 514 -51.01 -7.84 -5.00
N GLY C 515 -51.38 -9.10 -4.84
CA GLY C 515 -51.10 -10.12 -5.87
C GLY C 515 -51.65 -9.71 -7.22
N GLY C 516 -50.91 -10.02 -8.28
CA GLY C 516 -51.28 -9.66 -9.65
C GLY C 516 -50.67 -8.38 -10.19
N THR C 517 -50.04 -7.57 -9.33
CA THR C 517 -49.47 -6.28 -9.72
C THR C 517 -48.21 -6.46 -10.57
N ASP C 518 -48.14 -5.72 -11.68
CA ASP C 518 -47.00 -5.79 -12.59
C ASP C 518 -45.79 -5.08 -12.00
N LEU C 519 -44.65 -5.78 -11.95
CA LEU C 519 -43.38 -5.22 -11.47
C LEU C 519 -42.44 -4.97 -12.66
N PRO C 520 -41.75 -3.81 -12.66
CA PRO C 520 -40.74 -3.58 -13.71
C PRO C 520 -39.51 -4.49 -13.55
N ALA C 521 -38.84 -4.77 -14.67
CA ALA C 521 -37.61 -5.59 -14.69
C ALA C 521 -36.65 -5.18 -13.56
N PRO C 522 -36.23 -6.15 -12.71
CA PRO C 522 -35.38 -5.79 -11.58
C PRO C 522 -33.95 -5.44 -12.00
N GLN C 523 -33.38 -4.42 -11.37
CA GLN C 523 -31.97 -4.07 -11.56
C GLN C 523 -31.30 -3.99 -10.18
N PRO C 524 -29.97 -4.25 -10.13
CA PRO C 524 -29.30 -4.22 -8.83
C PRO C 524 -29.26 -2.82 -8.21
N VAL C 525 -29.77 -2.71 -6.99
CA VAL C 525 -29.85 -1.43 -6.29
C VAL C 525 -28.50 -1.05 -5.70
N PHE C 526 -27.80 -2.04 -5.13
CA PHE C 526 -26.50 -1.86 -4.52
C PHE C 526 -25.42 -2.65 -5.25
N PRO C 527 -24.72 -2.01 -6.22
CA PRO C 527 -23.61 -2.71 -6.86
C PRO C 527 -22.47 -2.93 -5.89
N ARG C 528 -21.78 -4.06 -6.05
CA ARG C 528 -20.62 -4.40 -5.23
C ARG C 528 -19.50 -3.42 -5.53
N TYR C 529 -18.75 -3.03 -4.51
CA TYR C 529 -17.65 -2.09 -4.68
C TYR C 529 -16.58 -2.70 -5.58
N VAL C 530 -16.23 -1.96 -6.63
CA VAL C 530 -15.20 -2.32 -7.59
C VAL C 530 -14.03 -1.37 -7.40
N GLU C 531 -12.84 -1.84 -7.77
CA GLU C 531 -11.60 -1.05 -7.68
C GLU C 531 -11.68 0.30 -8.38
CAA 415 D . 32.27 -12.52 3.75
OAS 415 D . 32.13 -12.65 5.15
CAX 415 D . 30.86 -12.30 5.59
CAK 415 D . 29.92 -13.26 5.87
CAJ 415 D . 30.52 -10.91 5.72
CAU 415 D . 29.24 -10.55 6.14
CLC 415 D . 28.89 -8.89 6.30
CAI 415 D . 28.28 -11.55 6.43
CAV 415 D . 28.61 -12.88 6.30
CAO 415 D . 27.59 -13.97 6.61
NAP 415 D . 26.75 -14.18 5.44
CAM 415 D . 26.45 -15.52 5.16
CAL 415 D . 27.47 -16.13 4.09
CAN 415 D . 26.76 -16.88 2.92
NAQ 415 D . 26.65 -16.07 1.78
CAT 415 D . 27.51 -16.17 0.66
OAB 415 D . 28.45 -17.02 0.63
NAR 415 D . 27.28 -15.26 -0.46
CAW 415 D . 28.07 -15.22 -1.66
CAG 415 D . 28.33 -13.99 -2.21
CAE 415 D . 29.13 -13.88 -3.41
CAD 415 D . 29.65 -15.03 -4.02
CAF 415 D . 29.39 -16.29 -3.46
CAH 415 D . 28.60 -16.39 -2.29
C1 EDO E . 10.52 -18.40 9.27
O1 EDO E . 9.35 -18.88 8.58
C2 EDO E . 10.97 -19.40 10.31
O2 EDO E . 12.23 -18.98 10.86
C1 EDO F . 7.92 -11.66 -8.16
O1 EDO F . 8.75 -10.71 -7.48
C2 EDO F . 8.44 -13.07 -7.92
O2 EDO F . 8.28 -13.87 -9.09
C1 EDO G . 20.36 -16.23 32.83
O1 EDO G . 19.99 -14.86 32.63
C2 EDO G . 20.20 -17.00 31.51
O2 EDO G . 21.26 -16.64 30.62
C1 EDO H . 12.70 -4.95 -2.15
O1 EDO H . 12.63 -5.99 -1.17
C2 EDO H . 11.91 -5.37 -3.40
O2 EDO H . 12.42 -4.67 -4.54
CAA 415 I . -11.65 -17.49 -23.93
OAS 415 I . -12.00 -16.15 -23.55
CAX 415 I . -10.95 -15.22 -23.54
CAK 415 I . -10.65 -14.53 -22.39
CAJ 415 I . -10.20 -14.97 -24.74
CAU 415 I . -9.16 -14.04 -24.73
CLC 415 I . -8.31 -13.80 -26.20
CAI 415 I . -8.85 -13.33 -23.55
CAV 415 I . -9.58 -13.57 -22.39
CAO 415 I . -9.27 -12.82 -21.10
NAP 415 I . -9.99 -11.56 -21.02
CAM 415 I . -10.65 -11.34 -19.80
CAL 415 I . -12.00 -12.18 -19.67
CAN 415 I . -13.19 -11.35 -19.08
NAQ 415 I . -14.07 -10.97 -20.10
CAT 415 I . -15.34 -11.54 -20.31
OAB 415 I . -15.78 -12.47 -19.55
NAR 415 I . -16.14 -11.02 -21.43
CAW 415 I . -17.44 -11.51 -21.80
CAG 415 I . -17.73 -11.55 -23.13
CAE 415 I . -19.02 -12.02 -23.60
CAD 415 I . -19.97 -12.46 -22.67
CAF 415 I . -19.67 -12.43 -21.29
CAH 415 I . -18.40 -11.95 -20.85
C1 EDO J . -8.83 -3.25 -12.40
O1 EDO J . -8.54 -2.36 -11.32
C2 EDO J . -9.37 -2.46 -13.59
O2 EDO J . -8.84 -3.01 -14.80
C1 EDO K . 28.57 -17.56 -39.18
O1 EDO K . 29.66 -17.91 -38.34
C2 EDO K . 27.59 -18.73 -39.32
O2 EDO K . 26.29 -18.26 -39.66
C1 EDO L . 15.19 -24.64 -33.93
O1 EDO L . 14.41 -23.87 -34.85
C2 EDO L . 14.38 -24.90 -32.66
O2 EDO L . 15.27 -25.26 -31.58
CAA 415 M . -22.10 28.51 20.88
OAS 415 M . -21.80 29.01 19.59
CAX 415 M . -21.84 28.05 18.57
CAK 415 M . -20.68 27.56 18.05
CAJ 415 M . -23.11 27.59 18.10
CAU 415 M . -23.16 26.62 17.09
CLC 415 M . -24.69 26.10 16.54
CAI 415 M . -21.95 26.12 16.54
CAV 415 M . -20.72 26.57 17.00
CAO 415 M . -19.42 26.04 16.43
NAP 415 M . -18.70 27.13 15.80
CAM 415 M . -17.31 26.92 15.66
CAL 415 M . -16.50 28.04 16.46
CAN 415 M . -15.92 29.17 15.53
NAQ 415 M . -16.86 30.20 15.34
CAT 415 M . -16.66 31.54 15.79
OAB 415 M . -15.59 31.86 16.38
NAR 415 M . -17.72 32.50 15.51
CAW 415 M . -17.77 33.90 15.86
CAG 415 M . -18.95 34.57 15.59
CAE 415 M . -19.10 35.97 15.91
CAD 415 M . -18.05 36.66 16.51
CAF 415 M . -16.85 36.00 16.79
CAH 415 M . -16.70 34.63 16.47
C1 EDO N . -4.40 39.29 -2.20
O1 EDO N . -3.05 38.98 -1.88
C2 EDO N . -4.47 40.43 -3.22
O2 EDO N . -5.58 40.24 -4.10
#